data_2EDT
#
_entry.id   2EDT
#
_entity_poly.entity_id   1
_entity_poly.type   'polypeptide(L)'
_entity_poly.pdbx_seq_one_letter_code
;GSSGSSGPAKFTEGLRNEEAVEGATAMLWCELSKVAPVEWRKGPENLRDGDRYILRQEGTRCELQICGLAMADAGEYLCV
CGQERTSATLTIRALPSGPSSG
;
_entity_poly.pdbx_strand_id   A
#
# COMPACT_ATOMS: atom_id res chain seq x y z
N GLY A 1 -9.19 3.75 20.00
CA GLY A 1 -10.29 4.60 19.60
C GLY A 1 -10.87 5.39 20.76
N SER A 2 -10.00 5.97 21.57
CA SER A 2 -10.42 6.76 22.73
C SER A 2 -10.25 8.25 22.47
N SER A 3 -11.22 9.03 22.90
CA SER A 3 -11.18 10.49 22.72
C SER A 3 -11.25 10.84 21.24
N GLY A 4 -12.13 10.17 20.51
CA GLY A 4 -12.27 10.42 19.09
C GLY A 4 -13.73 10.50 18.66
N SER A 5 -14.09 9.68 17.67
CA SER A 5 -15.46 9.65 17.16
C SER A 5 -15.95 8.22 17.00
N SER A 6 -17.02 7.87 17.70
CA SER A 6 -17.58 6.53 17.63
C SER A 6 -17.87 6.14 16.17
N GLY A 7 -17.49 4.92 15.82
CA GLY A 7 -17.72 4.44 14.47
C GLY A 7 -16.43 4.09 13.75
N PRO A 8 -16.49 3.07 12.88
CA PRO A 8 -15.33 2.60 12.13
C PRO A 8 -14.89 3.60 11.06
N ALA A 9 -13.83 3.26 10.34
CA ALA A 9 -13.31 4.14 9.29
C ALA A 9 -13.76 3.66 7.91
N LYS A 10 -13.91 4.60 6.98
CA LYS A 10 -14.33 4.28 5.63
C LYS A 10 -13.40 4.91 4.60
N PHE A 11 -12.96 4.11 3.63
CA PHE A 11 -12.07 4.60 2.59
C PHE A 11 -12.76 5.62 1.71
N THR A 12 -12.23 6.84 1.69
CA THR A 12 -12.80 7.91 0.89
C THR A 12 -12.30 7.85 -0.54
N GLU A 13 -11.02 7.55 -0.72
CA GLU A 13 -10.43 7.45 -2.04
C GLU A 13 -10.12 5.99 -2.40
N GLY A 14 -9.52 5.27 -1.45
CA GLY A 14 -9.18 3.89 -1.69
C GLY A 14 -7.86 3.72 -2.43
N LEU A 15 -7.41 2.48 -2.56
CA LEU A 15 -6.16 2.20 -3.25
C LEU A 15 -6.31 2.41 -4.76
N ARG A 16 -5.19 2.35 -5.47
CA ARG A 16 -5.20 2.53 -6.92
C ARG A 16 -4.02 1.83 -7.56
N ASN A 17 -4.29 1.05 -8.60
CA ASN A 17 -3.24 0.32 -9.31
C ASN A 17 -2.12 1.25 -9.73
N GLU A 18 -0.91 0.71 -9.82
CA GLU A 18 0.26 1.50 -10.21
C GLU A 18 1.39 0.60 -10.68
N GLU A 19 2.49 1.21 -11.09
CA GLU A 19 3.66 0.46 -11.56
C GLU A 19 4.94 1.04 -10.97
N ALA A 20 6.04 0.33 -11.20
CA ALA A 20 7.34 0.77 -10.70
C ALA A 20 8.48 -0.03 -11.34
N VAL A 21 9.70 0.24 -10.90
CA VAL A 21 10.88 -0.45 -11.42
C VAL A 21 11.49 -1.37 -10.37
N GLU A 22 12.14 -2.44 -10.84
CA GLU A 22 12.77 -3.40 -9.94
C GLU A 22 13.85 -2.73 -9.10
N GLY A 23 13.81 -2.95 -7.79
CA GLY A 23 14.79 -2.36 -6.91
C GLY A 23 14.33 -1.04 -6.31
N ALA A 24 13.36 -0.41 -6.97
CA ALA A 24 12.82 0.86 -6.50
C ALA A 24 11.84 0.66 -5.35
N THR A 25 11.33 1.76 -4.82
CA THR A 25 10.38 1.71 -3.71
C THR A 25 9.00 2.18 -4.15
N ALA A 26 8.09 1.23 -4.34
CA ALA A 26 6.73 1.55 -4.75
C ALA A 26 6.10 2.59 -3.83
N MET A 27 4.96 3.12 -4.23
CA MET A 27 4.25 4.12 -3.44
C MET A 27 2.74 3.89 -3.48
N LEU A 28 2.20 3.43 -2.36
CA LEU A 28 0.77 3.17 -2.26
C LEU A 28 0.16 3.91 -1.08
N TRP A 29 -0.81 4.77 -1.34
CA TRP A 29 -1.48 5.53 -0.29
C TRP A 29 -2.99 5.39 -0.40
N CYS A 30 -3.68 5.65 0.70
CA CYS A 30 -5.14 5.55 0.74
C CYS A 30 -5.72 6.42 1.86
N GLU A 31 -6.75 7.19 1.51
CA GLU A 31 -7.39 8.07 2.48
C GLU A 31 -8.57 7.39 3.14
N LEU A 32 -8.97 7.89 4.31
CA LEU A 32 -10.09 7.33 5.04
C LEU A 32 -10.99 8.42 5.60
N SER A 33 -12.17 8.03 6.08
CA SER A 33 -13.12 8.98 6.64
C SER A 33 -12.66 9.49 8.00
N LYS A 34 -11.57 8.90 8.51
CA LYS A 34 -11.03 9.28 9.80
C LYS A 34 -9.71 8.56 10.06
N VAL A 35 -8.89 9.13 10.94
CA VAL A 35 -7.60 8.54 11.29
C VAL A 35 -7.79 7.22 12.02
N ALA A 36 -7.36 6.13 11.40
CA ALA A 36 -7.48 4.81 11.99
C ALA A 36 -6.32 3.91 11.57
N PRO A 37 -5.98 2.94 12.43
CA PRO A 37 -4.89 2.00 12.17
C PRO A 37 -5.22 1.02 11.04
N VAL A 38 -4.52 1.16 9.92
CA VAL A 38 -4.74 0.29 8.77
C VAL A 38 -3.77 -0.90 8.78
N GLU A 39 -4.02 -1.86 7.90
CA GLU A 39 -3.18 -3.05 7.81
C GLU A 39 -2.91 -3.41 6.36
N TRP A 40 -1.67 -3.23 5.93
CA TRP A 40 -1.28 -3.55 4.56
C TRP A 40 -0.97 -5.03 4.40
N ARG A 41 -1.51 -5.63 3.35
CA ARG A 41 -1.29 -7.06 3.09
C ARG A 41 -1.17 -7.33 1.59
N LYS A 42 -0.62 -8.48 1.25
CA LYS A 42 -0.45 -8.86 -0.15
C LYS A 42 -0.88 -10.30 -0.38
N GLY A 43 -2.18 -10.50 -0.59
CA GLY A 43 -2.69 -11.84 -0.81
C GLY A 43 -2.28 -12.82 0.27
N PRO A 44 -1.51 -13.85 -0.12
CA PRO A 44 -1.03 -14.88 0.82
C PRO A 44 0.01 -14.32 1.79
N GLU A 45 0.65 -13.23 1.40
CA GLU A 45 1.67 -12.61 2.24
C GLU A 45 1.05 -11.64 3.24
N ASN A 46 1.87 -11.08 4.11
CA ASN A 46 1.40 -10.14 5.13
C ASN A 46 2.43 -9.04 5.37
N LEU A 47 2.03 -7.79 5.11
CA LEU A 47 2.91 -6.65 5.30
C LEU A 47 2.58 -5.91 6.59
N ARG A 48 3.53 -5.11 7.07
CA ARG A 48 3.32 -4.35 8.29
C ARG A 48 4.47 -3.36 8.51
N ASP A 49 4.24 -2.39 9.39
CA ASP A 49 5.25 -1.38 9.68
C ASP A 49 6.54 -2.02 10.16
N GLY A 50 7.46 -2.26 9.24
CA GLY A 50 8.73 -2.88 9.59
C GLY A 50 9.92 -2.18 8.95
N ASP A 51 11.03 -2.90 8.84
CA ASP A 51 12.23 -2.33 8.23
C ASP A 51 12.07 -2.19 6.72
N ARG A 52 12.00 -3.32 6.03
CA ARG A 52 11.85 -3.32 4.59
C ARG A 52 10.57 -2.59 4.17
N TYR A 53 9.59 -2.58 5.06
CA TYR A 53 8.32 -1.91 4.78
C TYR A 53 8.22 -0.60 5.56
N ILE A 54 8.44 0.51 4.85
CA ILE A 54 8.38 1.83 5.46
C ILE A 54 6.95 2.37 5.45
N LEU A 55 6.23 2.15 6.55
CA LEU A 55 4.85 2.61 6.66
C LEU A 55 4.80 3.97 7.36
N ARG A 56 3.85 4.80 6.96
CA ARG A 56 3.68 6.13 7.55
C ARG A 56 2.21 6.53 7.57
N GLN A 57 1.84 7.37 8.52
CA GLN A 57 0.47 7.84 8.65
C GLN A 57 0.42 9.25 9.23
N GLU A 58 -0.03 10.20 8.42
CA GLU A 58 -0.13 11.59 8.86
C GLU A 58 -1.56 11.95 9.24
N GLY A 59 -2.43 10.94 9.27
CA GLY A 59 -3.82 11.17 9.61
C GLY A 59 -4.76 10.25 8.86
N THR A 60 -5.72 10.84 8.17
CA THR A 60 -6.70 10.08 7.40
C THR A 60 -6.05 9.45 6.17
N ARG A 61 -4.77 9.73 5.97
CA ARG A 61 -4.04 9.19 4.84
C ARG A 61 -2.89 8.29 5.30
N CYS A 62 -2.80 7.10 4.72
CA CYS A 62 -1.76 6.15 5.08
C CYS A 62 -0.83 5.89 3.88
N GLU A 63 0.46 6.17 4.07
CA GLU A 63 1.44 5.96 3.02
C GLU A 63 2.24 4.69 3.25
N LEU A 64 2.42 3.91 2.19
CA LEU A 64 3.16 2.66 2.27
C LEU A 64 4.33 2.65 1.28
N GLN A 65 5.53 2.34 1.79
CA GLN A 65 6.72 2.30 0.95
C GLN A 65 7.38 0.93 1.03
N ILE A 66 7.47 0.25 -0.11
CA ILE A 66 8.09 -1.07 -0.17
C ILE A 66 9.54 -0.98 -0.63
N CYS A 67 10.46 -1.01 0.32
CA CYS A 67 11.89 -0.93 0.01
C CYS A 67 12.39 -2.25 -0.57
N GLY A 68 12.83 -2.21 -1.83
CA GLY A 68 13.33 -3.41 -2.48
C GLY A 68 12.28 -4.09 -3.33
N LEU A 69 11.87 -3.41 -4.40
CA LEU A 69 10.85 -3.96 -5.30
C LEU A 69 11.44 -5.07 -6.18
N ALA A 70 10.57 -5.97 -6.63
CA ALA A 70 11.01 -7.08 -7.46
C ALA A 70 9.82 -7.71 -8.20
N MET A 71 10.11 -8.44 -9.26
CA MET A 71 9.07 -9.10 -10.05
C MET A 71 7.98 -9.66 -9.14
N ALA A 72 8.38 -10.13 -7.97
CA ALA A 72 7.44 -10.70 -7.01
C ALA A 72 6.44 -9.65 -6.54
N ASP A 73 6.94 -8.56 -5.98
CA ASP A 73 6.09 -7.48 -5.49
C ASP A 73 4.90 -7.27 -6.42
N ALA A 74 5.14 -7.38 -7.72
CA ALA A 74 4.10 -7.20 -8.73
C ALA A 74 2.95 -8.19 -8.49
N GLY A 75 1.80 -7.67 -8.11
CA GLY A 75 0.65 -8.52 -7.87
C GLY A 75 -0.58 -7.73 -7.45
N GLU A 76 -1.06 -7.98 -6.24
CA GLU A 76 -2.24 -7.30 -5.72
C GLU A 76 -2.08 -6.98 -4.23
N TYR A 77 -2.18 -5.70 -3.89
CA TYR A 77 -2.04 -5.28 -2.49
C TYR A 77 -3.39 -4.89 -1.92
N LEU A 78 -3.64 -5.30 -0.67
CA LEU A 78 -4.89 -5.00 0.00
C LEU A 78 -4.64 -4.22 1.29
N CYS A 79 -5.54 -3.30 1.61
CA CYS A 79 -5.41 -2.50 2.82
C CYS A 79 -6.68 -2.60 3.68
N VAL A 80 -6.55 -3.27 4.82
CA VAL A 80 -7.69 -3.44 5.73
C VAL A 80 -7.76 -2.30 6.73
N CYS A 81 -8.95 -1.73 6.90
CA CYS A 81 -9.16 -0.63 7.83
C CYS A 81 -10.55 -0.68 8.44
N GLY A 82 -10.63 -0.98 9.74
CA GLY A 82 -11.91 -1.06 10.41
C GLY A 82 -12.75 -2.23 9.92
N GLN A 83 -13.88 -1.92 9.31
CA GLN A 83 -14.77 -2.95 8.80
C GLN A 83 -14.76 -2.98 7.27
N GLU A 84 -13.92 -2.14 6.68
CA GLU A 84 -13.81 -2.08 5.23
C GLU A 84 -12.41 -2.47 4.77
N ARG A 85 -12.24 -2.63 3.45
CA ARG A 85 -10.96 -3.02 2.88
C ARG A 85 -10.96 -2.82 1.37
N THR A 86 -9.80 -2.46 0.83
CA THR A 86 -9.66 -2.25 -0.61
C THR A 86 -8.48 -3.03 -1.17
N SER A 87 -8.43 -3.15 -2.49
CA SER A 87 -7.35 -3.87 -3.16
C SER A 87 -6.86 -3.10 -4.39
N ALA A 88 -5.62 -3.36 -4.77
CA ALA A 88 -5.03 -2.70 -5.94
C ALA A 88 -4.12 -3.65 -6.70
N THR A 89 -3.60 -3.17 -7.84
CA THR A 89 -2.71 -3.98 -8.66
C THR A 89 -1.42 -3.22 -9.00
N LEU A 90 -0.30 -3.72 -8.49
CA LEU A 90 0.99 -3.09 -8.72
C LEU A 90 1.72 -3.77 -9.89
N THR A 91 2.53 -3.00 -10.60
CA THR A 91 3.29 -3.52 -11.73
C THR A 91 4.77 -3.22 -11.59
N ILE A 92 5.59 -4.24 -11.75
CA ILE A 92 7.04 -4.07 -11.65
C ILE A 92 7.69 -4.05 -13.02
N ARG A 93 8.78 -3.30 -13.14
CA ARG A 93 9.50 -3.19 -14.41
C ARG A 93 10.94 -3.67 -14.26
N ALA A 94 11.26 -4.75 -14.96
CA ALA A 94 12.61 -5.32 -14.91
C ALA A 94 13.67 -4.25 -15.17
N LEU A 95 14.61 -4.11 -14.23
CA LEU A 95 15.67 -3.13 -14.36
C LEU A 95 16.41 -3.29 -15.68
N PRO A 96 16.95 -2.18 -16.20
CA PRO A 96 17.70 -2.18 -17.45
C PRO A 96 19.04 -2.89 -17.35
N SER A 97 19.32 -3.43 -16.16
CA SER A 97 20.57 -4.15 -15.92
C SER A 97 20.96 -4.98 -17.14
N GLY A 98 21.92 -4.47 -17.90
CA GLY A 98 22.38 -5.17 -19.09
C GLY A 98 22.29 -4.32 -20.34
N PRO A 99 21.20 -4.47 -21.09
CA PRO A 99 20.98 -3.71 -22.33
C PRO A 99 20.72 -2.23 -22.07
N SER A 100 21.78 -1.43 -22.16
CA SER A 100 21.67 0.01 -21.93
C SER A 100 20.83 0.67 -23.02
N SER A 101 19.58 1.01 -22.68
CA SER A 101 18.68 1.63 -23.63
C SER A 101 17.44 2.18 -22.92
N GLY A 102 17.17 3.46 -23.11
CA GLY A 102 16.02 4.08 -22.48
C GLY A 102 16.13 5.60 -22.43
N GLY A 1 -32.53 0.80 18.22
CA GLY A 1 -31.39 1.06 17.37
C GLY A 1 -30.09 1.06 18.14
N SER A 2 -29.00 0.68 17.47
CA SER A 2 -27.69 0.65 18.10
C SER A 2 -27.06 2.04 18.12
N SER A 3 -26.52 2.42 19.28
CA SER A 3 -25.88 3.72 19.43
C SER A 3 -24.49 3.58 20.01
N GLY A 4 -23.73 4.68 19.99
CA GLY A 4 -22.37 4.65 20.51
C GLY A 4 -21.35 5.09 19.48
N SER A 5 -21.10 4.24 18.50
CA SER A 5 -20.13 4.54 17.45
C SER A 5 -20.81 5.16 16.23
N SER A 6 -20.60 6.45 16.02
CA SER A 6 -21.20 7.16 14.90
C SER A 6 -21.02 6.37 13.60
N GLY A 7 -19.81 5.87 13.39
CA GLY A 7 -19.53 5.10 12.19
C GLY A 7 -18.04 4.81 12.03
N PRO A 8 -17.72 3.64 11.45
CA PRO A 8 -16.34 3.22 11.23
C PRO A 8 -15.65 4.05 10.15
N ALA A 9 -14.37 3.77 9.92
CA ALA A 9 -13.59 4.49 8.92
C ALA A 9 -13.77 3.88 7.54
N LYS A 10 -14.35 4.65 6.62
CA LYS A 10 -14.57 4.19 5.25
C LYS A 10 -13.60 4.83 4.29
N PHE A 11 -13.09 4.04 3.35
CA PHE A 11 -12.14 4.53 2.36
C PHE A 11 -12.77 5.60 1.47
N THR A 12 -12.22 6.80 1.50
CA THR A 12 -12.74 7.91 0.70
C THR A 12 -12.15 7.89 -0.70
N GLU A 13 -10.87 7.54 -0.80
CA GLU A 13 -10.19 7.49 -2.09
C GLU A 13 -9.80 6.05 -2.44
N GLY A 14 -9.39 5.28 -1.42
CA GLY A 14 -9.00 3.91 -1.65
C GLY A 14 -7.69 3.79 -2.41
N LEU A 15 -7.18 2.57 -2.52
CA LEU A 15 -5.93 2.33 -3.23
C LEU A 15 -6.12 2.52 -4.74
N ARG A 16 -5.06 2.24 -5.50
CA ARG A 16 -5.10 2.38 -6.95
C ARG A 16 -3.89 1.72 -7.59
N ASN A 17 -4.13 0.93 -8.63
CA ASN A 17 -3.06 0.25 -9.34
C ASN A 17 -2.01 1.23 -9.83
N GLU A 18 -0.74 0.80 -9.84
CA GLU A 18 0.35 1.65 -10.29
C GLU A 18 1.50 0.80 -10.84
N GLU A 19 2.55 1.48 -11.29
CA GLU A 19 3.71 0.79 -11.86
C GLU A 19 4.94 1.03 -11.00
N ALA A 20 5.98 0.22 -11.22
CA ALA A 20 7.22 0.34 -10.46
C ALA A 20 8.37 -0.35 -11.19
N VAL A 21 9.57 -0.22 -10.63
CA VAL A 21 10.76 -0.84 -11.22
C VAL A 21 11.55 -1.63 -10.19
N GLU A 22 12.08 -2.76 -10.60
CA GLU A 22 12.86 -3.61 -9.70
C GLU A 22 13.83 -2.78 -8.88
N GLY A 23 13.81 -2.99 -7.57
CA GLY A 23 14.69 -2.25 -6.68
C GLY A 23 14.07 -0.96 -6.19
N ALA A 24 13.36 -0.28 -7.08
CA ALA A 24 12.71 0.99 -6.73
C ALA A 24 11.74 0.80 -5.56
N THR A 25 11.23 1.92 -5.04
CA THR A 25 10.30 1.87 -3.92
C THR A 25 8.89 2.25 -4.37
N ALA A 26 8.00 1.26 -4.39
CA ALA A 26 6.61 1.50 -4.78
C ALA A 26 5.97 2.57 -3.92
N MET A 27 4.86 3.13 -4.41
CA MET A 27 4.14 4.17 -3.69
C MET A 27 2.64 3.89 -3.69
N LEU A 28 2.11 3.52 -2.53
CA LEU A 28 0.69 3.23 -2.40
C LEU A 28 0.10 3.95 -1.20
N TRP A 29 -0.86 4.84 -1.46
CA TRP A 29 -1.50 5.61 -0.40
C TRP A 29 -3.02 5.43 -0.45
N CYS A 30 -3.68 5.65 0.68
CA CYS A 30 -5.13 5.52 0.76
C CYS A 30 -5.69 6.37 1.88
N GLU A 31 -6.81 7.05 1.61
CA GLU A 31 -7.45 7.91 2.60
C GLU A 31 -8.59 7.18 3.29
N LEU A 32 -9.05 7.73 4.41
CA LEU A 32 -10.14 7.14 5.18
C LEU A 32 -11.03 8.21 5.78
N SER A 33 -12.27 7.84 6.09
CA SER A 33 -13.23 8.78 6.67
C SER A 33 -12.69 9.37 7.97
N LYS A 34 -11.71 8.69 8.55
CA LYS A 34 -11.10 9.15 9.80
C LYS A 34 -9.74 8.50 10.00
N VAL A 35 -9.01 8.97 11.01
CA VAL A 35 -7.70 8.43 11.32
C VAL A 35 -7.80 7.14 12.13
N ALA A 36 -7.62 6.01 11.44
CA ALA A 36 -7.69 4.70 12.08
C ALA A 36 -6.51 3.83 11.67
N PRO A 37 -6.15 2.88 12.54
CA PRO A 37 -5.04 1.95 12.29
C PRO A 37 -5.35 0.96 11.18
N VAL A 38 -4.62 1.05 10.08
CA VAL A 38 -4.82 0.16 8.95
C VAL A 38 -3.78 -0.97 8.94
N GLU A 39 -4.03 -2.00 8.15
CA GLU A 39 -3.13 -3.14 8.05
C GLU A 39 -2.91 -3.54 6.60
N TRP A 40 -1.75 -3.18 6.06
CA TRP A 40 -1.42 -3.50 4.69
C TRP A 40 -1.11 -4.99 4.53
N ARG A 41 -1.66 -5.60 3.48
CA ARG A 41 -1.45 -7.02 3.22
C ARG A 41 -1.27 -7.28 1.73
N LYS A 42 -0.79 -8.46 1.40
CA LYS A 42 -0.57 -8.85 0.01
C LYS A 42 -1.10 -10.25 -0.26
N GLY A 43 -2.38 -10.33 -0.63
CA GLY A 43 -3.00 -11.61 -0.91
C GLY A 43 -2.70 -12.65 0.17
N PRO A 44 -2.01 -13.73 -0.21
CA PRO A 44 -1.65 -14.80 0.71
C PRO A 44 -0.61 -14.37 1.73
N GLU A 45 0.17 -13.36 1.38
CA GLU A 45 1.21 -12.84 2.29
C GLU A 45 0.64 -11.78 3.22
N ASN A 46 1.50 -11.24 4.07
CA ASN A 46 1.09 -10.21 5.02
C ASN A 46 2.17 -9.15 5.19
N LEU A 47 1.76 -7.89 5.27
CA LEU A 47 2.69 -6.78 5.43
C LEU A 47 2.41 -6.02 6.71
N ARG A 48 3.42 -5.29 7.20
CA ARG A 48 3.28 -4.51 8.41
C ARG A 48 4.39 -3.47 8.52
N ASP A 49 4.15 -2.44 9.32
CA ASP A 49 5.13 -1.37 9.52
C ASP A 49 6.44 -1.93 10.07
N GLY A 50 7.41 -2.13 9.19
CA GLY A 50 8.70 -2.66 9.61
C GLY A 50 9.86 -2.00 8.88
N ASP A 51 11.03 -2.63 8.96
CA ASP A 51 12.22 -2.11 8.30
C ASP A 51 12.04 -2.09 6.78
N ARG A 52 12.04 -3.27 6.18
CA ARG A 52 11.88 -3.39 4.74
C ARG A 52 10.60 -2.70 4.27
N TYR A 53 9.59 -2.71 5.14
CA TYR A 53 8.31 -2.09 4.82
C TYR A 53 8.18 -0.73 5.49
N ILE A 54 8.38 0.33 4.72
CA ILE A 54 8.28 1.69 5.24
C ILE A 54 6.83 2.18 5.22
N LEU A 55 6.15 2.00 6.35
CA LEU A 55 4.76 2.42 6.47
C LEU A 55 4.66 3.76 7.20
N ARG A 56 3.64 4.54 6.86
CA ARG A 56 3.43 5.84 7.49
C ARG A 56 1.97 6.24 7.44
N GLN A 57 1.52 6.95 8.48
CA GLN A 57 0.13 7.38 8.56
C GLN A 57 0.04 8.85 8.98
N GLU A 58 -0.13 9.73 8.00
CA GLU A 58 -0.23 11.15 8.27
C GLU A 58 -1.67 11.56 8.54
N GLY A 59 -2.40 10.70 9.24
CA GLY A 59 -3.80 10.99 9.55
C GLY A 59 -4.76 10.12 8.78
N THR A 60 -5.82 10.72 8.26
CA THR A 60 -6.81 9.99 7.49
C THR A 60 -6.19 9.29 6.29
N ARG A 61 -4.96 9.69 5.98
CA ARG A 61 -4.25 9.11 4.84
C ARG A 61 -3.07 8.25 5.31
N CYS A 62 -2.83 7.14 4.63
CA CYS A 62 -1.74 6.24 4.97
C CYS A 62 -0.83 6.00 3.78
N GLU A 63 0.46 6.21 3.98
CA GLU A 63 1.44 6.03 2.92
C GLU A 63 2.22 4.73 3.12
N LEU A 64 2.43 3.99 2.03
CA LEU A 64 3.16 2.73 2.09
C LEU A 64 4.33 2.74 1.12
N GLN A 65 5.49 2.31 1.59
CA GLN A 65 6.69 2.27 0.75
C GLN A 65 7.40 0.92 0.90
N ILE A 66 7.40 0.14 -0.17
CA ILE A 66 8.05 -1.17 -0.16
C ILE A 66 9.50 -1.06 -0.59
N CYS A 67 10.40 -0.97 0.39
CA CYS A 67 11.82 -0.86 0.10
C CYS A 67 12.36 -2.16 -0.47
N GLY A 68 12.88 -2.10 -1.70
CA GLY A 68 13.41 -3.28 -2.35
C GLY A 68 12.37 -4.01 -3.17
N LEU A 69 11.90 -3.38 -4.24
CA LEU A 69 10.90 -3.98 -5.10
C LEU A 69 11.47 -5.19 -5.85
N ALA A 70 10.59 -5.97 -6.46
CA ALA A 70 11.01 -7.14 -7.21
C ALA A 70 9.82 -7.78 -7.93
N MET A 71 10.11 -8.47 -9.03
CA MET A 71 9.07 -9.13 -9.81
C MET A 71 7.97 -9.69 -8.91
N ALA A 72 8.37 -10.18 -7.74
CA ALA A 72 7.42 -10.73 -6.78
C ALA A 72 6.45 -9.66 -6.28
N ASP A 73 7.00 -8.53 -5.86
CA ASP A 73 6.19 -7.43 -5.37
C ASP A 73 4.97 -7.20 -6.25
N ALA A 74 5.14 -7.44 -7.54
CA ALA A 74 4.05 -7.27 -8.50
C ALA A 74 2.91 -8.25 -8.23
N GLY A 75 1.77 -7.71 -7.81
CA GLY A 75 0.62 -8.55 -7.51
C GLY A 75 -0.61 -7.74 -7.14
N GLU A 76 -1.10 -7.95 -5.93
CA GLU A 76 -2.28 -7.23 -5.45
C GLU A 76 -2.12 -6.85 -3.98
N TYR A 77 -2.11 -5.55 -3.71
CA TYR A 77 -1.96 -5.05 -2.35
C TYR A 77 -3.32 -4.64 -1.78
N LEU A 78 -3.59 -5.09 -0.56
CA LEU A 78 -4.85 -4.77 0.11
C LEU A 78 -4.60 -3.98 1.40
N CYS A 79 -5.52 -3.08 1.72
CA CYS A 79 -5.40 -2.27 2.93
C CYS A 79 -6.64 -2.42 3.81
N VAL A 80 -6.50 -3.16 4.90
CA VAL A 80 -7.60 -3.38 5.83
C VAL A 80 -7.69 -2.26 6.85
N CYS A 81 -8.85 -1.61 6.92
CA CYS A 81 -9.05 -0.52 7.86
C CYS A 81 -10.08 -0.91 8.92
N GLY A 82 -10.14 -2.20 9.23
CA GLY A 82 -11.08 -2.68 10.23
C GLY A 82 -12.19 -3.51 9.62
N GLN A 83 -13.32 -2.87 9.36
CA GLN A 83 -14.47 -3.55 8.78
C GLN A 83 -14.42 -3.52 7.25
N GLU A 84 -13.76 -2.50 6.72
CA GLU A 84 -13.64 -2.34 5.27
C GLU A 84 -12.23 -2.67 4.81
N ARG A 85 -12.03 -2.74 3.50
CA ARG A 85 -10.72 -3.04 2.92
C ARG A 85 -10.73 -2.85 1.41
N THR A 86 -9.61 -2.41 0.87
CA THR A 86 -9.49 -2.18 -0.57
C THR A 86 -8.38 -3.04 -1.16
N SER A 87 -8.26 -3.01 -2.49
CA SER A 87 -7.25 -3.79 -3.19
C SER A 87 -6.79 -3.07 -4.45
N ALA A 88 -5.49 -3.15 -4.74
CA ALA A 88 -4.93 -2.51 -5.92
C ALA A 88 -4.03 -3.47 -6.68
N THR A 89 -3.56 -3.04 -7.85
CA THR A 89 -2.70 -3.86 -8.68
C THR A 89 -1.38 -3.15 -8.98
N LEU A 90 -0.28 -3.70 -8.49
CA LEU A 90 1.03 -3.11 -8.70
C LEU A 90 1.80 -3.86 -9.79
N THR A 91 2.48 -3.11 -10.66
CA THR A 91 3.25 -3.71 -11.74
C THR A 91 4.73 -3.37 -11.61
N ILE A 92 5.55 -4.41 -11.53
CA ILE A 92 7.00 -4.23 -11.39
C ILE A 92 7.67 -4.25 -12.76
N ARG A 93 8.63 -3.35 -12.97
CA ARG A 93 9.35 -3.28 -14.23
C ARG A 93 10.82 -3.62 -14.03
N ALA A 94 11.26 -4.68 -14.69
CA ALA A 94 12.65 -5.13 -14.58
C ALA A 94 13.62 -4.01 -14.97
N LEU A 95 14.63 -3.80 -14.15
CA LEU A 95 15.62 -2.75 -14.40
C LEU A 95 16.36 -3.01 -15.71
N PRO A 96 16.73 -1.93 -16.42
CA PRO A 96 17.45 -2.02 -17.68
C PRO A 96 18.87 -2.52 -17.51
N SER A 97 19.29 -2.70 -16.26
CA SER A 97 20.64 -3.17 -15.95
C SER A 97 21.07 -4.25 -16.95
N GLY A 98 22.07 -3.93 -17.76
CA GLY A 98 22.56 -4.88 -18.74
C GLY A 98 23.68 -4.31 -19.59
N PRO A 99 24.46 -5.20 -20.22
CA PRO A 99 25.58 -4.80 -21.07
C PRO A 99 25.12 -4.15 -22.38
N SER A 100 25.87 -3.14 -22.82
CA SER A 100 25.54 -2.42 -24.05
C SER A 100 25.52 -3.37 -25.24
N SER A 101 24.74 -3.02 -26.25
CA SER A 101 24.63 -3.83 -27.46
C SER A 101 25.99 -4.02 -28.12
N GLY A 102 26.44 -5.27 -28.19
CA GLY A 102 27.73 -5.57 -28.79
C GLY A 102 27.65 -6.73 -29.77
N GLY A 1 -16.44 19.70 22.67
CA GLY A 1 -16.83 19.66 21.27
C GLY A 1 -16.14 18.55 20.51
N SER A 2 -16.59 17.31 20.72
CA SER A 2 -16.01 16.16 20.05
C SER A 2 -16.58 16.00 18.64
N SER A 3 -15.71 16.16 17.64
CA SER A 3 -16.12 16.05 16.25
C SER A 3 -16.99 14.81 16.04
N GLY A 4 -16.45 13.65 16.44
CA GLY A 4 -17.19 12.41 16.29
C GLY A 4 -16.30 11.19 16.43
N SER A 5 -15.97 10.82 17.65
CA SER A 5 -15.11 9.67 17.91
C SER A 5 -15.94 8.40 18.04
N SER A 6 -16.96 8.28 17.19
CA SER A 6 -17.83 7.10 17.21
C SER A 6 -18.05 6.57 15.80
N GLY A 7 -17.65 5.33 15.56
CA GLY A 7 -17.81 4.73 14.26
C GLY A 7 -16.49 4.47 13.57
N PRO A 8 -16.43 3.38 12.78
CA PRO A 8 -15.21 2.99 12.06
C PRO A 8 -14.90 3.94 10.92
N ALA A 9 -13.81 3.67 10.20
CA ALA A 9 -13.39 4.51 9.08
C ALA A 9 -13.87 3.93 7.76
N LYS A 10 -14.05 4.78 6.77
CA LYS A 10 -14.50 4.35 5.44
C LYS A 10 -13.58 4.89 4.35
N PHE A 11 -13.13 4.00 3.48
CA PHE A 11 -12.25 4.39 2.38
C PHE A 11 -12.95 5.36 1.44
N THR A 12 -12.50 6.61 1.44
CA THR A 12 -13.08 7.64 0.59
C THR A 12 -12.51 7.57 -0.81
N GLU A 13 -11.21 7.29 -0.92
CA GLU A 13 -10.55 7.19 -2.22
C GLU A 13 -10.18 5.74 -2.53
N GLY A 14 -9.71 5.02 -1.51
CA GLY A 14 -9.34 3.63 -1.70
C GLY A 14 -8.04 3.48 -2.47
N LEU A 15 -7.51 2.26 -2.51
CA LEU A 15 -6.27 1.98 -3.21
C LEU A 15 -6.48 2.03 -4.72
N ARG A 16 -5.38 2.06 -5.46
CA ARG A 16 -5.44 2.09 -6.92
C ARG A 16 -4.24 1.37 -7.53
N ASN A 17 -4.22 1.29 -8.86
CA ASN A 17 -3.14 0.62 -9.57
C ASN A 17 -2.02 1.60 -9.91
N GLU A 18 -0.78 1.15 -9.75
CA GLU A 18 0.37 2.00 -10.05
C GLU A 18 1.50 1.18 -10.68
N GLU A 19 2.56 1.86 -11.09
CA GLU A 19 3.70 1.20 -11.72
C GLU A 19 4.97 1.40 -10.88
N ALA A 20 6.00 0.64 -11.21
CA ALA A 20 7.27 0.74 -10.49
C ALA A 20 8.37 -0.04 -11.21
N VAL A 21 9.60 0.13 -10.76
CA VAL A 21 10.74 -0.56 -11.36
C VAL A 21 11.45 -1.43 -10.33
N GLU A 22 12.11 -2.49 -10.81
CA GLU A 22 12.83 -3.40 -9.94
C GLU A 22 13.92 -2.67 -9.16
N GLY A 23 13.93 -2.84 -7.85
CA GLY A 23 14.93 -2.19 -7.01
C GLY A 23 14.40 -0.91 -6.38
N ALA A 24 13.38 -0.32 -7.00
CA ALA A 24 12.79 0.91 -6.50
C ALA A 24 11.83 0.63 -5.34
N THR A 25 11.23 1.68 -4.81
CA THR A 25 10.29 1.55 -3.69
C THR A 25 8.88 1.95 -4.12
N ALA A 26 8.00 0.96 -4.20
CA ALA A 26 6.62 1.22 -4.58
C ALA A 26 6.01 2.35 -3.76
N MET A 27 4.79 2.76 -4.12
CA MET A 27 4.12 3.83 -3.41
C MET A 27 2.60 3.62 -3.44
N LEU A 28 2.04 3.31 -2.28
CA LEU A 28 0.60 3.09 -2.17
C LEU A 28 0.00 3.91 -1.04
N TRP A 29 -0.91 4.81 -1.38
CA TRP A 29 -1.55 5.67 -0.38
C TRP A 29 -3.07 5.53 -0.44
N CYS A 30 -3.75 5.93 0.62
CA CYS A 30 -5.20 5.84 0.68
C CYS A 30 -5.75 6.74 1.78
N GLU A 31 -6.91 7.33 1.54
CA GLU A 31 -7.55 8.22 2.51
C GLU A 31 -8.68 7.50 3.23
N LEU A 32 -9.00 7.97 4.44
CA LEU A 32 -10.07 7.38 5.23
C LEU A 32 -10.93 8.46 5.88
N SER A 33 -12.22 8.18 6.03
CA SER A 33 -13.14 9.14 6.63
C SER A 33 -12.60 9.65 7.96
N LYS A 34 -11.64 8.91 8.53
CA LYS A 34 -11.05 9.28 9.80
C LYS A 34 -9.79 8.46 10.08
N VAL A 35 -8.73 9.14 10.51
CA VAL A 35 -7.47 8.47 10.81
C VAL A 35 -7.71 7.19 11.62
N ALA A 36 -7.17 6.08 11.13
CA ALA A 36 -7.32 4.80 11.79
C ALA A 36 -6.18 3.85 11.44
N PRO A 37 -5.91 2.89 12.33
CA PRO A 37 -4.84 1.90 12.13
C PRO A 37 -5.16 0.92 11.00
N VAL A 38 -4.47 1.07 9.88
CA VAL A 38 -4.68 0.20 8.72
C VAL A 38 -3.72 -0.99 8.76
N GLU A 39 -3.95 -1.96 7.88
CA GLU A 39 -3.12 -3.15 7.81
C GLU A 39 -2.92 -3.58 6.35
N TRP A 40 -1.71 -3.36 5.84
CA TRP A 40 -1.38 -3.72 4.47
C TRP A 40 -1.13 -5.22 4.35
N ARG A 41 -1.70 -5.84 3.32
CA ARG A 41 -1.53 -7.27 3.10
C ARG A 41 -1.38 -7.57 1.61
N LYS A 42 -0.75 -8.69 1.30
CA LYS A 42 -0.54 -9.10 -0.08
C LYS A 42 -0.98 -10.54 -0.30
N GLY A 43 -2.28 -10.74 -0.52
CA GLY A 43 -2.81 -12.07 -0.74
C GLY A 43 -2.41 -13.03 0.36
N PRO A 44 -1.68 -14.08 -0.01
CA PRO A 44 -1.21 -15.11 0.93
C PRO A 44 -0.15 -14.58 1.89
N GLU A 45 0.37 -13.39 1.60
CA GLU A 45 1.39 -12.78 2.43
C GLU A 45 0.76 -11.81 3.43
N ASN A 46 1.60 -11.21 4.28
CA ASN A 46 1.13 -10.26 5.28
C ASN A 46 2.15 -9.16 5.50
N LEU A 47 1.79 -7.94 5.10
CA LEU A 47 2.67 -6.79 5.27
C LEU A 47 2.45 -6.11 6.61
N ARG A 48 3.44 -5.34 7.06
CA ARG A 48 3.34 -4.64 8.32
C ARG A 48 4.46 -3.61 8.47
N ASP A 49 4.25 -2.61 9.32
CA ASP A 49 5.24 -1.57 9.54
C ASP A 49 6.54 -2.16 10.08
N GLY A 50 7.54 -2.28 9.19
CA GLY A 50 8.81 -2.83 9.60
C GLY A 50 9.98 -2.13 8.93
N ASP A 51 11.13 -2.79 8.91
CA ASP A 51 12.33 -2.22 8.30
C ASP A 51 12.19 -2.15 6.77
N ARG A 52 12.12 -3.31 6.14
CA ARG A 52 11.99 -3.37 4.69
C ARG A 52 10.72 -2.65 4.23
N TYR A 53 9.71 -2.65 5.08
CA TYR A 53 8.45 -2.00 4.75
C TYR A 53 8.30 -0.69 5.53
N ILE A 54 8.53 0.43 4.85
CA ILE A 54 8.42 1.74 5.47
C ILE A 54 6.98 2.25 5.43
N LEU A 55 6.25 2.03 6.51
CA LEU A 55 4.86 2.47 6.60
C LEU A 55 4.76 3.81 7.33
N ARG A 56 3.77 4.60 6.94
CA ARG A 56 3.56 5.91 7.57
C ARG A 56 2.08 6.28 7.57
N GLN A 57 1.72 7.24 8.41
CA GLN A 57 0.33 7.69 8.51
C GLN A 57 0.26 9.14 8.99
N GLU A 58 -0.17 10.03 8.12
CA GLU A 58 -0.29 11.45 8.46
C GLU A 58 -1.73 11.81 8.79
N GLY A 59 -2.46 10.87 9.40
CA GLY A 59 -3.85 11.11 9.73
C GLY A 59 -4.80 10.23 8.95
N THR A 60 -5.67 10.86 8.18
CA THR A 60 -6.64 10.13 7.37
C THR A 60 -5.99 9.53 6.12
N ARG A 61 -4.78 9.95 5.85
CA ARG A 61 -4.05 9.46 4.68
C ARG A 61 -2.88 8.59 5.11
N CYS A 62 -2.75 7.42 4.48
CA CYS A 62 -1.68 6.48 4.80
C CYS A 62 -0.69 6.38 3.64
N GLU A 63 0.56 6.07 3.97
CA GLU A 63 1.60 5.94 2.96
C GLU A 63 2.48 4.71 3.22
N LEU A 64 2.54 3.82 2.24
CA LEU A 64 3.34 2.61 2.36
C LEU A 64 4.48 2.60 1.35
N GLN A 65 5.68 2.28 1.81
CA GLN A 65 6.85 2.23 0.93
C GLN A 65 7.53 0.86 1.01
N ILE A 66 7.48 0.12 -0.09
CA ILE A 66 8.09 -1.20 -0.15
C ILE A 66 9.54 -1.11 -0.59
N CYS A 67 10.46 -1.16 0.37
CA CYS A 67 11.89 -1.09 0.09
C CYS A 67 12.37 -2.38 -0.58
N GLY A 68 12.92 -2.25 -1.78
CA GLY A 68 13.41 -3.41 -2.50
C GLY A 68 12.34 -4.06 -3.36
N LEU A 69 11.96 -3.39 -4.43
CA LEU A 69 10.94 -3.91 -5.34
C LEU A 69 11.50 -5.05 -6.20
N ALA A 70 10.62 -5.93 -6.64
CA ALA A 70 11.01 -7.06 -7.47
C ALA A 70 9.80 -7.67 -8.18
N MET A 71 10.07 -8.30 -9.32
CA MET A 71 9.00 -8.93 -10.10
C MET A 71 7.93 -9.52 -9.19
N ALA A 72 8.36 -10.11 -8.08
CA ALA A 72 7.44 -10.71 -7.12
C ALA A 72 6.51 -9.65 -6.53
N ASP A 73 7.08 -8.53 -6.11
CA ASP A 73 6.30 -7.44 -5.53
C ASP A 73 5.04 -7.18 -6.33
N ALA A 74 5.16 -7.27 -7.65
CA ALA A 74 4.03 -7.04 -8.55
C ALA A 74 2.94 -8.08 -8.31
N GLY A 75 1.79 -7.62 -7.81
CA GLY A 75 0.68 -8.51 -7.56
C GLY A 75 -0.59 -7.78 -7.19
N GLU A 76 -1.17 -8.12 -6.04
CA GLU A 76 -2.39 -7.48 -5.58
C GLU A 76 -2.31 -7.13 -4.10
N TYR A 77 -2.13 -5.85 -3.80
CA TYR A 77 -2.03 -5.38 -2.43
C TYR A 77 -3.40 -4.99 -1.88
N LEU A 78 -3.58 -5.18 -0.58
CA LEU A 78 -4.85 -4.85 0.07
C LEU A 78 -4.61 -4.01 1.32
N CYS A 79 -5.49 -3.05 1.56
CA CYS A 79 -5.38 -2.18 2.73
C CYS A 79 -6.62 -2.29 3.61
N VAL A 80 -6.49 -3.00 4.72
CA VAL A 80 -7.60 -3.19 5.65
C VAL A 80 -7.62 -2.08 6.71
N CYS A 81 -8.79 -1.52 6.94
CA CYS A 81 -8.95 -0.46 7.92
C CYS A 81 -9.89 -0.89 9.05
N GLY A 82 -10.11 -2.20 9.15
CA GLY A 82 -10.99 -2.72 10.20
C GLY A 82 -12.21 -3.41 9.62
N GLN A 83 -13.27 -2.65 9.37
CA GLN A 83 -14.49 -3.19 8.83
C GLN A 83 -14.47 -3.17 7.30
N GLU A 84 -13.70 -2.24 6.74
CA GLU A 84 -13.59 -2.11 5.29
C GLU A 84 -12.16 -2.34 4.83
N ARG A 85 -12.01 -2.78 3.58
CA ARG A 85 -10.69 -3.03 3.02
C ARG A 85 -10.71 -2.92 1.49
N THR A 86 -9.65 -2.36 0.94
CA THR A 86 -9.54 -2.18 -0.50
C THR A 86 -8.37 -2.97 -1.07
N SER A 87 -8.30 -3.05 -2.40
CA SER A 87 -7.23 -3.78 -3.07
C SER A 87 -6.81 -3.07 -4.36
N ALA A 88 -5.57 -3.29 -4.77
CA ALA A 88 -5.06 -2.69 -5.99
C ALA A 88 -4.12 -3.63 -6.73
N THR A 89 -3.53 -3.15 -7.81
CA THR A 89 -2.61 -3.96 -8.62
C THR A 89 -1.36 -3.17 -8.97
N LEU A 90 -0.22 -3.61 -8.44
CA LEU A 90 1.06 -2.94 -8.70
C LEU A 90 1.76 -3.58 -9.90
N THR A 91 2.53 -2.77 -10.63
CA THR A 91 3.26 -3.26 -11.78
C THR A 91 4.75 -2.96 -11.67
N ILE A 92 5.57 -3.98 -11.86
CA ILE A 92 7.02 -3.84 -11.77
C ILE A 92 7.65 -3.84 -13.16
N ARG A 93 8.77 -3.13 -13.29
CA ARG A 93 9.48 -3.05 -14.56
C ARG A 93 10.90 -3.58 -14.43
N ALA A 94 11.18 -4.70 -15.08
CA ALA A 94 12.50 -5.31 -15.03
C ALA A 94 13.59 -4.28 -15.34
N LEU A 95 14.49 -4.08 -14.40
CA LEU A 95 15.58 -3.12 -14.57
C LEU A 95 16.29 -3.34 -15.90
N PRO A 96 16.78 -2.24 -16.50
CA PRO A 96 17.50 -2.30 -17.78
C PRO A 96 18.87 -2.96 -17.66
N SER A 97 19.35 -3.09 -16.43
CA SER A 97 20.65 -3.70 -16.18
C SER A 97 20.85 -4.91 -17.07
N GLY A 98 22.02 -4.98 -17.71
CA GLY A 98 22.32 -6.10 -18.60
C GLY A 98 22.28 -5.71 -20.05
N PRO A 99 22.09 -6.71 -20.93
CA PRO A 99 22.03 -6.49 -22.38
C PRO A 99 20.77 -5.74 -22.80
N SER A 100 19.94 -5.39 -21.83
CA SER A 100 18.70 -4.68 -22.10
C SER A 100 18.84 -3.20 -21.74
N SER A 101 19.55 -2.46 -22.58
CA SER A 101 19.77 -1.04 -22.36
C SER A 101 18.65 -0.21 -22.99
N GLY A 102 18.70 1.10 -22.79
CA GLY A 102 17.69 1.98 -23.34
C GLY A 102 18.06 2.49 -24.72
N GLY A 1 -32.73 1.15 18.11
CA GLY A 1 -31.31 1.08 18.47
C GLY A 1 -30.56 2.32 18.04
N SER A 2 -29.27 2.15 17.77
CA SER A 2 -28.42 3.25 17.34
C SER A 2 -28.37 3.36 15.83
N SER A 3 -29.00 4.39 15.29
CA SER A 3 -29.03 4.60 13.84
C SER A 3 -28.13 5.77 13.44
N GLY A 4 -26.87 5.45 13.15
CA GLY A 4 -25.91 6.49 12.76
C GLY A 4 -25.50 6.36 11.31
N SER A 5 -25.35 7.50 10.64
CA SER A 5 -24.96 7.52 9.24
C SER A 5 -23.47 7.19 9.09
N SER A 6 -22.65 7.77 9.97
CA SER A 6 -21.21 7.54 9.92
C SER A 6 -20.73 6.90 11.23
N GLY A 7 -19.96 5.83 11.09
CA GLY A 7 -19.44 5.13 12.26
C GLY A 7 -17.94 4.90 12.18
N PRO A 8 -17.56 3.70 11.72
CA PRO A 8 -16.15 3.32 11.59
C PRO A 8 -15.45 4.09 10.47
N ALA A 9 -14.20 3.71 10.19
CA ALA A 9 -13.42 4.36 9.14
C ALA A 9 -13.71 3.73 7.78
N LYS A 10 -14.26 4.54 6.87
CA LYS A 10 -14.59 4.07 5.53
C LYS A 10 -13.68 4.70 4.49
N PHE A 11 -13.16 3.89 3.58
CA PHE A 11 -12.27 4.37 2.53
C PHE A 11 -12.99 5.39 1.64
N THR A 12 -12.48 6.62 1.64
CA THR A 12 -13.06 7.69 0.84
C THR A 12 -12.48 7.71 -0.58
N GLU A 13 -11.18 7.41 -0.67
CA GLU A 13 -10.51 7.39 -1.97
C GLU A 13 -10.19 5.95 -2.39
N GLY A 14 -9.55 5.21 -1.49
CA GLY A 14 -9.19 3.84 -1.78
C GLY A 14 -7.91 3.73 -2.57
N LEU A 15 -7.32 2.53 -2.59
CA LEU A 15 -6.07 2.31 -3.31
C LEU A 15 -6.28 2.47 -4.82
N ARG A 16 -5.22 2.28 -5.59
CA ARG A 16 -5.28 2.40 -7.04
C ARG A 16 -4.09 1.71 -7.69
N ASN A 17 -4.33 1.12 -8.86
CA ASN A 17 -3.28 0.43 -9.59
C ASN A 17 -2.15 1.39 -9.99
N GLU A 18 -0.92 0.97 -9.77
CA GLU A 18 0.24 1.80 -10.10
C GLU A 18 1.38 0.94 -10.63
N GLU A 19 2.36 1.59 -11.26
CA GLU A 19 3.51 0.89 -11.82
C GLU A 19 4.73 1.06 -10.92
N ALA A 20 5.83 0.41 -11.29
CA ALA A 20 7.07 0.48 -10.53
C ALA A 20 8.22 -0.16 -11.29
N VAL A 21 9.43 -0.01 -10.76
CA VAL A 21 10.62 -0.58 -11.38
C VAL A 21 11.39 -1.45 -10.40
N GLU A 22 11.97 -2.54 -10.92
CA GLU A 22 12.73 -3.45 -10.08
C GLU A 22 13.74 -2.70 -9.22
N GLY A 23 13.76 -3.02 -7.93
CA GLY A 23 14.69 -2.36 -7.02
C GLY A 23 14.09 -1.11 -6.40
N ALA A 24 13.34 -0.36 -7.19
CA ALA A 24 12.72 0.87 -6.72
C ALA A 24 11.82 0.59 -5.52
N THR A 25 11.25 1.66 -4.96
CA THR A 25 10.37 1.54 -3.81
C THR A 25 8.95 1.96 -4.15
N ALA A 26 8.06 0.99 -4.35
CA ALA A 26 6.68 1.28 -4.68
C ALA A 26 6.11 2.37 -3.78
N MET A 27 4.92 2.85 -4.13
CA MET A 27 4.27 3.90 -3.35
C MET A 27 2.75 3.75 -3.40
N LEU A 28 2.17 3.27 -2.30
CA LEU A 28 0.74 3.08 -2.21
C LEU A 28 0.15 3.90 -1.07
N TRP A 29 -0.96 4.60 -1.35
CA TRP A 29 -1.62 5.41 -0.35
C TRP A 29 -3.13 5.26 -0.43
N CYS A 30 -3.82 5.55 0.67
CA CYS A 30 -5.27 5.44 0.71
C CYS A 30 -5.86 6.35 1.79
N GLU A 31 -6.92 7.06 1.45
CA GLU A 31 -7.57 7.97 2.40
C GLU A 31 -8.74 7.28 3.08
N LEU A 32 -9.05 7.73 4.31
CA LEU A 32 -10.16 7.16 5.06
C LEU A 32 -11.07 8.27 5.59
N SER A 33 -12.26 7.88 6.05
CA SER A 33 -13.22 8.83 6.58
C SER A 33 -12.79 9.35 7.94
N LYS A 34 -11.69 8.80 8.46
CA LYS A 34 -11.17 9.21 9.75
C LYS A 34 -9.82 8.54 10.02
N VAL A 35 -9.01 9.18 10.86
CA VAL A 35 -7.69 8.66 11.21
C VAL A 35 -7.82 7.36 12.00
N ALA A 36 -7.47 6.25 11.35
CA ALA A 36 -7.54 4.94 12.00
C ALA A 36 -6.37 4.06 11.59
N PRO A 37 -6.03 3.09 12.44
CA PRO A 37 -4.92 2.16 12.18
C PRO A 37 -5.22 1.19 11.05
N VAL A 38 -4.44 1.29 9.97
CA VAL A 38 -4.63 0.42 8.81
C VAL A 38 -3.66 -0.76 8.85
N GLU A 39 -3.88 -1.73 7.96
CA GLU A 39 -3.02 -2.90 7.88
C GLU A 39 -2.84 -3.35 6.44
N TRP A 40 -1.65 -3.10 5.89
CA TRP A 40 -1.35 -3.48 4.53
C TRP A 40 -1.04 -4.97 4.43
N ARG A 41 -1.58 -5.61 3.40
CA ARG A 41 -1.36 -7.05 3.20
C ARG A 41 -1.24 -7.36 1.71
N LYS A 42 -0.60 -8.49 1.41
CA LYS A 42 -0.41 -8.92 0.02
C LYS A 42 -0.77 -10.38 -0.14
N GLY A 43 -2.06 -10.66 -0.30
CA GLY A 43 -2.51 -12.03 -0.48
C GLY A 43 -2.03 -12.95 0.63
N PRO A 44 -1.24 -13.96 0.27
CA PRO A 44 -0.70 -14.93 1.23
C PRO A 44 0.36 -14.31 2.14
N GLU A 45 0.77 -13.09 1.81
CA GLU A 45 1.78 -12.39 2.60
C GLU A 45 1.13 -11.40 3.56
N ASN A 46 1.94 -10.75 4.39
CA ASN A 46 1.44 -9.78 5.36
C ASN A 46 2.43 -8.64 5.54
N LEU A 47 1.99 -7.42 5.26
CA LEU A 47 2.85 -6.24 5.41
C LEU A 47 2.57 -5.52 6.72
N ARG A 48 3.53 -4.73 7.18
CA ARG A 48 3.38 -3.98 8.42
C ARG A 48 4.58 -3.06 8.64
N ASP A 49 4.35 -1.94 9.31
CA ASP A 49 5.40 -0.97 9.59
C ASP A 49 6.62 -1.67 10.18
N GLY A 50 7.60 -1.95 9.33
CA GLY A 50 8.81 -2.61 9.78
C GLY A 50 10.06 -1.98 9.20
N ASP A 51 11.14 -2.77 9.13
CA ASP A 51 12.41 -2.29 8.60
C ASP A 51 12.30 -2.06 7.09
N ARG A 52 12.11 -3.14 6.34
CA ARG A 52 12.00 -3.06 4.89
C ARG A 52 10.71 -2.36 4.49
N TYR A 53 9.68 -2.49 5.32
CA TYR A 53 8.39 -1.87 5.05
C TYR A 53 8.27 -0.53 5.76
N ILE A 54 8.45 0.55 5.01
CA ILE A 54 8.36 1.90 5.56
C ILE A 54 6.92 2.41 5.52
N LEU A 55 6.18 2.19 6.59
CA LEU A 55 4.80 2.65 6.68
C LEU A 55 4.70 3.98 7.40
N ARG A 56 3.79 4.84 6.94
CA ARG A 56 3.60 6.15 7.53
C ARG A 56 2.12 6.50 7.62
N GLN A 57 1.79 7.51 8.42
CA GLN A 57 0.41 7.94 8.58
C GLN A 57 0.34 9.34 9.17
N GLU A 58 -0.12 10.29 8.36
CA GLU A 58 -0.23 11.68 8.81
C GLU A 58 -1.68 12.04 9.08
N GLY A 59 -2.52 11.03 9.27
CA GLY A 59 -3.93 11.27 9.55
C GLY A 59 -4.83 10.29 8.80
N THR A 60 -5.79 10.83 8.04
CA THR A 60 -6.72 10.00 7.29
C THR A 60 -6.03 9.38 6.08
N ARG A 61 -4.74 9.65 5.92
CA ARG A 61 -3.98 9.12 4.80
C ARG A 61 -2.91 8.15 5.30
N CYS A 62 -2.85 6.98 4.65
CA CYS A 62 -1.86 5.97 5.02
C CYS A 62 -0.90 5.69 3.88
N GLU A 63 0.37 6.02 4.08
CA GLU A 63 1.39 5.82 3.05
C GLU A 63 2.18 4.54 3.32
N LEU A 64 2.42 3.78 2.27
CA LEU A 64 3.17 2.53 2.39
C LEU A 64 4.32 2.48 1.38
N GLN A 65 5.50 2.08 1.85
CA GLN A 65 6.67 1.98 0.99
C GLN A 65 7.33 0.61 1.12
N ILE A 66 7.52 -0.05 -0.01
CA ILE A 66 8.15 -1.37 -0.04
C ILE A 66 9.58 -1.30 -0.55
N CYS A 67 10.52 -1.12 0.37
CA CYS A 67 11.93 -1.04 0.02
C CYS A 67 12.41 -2.34 -0.62
N GLY A 68 12.90 -2.25 -1.85
CA GLY A 68 13.39 -3.43 -2.54
C GLY A 68 12.31 -4.09 -3.38
N LEU A 69 11.96 -3.47 -4.50
CA LEU A 69 10.93 -4.01 -5.38
C LEU A 69 11.49 -5.15 -6.24
N ALA A 70 10.59 -5.93 -6.83
CA ALA A 70 10.99 -7.05 -7.67
C ALA A 70 9.79 -7.65 -8.39
N MET A 71 10.04 -8.28 -9.53
CA MET A 71 8.98 -8.91 -10.30
C MET A 71 7.92 -9.53 -9.40
N ALA A 72 8.37 -10.08 -8.28
CA ALA A 72 7.48 -10.71 -7.32
C ALA A 72 6.50 -9.69 -6.72
N ASP A 73 7.05 -8.56 -6.27
CA ASP A 73 6.24 -7.50 -5.68
C ASP A 73 5.00 -7.24 -6.52
N ALA A 74 5.16 -7.33 -7.84
CA ALA A 74 4.04 -7.10 -8.75
C ALA A 74 2.91 -8.10 -8.51
N GLY A 75 1.78 -7.60 -8.02
CA GLY A 75 0.65 -8.46 -7.76
C GLY A 75 -0.59 -7.68 -7.35
N GLU A 76 -1.08 -7.93 -6.14
CA GLU A 76 -2.27 -7.24 -5.64
C GLU A 76 -2.12 -6.94 -4.16
N TYR A 77 -2.12 -5.64 -3.82
CA TYR A 77 -1.99 -5.21 -2.44
C TYR A 77 -3.35 -4.81 -1.86
N LEU A 78 -3.59 -5.19 -0.61
CA LEU A 78 -4.85 -4.87 0.06
C LEU A 78 -4.60 -4.08 1.33
N CYS A 79 -5.44 -3.08 1.58
CA CYS A 79 -5.31 -2.25 2.78
C CYS A 79 -6.51 -2.44 3.70
N VAL A 80 -6.29 -3.13 4.82
CA VAL A 80 -7.36 -3.38 5.77
C VAL A 80 -7.40 -2.29 6.85
N CYS A 81 -8.50 -1.54 6.87
CA CYS A 81 -8.66 -0.46 7.84
C CYS A 81 -9.81 -0.76 8.80
N GLY A 82 -9.66 -1.83 9.57
CA GLY A 82 -10.69 -2.21 10.52
C GLY A 82 -11.67 -3.22 9.94
N GLN A 83 -12.86 -2.74 9.58
CA GLN A 83 -13.89 -3.60 9.01
C GLN A 83 -13.90 -3.50 7.49
N GLU A 84 -13.39 -2.39 6.97
CA GLU A 84 -13.34 -2.19 5.53
C GLU A 84 -11.94 -2.48 4.98
N ARG A 85 -11.84 -2.54 3.65
CA ARG A 85 -10.57 -2.82 3.00
C ARG A 85 -10.68 -2.66 1.49
N THR A 86 -9.53 -2.53 0.83
CA THR A 86 -9.50 -2.35 -0.62
C THR A 86 -8.40 -3.20 -1.25
N SER A 87 -8.32 -3.17 -2.57
CA SER A 87 -7.31 -3.93 -3.30
C SER A 87 -6.89 -3.20 -4.57
N ALA A 88 -5.60 -3.27 -4.88
CA ALA A 88 -5.07 -2.61 -6.07
C ALA A 88 -4.13 -3.55 -6.83
N THR A 89 -3.63 -3.08 -7.98
CA THR A 89 -2.73 -3.87 -8.80
C THR A 89 -1.45 -3.11 -9.10
N LEU A 90 -0.33 -3.64 -8.62
CA LEU A 90 0.97 -3.02 -8.82
C LEU A 90 1.72 -3.69 -9.96
N THR A 91 2.52 -2.90 -10.68
CA THR A 91 3.29 -3.42 -11.81
C THR A 91 4.78 -3.11 -11.64
N ILE A 92 5.62 -4.10 -11.90
CA ILE A 92 7.06 -3.93 -11.78
C ILE A 92 7.73 -3.94 -13.15
N ARG A 93 8.66 -3.02 -13.36
CA ARG A 93 9.39 -2.92 -14.62
C ARG A 93 10.83 -3.38 -14.46
N ALA A 94 11.18 -4.46 -15.15
CA ALA A 94 12.53 -5.00 -15.09
C ALA A 94 13.57 -3.92 -15.40
N LEU A 95 14.50 -3.72 -14.46
CA LEU A 95 15.54 -2.72 -14.64
C LEU A 95 16.19 -2.83 -16.01
N PRO A 96 16.55 -1.67 -16.60
CA PRO A 96 17.19 -1.62 -17.91
C PRO A 96 18.61 -2.18 -17.89
N SER A 97 18.73 -3.47 -18.17
CA SER A 97 20.04 -4.12 -18.18
C SER A 97 20.59 -4.23 -19.60
N GLY A 98 21.70 -3.55 -19.85
CA GLY A 98 22.31 -3.57 -21.17
C GLY A 98 23.81 -3.71 -21.13
N PRO A 99 24.29 -4.96 -21.00
CA PRO A 99 25.72 -5.24 -20.93
C PRO A 99 26.42 -5.00 -22.26
N SER A 100 27.04 -3.84 -22.40
CA SER A 100 27.75 -3.48 -23.62
C SER A 100 29.26 -3.61 -23.44
N SER A 101 29.94 -4.08 -24.48
CA SER A 101 31.38 -4.26 -24.43
C SER A 101 32.10 -2.91 -24.52
N GLY A 102 33.37 -2.90 -24.14
CA GLY A 102 34.15 -1.67 -24.19
C GLY A 102 33.98 -0.83 -22.94
N GLY A 1 -14.49 20.44 16.56
CA GLY A 1 -13.97 20.19 15.22
C GLY A 1 -15.05 19.74 14.26
N SER A 2 -15.79 18.70 14.65
CA SER A 2 -16.86 18.17 13.82
C SER A 2 -18.01 17.64 14.67
N SER A 3 -19.18 17.50 14.06
CA SER A 3 -20.36 17.00 14.77
C SER A 3 -20.90 15.73 14.11
N GLY A 4 -21.66 14.96 14.87
CA GLY A 4 -22.22 13.73 14.35
C GLY A 4 -21.74 12.51 15.11
N SER A 5 -21.79 11.35 14.46
CA SER A 5 -21.37 10.11 15.08
C SER A 5 -19.99 9.69 14.59
N SER A 6 -19.06 9.52 15.52
CA SER A 6 -17.69 9.13 15.18
C SER A 6 -17.58 7.62 15.02
N GLY A 7 -17.95 7.13 13.83
CA GLY A 7 -17.87 5.70 13.57
C GLY A 7 -16.50 5.27 13.08
N PRO A 8 -16.46 4.11 12.40
CA PRO A 8 -15.21 3.56 11.88
C PRO A 8 -14.66 4.38 10.71
N ALA A 9 -13.49 3.97 10.21
CA ALA A 9 -12.86 4.66 9.09
C ALA A 9 -13.27 4.04 7.77
N LYS A 10 -13.82 4.86 6.88
CA LYS A 10 -14.25 4.38 5.56
C LYS A 10 -13.43 5.04 4.45
N PHE A 11 -12.88 4.21 3.56
CA PHE A 11 -12.07 4.72 2.46
C PHE A 11 -12.84 5.77 1.66
N THR A 12 -12.22 6.93 1.47
CA THR A 12 -12.83 8.01 0.72
C THR A 12 -12.41 7.99 -0.74
N GLU A 13 -11.20 7.52 -0.99
CA GLU A 13 -10.67 7.44 -2.35
C GLU A 13 -10.24 6.02 -2.69
N GLY A 14 -9.97 5.22 -1.66
CA GLY A 14 -9.55 3.84 -1.86
C GLY A 14 -8.20 3.75 -2.55
N LEU A 15 -7.65 2.55 -2.58
CA LEU A 15 -6.34 2.32 -3.21
C LEU A 15 -6.40 2.63 -4.70
N ARG A 16 -5.25 2.57 -5.36
CA ARG A 16 -5.17 2.84 -6.79
C ARG A 16 -3.98 2.10 -7.41
N ASN A 17 -4.26 1.28 -8.42
CA ASN A 17 -3.22 0.52 -9.10
C ASN A 17 -2.11 1.44 -9.59
N GLU A 18 -0.86 1.05 -9.34
CA GLU A 18 0.28 1.84 -9.76
C GLU A 18 1.38 0.95 -10.32
N GLU A 19 2.49 1.57 -10.73
CA GLU A 19 3.62 0.82 -11.29
C GLU A 19 4.94 1.46 -10.87
N ALA A 20 6.02 0.69 -11.02
CA ALA A 20 7.35 1.17 -10.65
C ALA A 20 8.44 0.32 -11.29
N VAL A 21 9.69 0.64 -10.99
CA VAL A 21 10.82 -0.10 -11.54
C VAL A 21 11.43 -1.04 -10.50
N GLU A 22 12.15 -2.04 -10.96
CA GLU A 22 12.79 -3.00 -10.07
C GLU A 22 13.76 -2.30 -9.13
N GLY A 23 13.78 -2.73 -7.86
CA GLY A 23 14.66 -2.14 -6.89
C GLY A 23 14.08 -0.91 -6.24
N ALA A 24 13.38 -0.10 -7.04
CA ALA A 24 12.77 1.12 -6.53
C ALA A 24 11.86 0.83 -5.35
N THR A 25 11.16 1.86 -4.87
CA THR A 25 10.27 1.72 -3.73
C THR A 25 8.86 2.18 -4.09
N ALA A 26 7.96 1.23 -4.30
CA ALA A 26 6.57 1.55 -4.64
C ALA A 26 5.98 2.56 -3.67
N MET A 27 4.84 3.13 -4.02
CA MET A 27 4.17 4.11 -3.18
C MET A 27 2.66 3.93 -3.22
N LEU A 28 2.10 3.36 -2.16
CA LEU A 28 0.66 3.14 -2.07
C LEU A 28 0.05 3.92 -0.91
N TRP A 29 -0.91 4.77 -1.22
CA TRP A 29 -1.58 5.58 -0.20
C TRP A 29 -3.09 5.48 -0.34
N CYS A 30 -3.80 5.80 0.73
CA CYS A 30 -5.26 5.76 0.74
C CYS A 30 -5.83 6.67 1.81
N GLU A 31 -6.91 7.36 1.48
CA GLU A 31 -7.55 8.27 2.42
C GLU A 31 -8.76 7.61 3.08
N LEU A 32 -9.08 8.06 4.29
CA LEU A 32 -10.21 7.51 5.03
C LEU A 32 -11.05 8.62 5.67
N SER A 33 -12.33 8.35 5.86
CA SER A 33 -13.23 9.33 6.46
C SER A 33 -12.67 9.87 7.77
N LYS A 34 -11.70 9.14 8.32
CA LYS A 34 -11.07 9.54 9.58
C LYS A 34 -9.78 8.76 9.81
N VAL A 35 -8.92 9.30 10.66
CA VAL A 35 -7.64 8.67 10.98
C VAL A 35 -7.85 7.36 11.72
N ALA A 36 -7.33 6.27 11.17
CA ALA A 36 -7.46 4.96 11.79
C ALA A 36 -6.31 4.04 11.38
N PRO A 37 -6.02 3.05 12.24
CA PRO A 37 -4.94 2.08 12.00
C PRO A 37 -5.27 1.14 10.84
N VAL A 38 -4.44 1.18 9.80
CA VAL A 38 -4.63 0.32 8.64
C VAL A 38 -3.74 -0.91 8.71
N GLU A 39 -4.00 -1.87 7.82
CA GLU A 39 -3.21 -3.10 7.78
C GLU A 39 -2.98 -3.55 6.34
N TRP A 40 -1.76 -3.35 5.86
CA TRP A 40 -1.41 -3.74 4.49
C TRP A 40 -1.09 -5.23 4.42
N ARG A 41 -1.62 -5.90 3.39
CA ARG A 41 -1.40 -7.32 3.21
C ARG A 41 -1.31 -7.67 1.72
N LYS A 42 -0.54 -8.71 1.41
CA LYS A 42 -0.38 -9.15 0.03
C LYS A 42 -0.94 -10.55 -0.17
N GLY A 43 -2.25 -10.63 -0.42
CA GLY A 43 -2.88 -11.92 -0.62
C GLY A 43 -2.57 -12.90 0.49
N PRO A 44 -1.93 -14.03 0.12
CA PRO A 44 -1.57 -15.07 1.09
C PRO A 44 -0.46 -14.63 2.03
N GLU A 45 0.03 -13.41 1.83
CA GLU A 45 1.09 -12.86 2.67
C GLU A 45 0.55 -11.81 3.64
N ASN A 46 1.39 -11.37 4.56
CA ASN A 46 1.00 -10.37 5.54
C ASN A 46 2.08 -9.32 5.73
N LEU A 47 1.79 -8.09 5.34
CA LEU A 47 2.74 -6.99 5.47
C LEU A 47 2.51 -6.20 6.75
N ARG A 48 3.49 -5.38 7.13
CA ARG A 48 3.37 -4.56 8.33
C ARG A 48 4.54 -3.59 8.43
N ASP A 49 4.36 -2.53 9.22
CA ASP A 49 5.39 -1.52 9.40
C ASP A 49 6.69 -2.15 9.90
N GLY A 50 7.59 -2.43 8.96
CA GLY A 50 8.87 -3.03 9.33
C GLY A 50 10.04 -2.34 8.68
N ASP A 51 11.20 -2.97 8.72
CA ASP A 51 12.41 -2.41 8.12
C ASP A 51 12.24 -2.21 6.62
N ARG A 52 12.21 -3.31 5.89
CA ARG A 52 12.05 -3.26 4.44
C ARG A 52 10.77 -2.52 4.05
N TYR A 53 9.71 -2.75 4.82
CA TYR A 53 8.42 -2.11 4.56
C TYR A 53 8.30 -0.81 5.34
N ILE A 54 8.51 0.30 4.64
CA ILE A 54 8.41 1.62 5.26
C ILE A 54 6.98 2.13 5.25
N LEU A 55 6.26 1.88 6.33
CA LEU A 55 4.87 2.33 6.45
C LEU A 55 4.79 3.67 7.18
N ARG A 56 3.78 4.45 6.84
CA ARG A 56 3.58 5.77 7.45
C ARG A 56 2.10 6.15 7.47
N GLN A 57 1.78 7.23 8.15
CA GLN A 57 0.41 7.71 8.24
C GLN A 57 0.35 9.15 8.73
N GLU A 58 -0.01 10.06 7.83
CA GLU A 58 -0.10 11.47 8.17
C GLU A 58 -1.54 11.88 8.44
N GLY A 59 -2.29 10.99 9.06
CA GLY A 59 -3.68 11.26 9.38
C GLY A 59 -4.65 10.38 8.62
N THR A 60 -5.71 10.97 8.09
CA THR A 60 -6.71 10.22 7.35
C THR A 60 -6.08 9.49 6.17
N ARG A 61 -4.92 9.98 5.73
CA ARG A 61 -4.21 9.38 4.61
C ARG A 61 -3.03 8.54 5.09
N CYS A 62 -2.79 7.42 4.42
CA CYS A 62 -1.69 6.54 4.79
C CYS A 62 -0.72 6.37 3.63
N GLU A 63 0.52 6.01 3.94
CA GLU A 63 1.55 5.82 2.93
C GLU A 63 2.33 4.53 3.18
N LEU A 64 2.47 3.72 2.13
CA LEU A 64 3.20 2.46 2.24
C LEU A 64 4.32 2.39 1.21
N GLN A 65 5.53 2.13 1.68
CA GLN A 65 6.69 2.04 0.80
C GLN A 65 7.33 0.66 0.89
N ILE A 66 7.54 0.02 -0.26
CA ILE A 66 8.14 -1.30 -0.31
C ILE A 66 9.60 -1.21 -0.73
N CYS A 67 10.50 -1.17 0.25
CA CYS A 67 11.93 -1.09 -0.03
C CYS A 67 12.43 -2.37 -0.68
N GLY A 68 12.91 -2.27 -1.92
CA GLY A 68 13.41 -3.42 -2.62
C GLY A 68 12.34 -4.07 -3.49
N LEU A 69 12.02 -3.43 -4.61
CA LEU A 69 11.01 -3.96 -5.52
C LEU A 69 11.58 -5.08 -6.38
N ALA A 70 10.70 -5.87 -6.97
CA ALA A 70 11.12 -6.97 -7.82
C ALA A 70 9.93 -7.59 -8.56
N MET A 71 10.19 -8.18 -9.72
CA MET A 71 9.13 -8.80 -10.51
C MET A 71 8.12 -9.51 -9.61
N ALA A 72 8.61 -10.06 -8.51
CA ALA A 72 7.75 -10.76 -7.56
C ALA A 72 6.78 -9.80 -6.88
N ASP A 73 7.32 -8.73 -6.32
CA ASP A 73 6.50 -7.73 -5.65
C ASP A 73 5.24 -7.42 -6.45
N ALA A 74 5.37 -7.46 -7.77
CA ALA A 74 4.24 -7.19 -8.65
C ALA A 74 3.11 -8.18 -8.44
N GLY A 75 1.94 -7.68 -8.07
CA GLY A 75 0.80 -8.55 -7.84
C GLY A 75 -0.42 -7.79 -7.37
N GLU A 76 -0.84 -8.06 -6.14
CA GLU A 76 -2.01 -7.39 -5.56
C GLU A 76 -1.75 -6.99 -4.11
N TYR A 77 -2.21 -5.80 -3.74
CA TYR A 77 -2.02 -5.29 -2.39
C TYR A 77 -3.36 -4.89 -1.78
N LEU A 78 -3.64 -5.41 -0.59
CA LEU A 78 -4.88 -5.12 0.11
C LEU A 78 -4.61 -4.29 1.36
N CYS A 79 -5.50 -3.35 1.65
CA CYS A 79 -5.37 -2.50 2.83
C CYS A 79 -6.62 -2.55 3.68
N VAL A 80 -6.53 -3.24 4.82
CA VAL A 80 -7.65 -3.36 5.74
C VAL A 80 -7.61 -2.28 6.81
N CYS A 81 -8.76 -1.64 7.02
CA CYS A 81 -8.86 -0.57 8.03
C CYS A 81 -10.07 -0.79 8.93
N GLY A 82 -10.03 -1.86 9.72
CA GLY A 82 -11.13 -2.16 10.61
C GLY A 82 -12.05 -3.23 10.07
N GLN A 83 -13.20 -2.80 9.55
CA GLN A 83 -14.18 -3.74 8.99
C GLN A 83 -14.22 -3.63 7.47
N GLU A 84 -13.45 -2.69 6.93
CA GLU A 84 -13.39 -2.49 5.49
C GLU A 84 -11.98 -2.66 4.96
N ARG A 85 -11.84 -2.69 3.63
CA ARG A 85 -10.53 -2.85 3.00
C ARG A 85 -10.62 -2.61 1.50
N THR A 86 -9.48 -2.35 0.88
CA THR A 86 -9.43 -2.10 -0.55
C THR A 86 -8.29 -2.87 -1.21
N SER A 87 -8.51 -3.35 -2.42
CA SER A 87 -7.50 -4.10 -3.15
C SER A 87 -6.93 -3.28 -4.29
N ALA A 88 -5.68 -3.56 -4.65
CA ALA A 88 -5.01 -2.84 -5.73
C ALA A 88 -4.05 -3.75 -6.48
N THR A 89 -3.45 -3.23 -7.54
CA THR A 89 -2.51 -4.00 -8.36
C THR A 89 -1.27 -3.18 -8.68
N LEU A 90 -0.11 -3.69 -8.31
CA LEU A 90 1.16 -3.01 -8.56
C LEU A 90 1.88 -3.64 -9.74
N THR A 91 2.66 -2.84 -10.46
CA THR A 91 3.41 -3.30 -11.61
C THR A 91 4.90 -2.99 -11.47
N ILE A 92 5.74 -3.98 -11.76
CA ILE A 92 7.19 -3.79 -11.66
C ILE A 92 7.83 -3.78 -13.05
N ARG A 93 8.74 -2.85 -13.26
CA ARG A 93 9.44 -2.73 -14.53
C ARG A 93 10.89 -3.19 -14.42
N ALA A 94 11.27 -4.15 -15.24
CA ALA A 94 12.64 -4.68 -15.23
C ALA A 94 13.65 -3.56 -15.46
N LEU A 95 14.55 -3.38 -14.50
CA LEU A 95 15.58 -2.35 -14.59
C LEU A 95 16.72 -2.80 -15.49
N PRO A 96 17.34 -1.84 -16.19
CA PRO A 96 18.45 -2.11 -17.10
C PRO A 96 19.72 -2.51 -16.36
N SER A 97 20.22 -3.71 -16.68
CA SER A 97 21.42 -4.22 -16.03
C SER A 97 22.53 -4.46 -17.06
N GLY A 98 23.78 -4.23 -16.65
CA GLY A 98 24.89 -4.43 -17.55
C GLY A 98 24.90 -3.43 -18.69
N PRO A 99 25.64 -3.76 -19.77
CA PRO A 99 25.75 -2.90 -20.95
C PRO A 99 24.45 -2.84 -21.75
N SER A 100 23.73 -1.74 -21.61
CA SER A 100 22.46 -1.57 -22.32
C SER A 100 22.66 -0.75 -23.59
N SER A 101 22.00 -1.18 -24.66
CA SER A 101 22.11 -0.50 -25.95
C SER A 101 20.94 0.48 -26.14
N GLY A 102 19.72 -0.01 -26.00
CA GLY A 102 18.56 0.83 -26.14
C GLY A 102 17.28 0.02 -26.32
N GLY A 1 -23.15 21.14 5.28
CA GLY A 1 -23.07 21.49 6.68
C GLY A 1 -21.83 20.93 7.35
N SER A 2 -21.99 19.82 8.06
CA SER A 2 -20.88 19.18 8.75
C SER A 2 -20.98 17.67 8.68
N SER A 3 -19.83 17.00 8.77
CA SER A 3 -19.79 15.55 8.71
C SER A 3 -19.35 14.95 10.04
N GLY A 4 -20.22 14.11 10.61
CA GLY A 4 -19.91 13.49 11.89
C GLY A 4 -20.54 12.12 12.04
N SER A 5 -19.73 11.14 12.42
CA SER A 5 -20.23 9.77 12.59
C SER A 5 -19.30 8.97 13.51
N SER A 6 -19.88 8.37 14.53
CA SER A 6 -19.10 7.57 15.48
C SER A 6 -19.07 6.10 15.07
N GLY A 7 -17.98 5.70 14.42
CA GLY A 7 -17.85 4.32 13.99
C GLY A 7 -16.48 4.03 13.40
N PRO A 8 -16.41 2.97 12.58
CA PRO A 8 -15.16 2.56 11.93
C PRO A 8 -14.70 3.55 10.86
N ALA A 9 -13.61 3.21 10.19
CA ALA A 9 -13.07 4.07 9.14
C ALA A 9 -13.51 3.59 7.76
N LYS A 10 -13.98 4.53 6.93
CA LYS A 10 -14.43 4.20 5.58
C LYS A 10 -13.48 4.78 4.53
N PHE A 11 -13.20 4.00 3.50
CA PHE A 11 -12.30 4.44 2.43
C PHE A 11 -13.00 5.48 1.55
N THR A 12 -12.48 6.69 1.58
CA THR A 12 -13.04 7.79 0.78
C THR A 12 -12.46 7.79 -0.63
N GLU A 13 -11.16 7.51 -0.74
CA GLU A 13 -10.49 7.48 -2.02
C GLU A 13 -10.12 6.05 -2.42
N GLY A 14 -9.66 5.27 -1.44
CA GLY A 14 -9.27 3.90 -1.70
C GLY A 14 -7.95 3.79 -2.42
N LEU A 15 -7.45 2.56 -2.56
CA LEU A 15 -6.18 2.32 -3.23
C LEU A 15 -6.28 2.63 -4.72
N ARG A 16 -5.15 2.60 -5.41
CA ARG A 16 -5.10 2.86 -6.84
C ARG A 16 -3.94 2.15 -7.50
N ASN A 17 -4.24 1.25 -8.44
CA ASN A 17 -3.23 0.50 -9.14
C ASN A 17 -2.12 1.42 -9.66
N GLU A 18 -0.88 0.97 -9.56
CA GLU A 18 0.26 1.76 -10.03
C GLU A 18 1.38 0.85 -10.52
N GLU A 19 2.48 1.46 -10.95
CA GLU A 19 3.62 0.71 -11.45
C GLU A 19 4.93 1.27 -10.89
N ALA A 20 6.01 0.53 -11.09
CA ALA A 20 7.32 0.95 -10.60
C ALA A 20 8.44 0.12 -11.24
N VAL A 21 9.68 0.51 -10.97
CA VAL A 21 10.83 -0.20 -11.52
C VAL A 21 11.46 -1.12 -10.48
N GLU A 22 12.05 -2.22 -10.95
CA GLU A 22 12.69 -3.19 -10.07
C GLU A 22 13.75 -2.51 -9.21
N GLY A 23 13.77 -2.86 -7.93
CA GLY A 23 14.76 -2.28 -7.02
C GLY A 23 14.27 -0.97 -6.41
N ALA A 24 13.35 -0.32 -7.09
CA ALA A 24 12.81 0.95 -6.61
C ALA A 24 11.84 0.73 -5.44
N THR A 25 11.32 1.83 -4.90
CA THR A 25 10.39 1.75 -3.79
C THR A 25 8.99 2.18 -4.21
N ALA A 26 8.07 1.24 -4.22
CA ALA A 26 6.69 1.52 -4.61
C ALA A 26 6.08 2.59 -3.71
N MET A 27 4.83 2.96 -4.00
CA MET A 27 4.15 3.97 -3.22
C MET A 27 2.64 3.75 -3.25
N LEU A 28 2.08 3.27 -2.14
CA LEU A 28 0.65 3.01 -2.05
C LEU A 28 0.03 3.77 -0.87
N TRP A 29 -0.83 4.73 -1.18
CA TRP A 29 -1.48 5.52 -0.15
C TRP A 29 -3.00 5.41 -0.25
N CYS A 30 -3.70 5.74 0.83
CA CYS A 30 -5.16 5.67 0.86
C CYS A 30 -5.72 6.61 1.91
N GLU A 31 -6.93 7.12 1.67
CA GLU A 31 -7.57 8.02 2.61
C GLU A 31 -8.74 7.33 3.31
N LEU A 32 -9.15 7.90 4.44
CA LEU A 32 -10.25 7.33 5.22
C LEU A 32 -11.11 8.44 5.83
N SER A 33 -12.34 8.10 6.19
CA SER A 33 -13.26 9.06 6.78
C SER A 33 -12.72 9.58 8.10
N LYS A 34 -11.68 8.93 8.61
CA LYS A 34 -11.07 9.33 9.88
C LYS A 34 -9.69 8.70 10.04
N VAL A 35 -8.91 9.22 10.98
CA VAL A 35 -7.57 8.70 11.24
C VAL A 35 -7.62 7.39 12.02
N ALA A 36 -7.43 6.28 11.32
CA ALA A 36 -7.45 4.97 11.95
C ALA A 36 -6.28 4.12 11.49
N PRO A 37 -5.85 3.17 12.34
CA PRO A 37 -4.73 2.28 12.04
C PRO A 37 -5.07 1.26 10.94
N VAL A 38 -4.38 1.37 9.82
CA VAL A 38 -4.61 0.47 8.71
C VAL A 38 -3.64 -0.71 8.75
N GLU A 39 -3.87 -1.69 7.87
CA GLU A 39 -3.03 -2.88 7.81
C GLU A 39 -2.85 -3.34 6.36
N TRP A 40 -1.66 -3.13 5.82
CA TRP A 40 -1.36 -3.53 4.45
C TRP A 40 -1.01 -5.01 4.37
N ARG A 41 -1.61 -5.70 3.41
CA ARG A 41 -1.38 -7.12 3.23
C ARG A 41 -1.25 -7.48 1.75
N LYS A 42 -0.63 -8.62 1.47
CA LYS A 42 -0.45 -9.07 0.10
C LYS A 42 -0.82 -10.55 -0.05
N GLY A 43 -2.11 -10.81 -0.24
CA GLY A 43 -2.57 -12.18 -0.39
C GLY A 43 -2.09 -13.08 0.72
N PRO A 44 -1.31 -14.11 0.37
CA PRO A 44 -0.77 -15.07 1.33
C PRO A 44 0.30 -14.44 2.23
N GLU A 45 0.75 -13.26 1.86
CA GLU A 45 1.77 -12.56 2.64
C GLU A 45 1.14 -11.55 3.60
N ASN A 46 1.95 -10.98 4.48
CA ASN A 46 1.47 -10.02 5.45
C ASN A 46 2.45 -8.86 5.60
N LEU A 47 2.05 -7.69 5.10
CA LEU A 47 2.90 -6.50 5.18
C LEU A 47 2.67 -5.75 6.49
N ARG A 48 3.67 -5.00 6.92
CA ARG A 48 3.58 -4.23 8.15
C ARG A 48 4.74 -3.25 8.27
N ASP A 49 4.57 -2.23 9.11
CA ASP A 49 5.60 -1.23 9.32
C ASP A 49 6.90 -1.87 9.84
N GLY A 50 7.93 -1.84 9.01
CA GLY A 50 9.20 -2.42 9.40
C GLY A 50 10.36 -1.86 8.60
N ASP A 51 11.48 -2.59 8.59
CA ASP A 51 12.67 -2.17 7.86
C ASP A 51 12.45 -2.29 6.36
N ARG A 52 12.09 -3.49 5.91
CA ARG A 52 11.84 -3.74 4.50
C ARG A 52 10.66 -2.92 4.00
N TYR A 53 9.68 -2.72 4.87
CA TYR A 53 8.48 -1.95 4.51
C TYR A 53 8.39 -0.67 5.33
N ILE A 54 8.37 0.47 4.63
CA ILE A 54 8.30 1.76 5.29
C ILE A 54 6.86 2.27 5.30
N LEU A 55 6.19 2.11 6.44
CA LEU A 55 4.81 2.57 6.59
C LEU A 55 4.75 3.90 7.33
N ARG A 56 3.73 4.70 7.00
CA ARG A 56 3.57 6.01 7.63
C ARG A 56 2.10 6.44 7.60
N GLN A 57 1.74 7.34 8.51
CA GLN A 57 0.37 7.83 8.59
C GLN A 57 0.33 9.27 9.09
N GLU A 58 -0.04 10.18 8.19
CA GLU A 58 -0.12 11.60 8.53
C GLU A 58 -1.56 12.02 8.79
N GLY A 59 -2.40 11.06 9.15
CA GLY A 59 -3.80 11.35 9.41
C GLY A 59 -4.74 10.43 8.66
N THR A 60 -5.87 10.97 8.21
CA THR A 60 -6.85 10.19 7.47
C THR A 60 -6.22 9.50 6.27
N ARG A 61 -5.03 9.97 5.88
CA ARG A 61 -4.32 9.39 4.74
C ARG A 61 -3.12 8.58 5.20
N CYS A 62 -2.91 7.43 4.58
CA CYS A 62 -1.79 6.56 4.91
C CYS A 62 -0.77 6.51 3.79
N GLU A 63 0.35 5.82 4.04
CA GLU A 63 1.40 5.70 3.04
C GLU A 63 2.20 4.42 3.25
N LEU A 64 2.27 3.60 2.20
CA LEU A 64 3.00 2.34 2.26
C LEU A 64 4.15 2.33 1.27
N GLN A 65 5.35 2.02 1.76
CA GLN A 65 6.54 1.97 0.91
C GLN A 65 7.23 0.62 1.03
N ILE A 66 7.54 0.02 -0.12
CA ILE A 66 8.21 -1.27 -0.15
C ILE A 66 9.64 -1.15 -0.67
N CYS A 67 10.58 -0.90 0.24
CA CYS A 67 11.98 -0.75 -0.14
C CYS A 67 12.50 -2.02 -0.81
N GLY A 68 12.87 -1.90 -2.08
CA GLY A 68 13.38 -3.04 -2.82
C GLY A 68 12.29 -3.76 -3.59
N LEU A 69 11.95 -3.22 -4.76
CA LEU A 69 10.91 -3.81 -5.60
C LEU A 69 11.49 -4.94 -6.46
N ALA A 70 10.61 -5.79 -6.97
CA ALA A 70 11.03 -6.91 -7.82
C ALA A 70 9.84 -7.54 -8.52
N MET A 71 10.10 -8.32 -9.56
CA MET A 71 9.06 -8.99 -10.31
C MET A 71 8.03 -9.62 -9.38
N ALA A 72 8.51 -10.13 -8.25
CA ALA A 72 7.64 -10.76 -7.27
C ALA A 72 6.68 -9.75 -6.64
N ASP A 73 7.20 -8.57 -6.33
CA ASP A 73 6.40 -7.51 -5.74
C ASP A 73 5.14 -7.25 -6.56
N ALA A 74 5.23 -7.53 -7.86
CA ALA A 74 4.10 -7.33 -8.75
C ALA A 74 2.98 -8.32 -8.46
N GLY A 75 1.88 -7.81 -7.90
CA GLY A 75 0.76 -8.67 -7.59
C GLY A 75 -0.49 -7.88 -7.24
N GLU A 76 -1.05 -8.14 -6.06
CA GLU A 76 -2.25 -7.45 -5.62
C GLU A 76 -2.17 -7.12 -4.13
N TYR A 77 -2.04 -5.83 -3.82
CA TYR A 77 -1.94 -5.38 -2.44
C TYR A 77 -3.32 -5.00 -1.90
N LEU A 78 -3.55 -5.32 -0.63
CA LEU A 78 -4.82 -5.03 0.02
C LEU A 78 -4.61 -4.24 1.30
N CYS A 79 -5.38 -3.17 1.48
CA CYS A 79 -5.28 -2.33 2.67
C CYS A 79 -6.50 -2.50 3.56
N VAL A 80 -6.32 -3.17 4.69
CA VAL A 80 -7.40 -3.41 5.63
C VAL A 80 -7.43 -2.34 6.72
N CYS A 81 -8.52 -1.58 6.76
CA CYS A 81 -8.68 -0.51 7.75
C CYS A 81 -9.66 -0.92 8.83
N GLY A 82 -9.81 -2.23 9.02
CA GLY A 82 -10.73 -2.73 10.04
C GLY A 82 -11.94 -3.43 9.43
N GLN A 83 -13.03 -2.68 9.28
CA GLN A 83 -14.26 -3.24 8.72
C GLN A 83 -14.25 -3.12 7.20
N GLU A 84 -13.53 -2.14 6.68
CA GLU A 84 -13.45 -1.92 5.25
C GLU A 84 -12.05 -2.26 4.72
N ARG A 85 -11.97 -2.55 3.43
CA ARG A 85 -10.69 -2.90 2.81
C ARG A 85 -10.78 -2.80 1.29
N THR A 86 -9.66 -2.49 0.65
CA THR A 86 -9.61 -2.35 -0.80
C THR A 86 -8.40 -3.08 -1.37
N SER A 87 -8.50 -3.48 -2.63
CA SER A 87 -7.42 -4.18 -3.31
C SER A 87 -6.98 -3.44 -4.56
N ALA A 88 -5.68 -3.50 -4.86
CA ALA A 88 -5.13 -2.83 -6.04
C ALA A 88 -4.20 -3.76 -6.80
N THR A 89 -3.57 -3.22 -7.86
CA THR A 89 -2.64 -4.00 -8.67
C THR A 89 -1.39 -3.20 -8.97
N LEU A 90 -0.24 -3.73 -8.55
CA LEU A 90 1.04 -3.06 -8.78
C LEU A 90 1.77 -3.68 -9.97
N THR A 91 2.45 -2.84 -10.75
CA THR A 91 3.19 -3.30 -11.91
C THR A 91 4.68 -3.05 -11.75
N ILE A 92 5.48 -4.09 -11.98
CA ILE A 92 6.93 -3.98 -11.86
C ILE A 92 7.59 -3.92 -13.23
N ARG A 93 8.61 -3.09 -13.36
CA ARG A 93 9.33 -2.95 -14.61
C ARG A 93 10.80 -3.34 -14.46
N ALA A 94 11.18 -4.44 -15.10
CA ALA A 94 12.55 -4.93 -15.03
C ALA A 94 13.55 -3.82 -15.36
N LEU A 95 14.45 -3.55 -14.43
CA LEU A 95 15.46 -2.51 -14.62
C LEU A 95 16.60 -3.01 -15.48
N PRO A 96 17.26 -2.10 -16.21
CA PRO A 96 18.38 -2.43 -17.09
C PRO A 96 19.63 -2.83 -16.31
N SER A 97 19.84 -4.13 -16.16
CA SER A 97 20.99 -4.63 -15.42
C SER A 97 22.29 -4.16 -16.06
N GLY A 98 22.61 -4.70 -17.23
CA GLY A 98 23.82 -4.32 -17.93
C GLY A 98 24.03 -2.82 -17.95
N PRO A 99 25.29 -2.38 -17.87
CA PRO A 99 25.65 -0.95 -17.89
C PRO A 99 25.41 -0.32 -19.26
N SER A 100 24.17 0.07 -19.51
CA SER A 100 23.81 0.70 -20.78
C SER A 100 24.76 1.85 -21.11
N SER A 101 24.71 2.31 -22.35
CA SER A 101 25.57 3.40 -22.80
C SER A 101 25.12 4.73 -22.20
N GLY A 102 23.89 5.13 -22.50
CA GLY A 102 23.36 6.37 -21.98
C GLY A 102 24.38 7.49 -22.02
N GLY A 1 -14.28 18.01 16.53
CA GLY A 1 -15.57 17.48 16.12
C GLY A 1 -16.09 16.43 17.08
N SER A 2 -16.52 16.86 18.26
CA SER A 2 -17.04 15.94 19.26
C SER A 2 -18.32 15.26 18.77
N SER A 3 -19.22 16.04 18.19
CA SER A 3 -20.48 15.51 17.68
C SER A 3 -20.54 15.64 16.16
N GLY A 4 -20.70 14.50 15.48
CA GLY A 4 -20.76 14.51 14.03
C GLY A 4 -20.36 13.18 13.43
N SER A 5 -19.34 13.19 12.59
CA SER A 5 -18.86 11.97 11.94
C SER A 5 -18.22 11.03 12.95
N SER A 6 -18.99 10.04 13.39
CA SER A 6 -18.50 9.07 14.37
C SER A 6 -18.72 7.65 13.87
N GLY A 7 -17.79 6.75 14.22
CA GLY A 7 -17.91 5.37 13.80
C GLY A 7 -16.63 4.84 13.19
N PRO A 8 -16.75 3.77 12.39
CA PRO A 8 -15.60 3.14 11.74
C PRO A 8 -15.01 4.02 10.63
N ALA A 9 -13.94 3.55 10.01
CA ALA A 9 -13.28 4.28 8.94
C ALA A 9 -13.73 3.78 7.57
N LYS A 10 -13.73 4.68 6.59
CA LYS A 10 -14.14 4.33 5.23
C LYS A 10 -13.16 4.90 4.21
N PHE A 11 -12.99 4.18 3.11
CA PHE A 11 -12.08 4.61 2.04
C PHE A 11 -12.76 5.63 1.14
N THR A 12 -12.26 6.87 1.17
CA THR A 12 -12.81 7.94 0.35
C THR A 12 -12.29 7.87 -1.08
N GLU A 13 -11.00 7.60 -1.22
CA GLU A 13 -10.36 7.50 -2.53
C GLU A 13 -9.92 6.07 -2.81
N GLY A 14 -9.71 5.30 -1.75
CA GLY A 14 -9.28 3.92 -1.91
C GLY A 14 -7.98 3.81 -2.68
N LEU A 15 -7.41 2.60 -2.70
CA LEU A 15 -6.16 2.36 -3.41
C LEU A 15 -6.33 2.57 -4.91
N ARG A 16 -5.25 2.36 -5.66
CA ARG A 16 -5.28 2.51 -7.11
C ARG A 16 -4.06 1.87 -7.76
N ASN A 17 -4.31 0.92 -8.66
CA ASN A 17 -3.24 0.22 -9.35
C ASN A 17 -2.16 1.20 -9.81
N GLU A 18 -0.92 0.74 -9.82
CA GLU A 18 0.20 1.57 -10.25
C GLU A 18 1.36 0.71 -10.74
N GLU A 19 2.38 1.36 -11.29
CA GLU A 19 3.55 0.67 -11.81
C GLU A 19 4.81 1.03 -11.02
N ALA A 20 5.89 0.31 -11.29
CA ALA A 20 7.16 0.57 -10.61
C ALA A 20 8.31 -0.13 -11.31
N VAL A 21 9.51 0.00 -10.75
CA VAL A 21 10.69 -0.62 -11.32
C VAL A 21 11.42 -1.48 -10.29
N GLU A 22 11.95 -2.61 -10.75
CA GLU A 22 12.67 -3.52 -9.86
C GLU A 22 13.71 -2.76 -9.03
N GLY A 23 13.75 -3.05 -7.74
CA GLY A 23 14.70 -2.39 -6.86
C GLY A 23 14.20 -1.05 -6.38
N ALA A 24 13.21 -0.50 -7.08
CA ALA A 24 12.63 0.79 -6.72
C ALA A 24 11.75 0.68 -5.48
N THR A 25 11.15 1.79 -5.08
CA THR A 25 10.27 1.82 -3.92
C THR A 25 8.87 2.27 -4.29
N ALA A 26 7.97 1.31 -4.48
CA ALA A 26 6.59 1.60 -4.83
C ALA A 26 5.99 2.64 -3.89
N MET A 27 4.92 3.30 -4.33
CA MET A 27 4.26 4.31 -3.52
C MET A 27 2.75 4.11 -3.53
N LEU A 28 2.22 3.60 -2.41
CA LEU A 28 0.79 3.35 -2.29
C LEU A 28 0.20 4.14 -1.12
N TRP A 29 -0.87 4.89 -1.39
CA TRP A 29 -1.53 5.68 -0.36
C TRP A 29 -3.04 5.55 -0.45
N CYS A 30 -3.73 5.90 0.63
CA CYS A 30 -5.18 5.81 0.67
C CYS A 30 -5.74 6.67 1.80
N GLU A 31 -6.78 7.44 1.49
CA GLU A 31 -7.41 8.31 2.47
C GLU A 31 -8.53 7.59 3.21
N LEU A 32 -8.90 8.11 4.38
CA LEU A 32 -9.96 7.51 5.18
C LEU A 32 -10.83 8.58 5.81
N SER A 33 -12.13 8.31 5.88
CA SER A 33 -13.08 9.25 6.46
C SER A 33 -12.60 9.74 7.82
N LYS A 34 -11.71 8.96 8.44
CA LYS A 34 -11.17 9.31 9.75
C LYS A 34 -9.87 8.55 10.02
N VAL A 35 -9.06 9.09 10.92
CA VAL A 35 -7.79 8.48 11.27
C VAL A 35 -8.00 7.16 12.03
N ALA A 36 -7.49 6.07 11.47
CA ALA A 36 -7.63 4.76 12.10
C ALA A 36 -6.46 3.85 11.72
N PRO A 37 -6.20 2.84 12.55
CA PRO A 37 -5.12 1.88 12.34
C PRO A 37 -5.40 0.96 11.15
N VAL A 38 -4.49 0.98 10.18
CA VAL A 38 -4.63 0.13 8.99
C VAL A 38 -3.60 -0.99 8.98
N GLU A 39 -3.82 -1.97 8.11
CA GLU A 39 -2.90 -3.10 8.00
C GLU A 39 -2.77 -3.55 6.55
N TRP A 40 -1.61 -3.26 5.95
CA TRP A 40 -1.35 -3.64 4.57
C TRP A 40 -1.02 -5.12 4.46
N ARG A 41 -1.57 -5.77 3.43
CA ARG A 41 -1.33 -7.19 3.21
C ARG A 41 -1.21 -7.50 1.72
N LYS A 42 -0.51 -8.58 1.40
CA LYS A 42 -0.31 -8.98 0.02
C LYS A 42 -0.60 -10.47 -0.17
N GLY A 43 -1.87 -10.78 -0.42
CA GLY A 43 -2.26 -12.18 -0.61
C GLY A 43 -1.69 -13.09 0.45
N PRO A 44 -0.85 -14.05 0.03
CA PRO A 44 -0.22 -15.00 0.94
C PRO A 44 0.82 -14.35 1.85
N GLU A 45 1.36 -13.22 1.40
CA GLU A 45 2.36 -12.49 2.18
C GLU A 45 1.69 -11.56 3.19
N ASN A 46 2.51 -10.96 4.06
CA ASN A 46 2.02 -10.05 5.07
C ASN A 46 2.85 -8.78 5.13
N LEU A 47 2.18 -7.63 5.18
CA LEU A 47 2.87 -6.34 5.25
C LEU A 47 2.57 -5.62 6.56
N ARG A 48 3.54 -4.89 7.06
CA ARG A 48 3.38 -4.15 8.31
C ARG A 48 4.58 -3.24 8.56
N ASP A 49 4.36 -2.18 9.35
CA ASP A 49 5.42 -1.23 9.66
C ASP A 49 6.58 -1.94 10.37
N GLY A 50 7.77 -1.85 9.79
CA GLY A 50 8.93 -2.48 10.38
C GLY A 50 10.23 -1.90 9.86
N ASP A 51 11.01 -2.73 9.17
CA ASP A 51 12.28 -2.29 8.61
C ASP A 51 12.22 -2.22 7.09
N ARG A 52 12.02 -3.37 6.46
CA ARG A 52 11.94 -3.43 5.00
C ARG A 52 10.67 -2.76 4.49
N TYR A 53 9.67 -2.66 5.37
CA TYR A 53 8.41 -2.04 5.01
C TYR A 53 8.21 -0.72 5.73
N ILE A 54 8.43 0.38 5.02
CA ILE A 54 8.29 1.71 5.59
C ILE A 54 6.84 2.18 5.53
N LEU A 55 6.13 2.06 6.64
CA LEU A 55 4.74 2.47 6.72
C LEU A 55 4.59 3.77 7.52
N ARG A 56 3.73 4.66 7.05
CA ARG A 56 3.50 5.93 7.72
C ARG A 56 2.02 6.29 7.73
N GLN A 57 1.62 7.15 8.65
CA GLN A 57 0.23 7.57 8.77
C GLN A 57 0.12 8.96 9.37
N GLU A 58 -0.16 9.95 8.52
CA GLU A 58 -0.29 11.33 8.97
C GLU A 58 -1.68 11.88 8.66
N GLY A 59 -2.60 11.73 9.60
CA GLY A 59 -3.95 12.22 9.42
C GLY A 59 -4.87 11.17 8.84
N THR A 60 -5.76 11.58 7.93
CA THR A 60 -6.69 10.67 7.29
C THR A 60 -6.07 10.01 6.06
N ARG A 61 -4.75 9.90 6.06
CA ARG A 61 -4.04 9.30 4.95
C ARG A 61 -2.99 8.30 5.44
N CYS A 62 -2.78 7.24 4.66
CA CYS A 62 -1.80 6.22 5.02
C CYS A 62 -0.87 5.92 3.85
N GLU A 63 0.42 6.16 4.06
CA GLU A 63 1.42 5.93 3.03
C GLU A 63 2.15 4.60 3.27
N LEU A 64 2.48 3.91 2.18
CA LEU A 64 3.18 2.64 2.27
C LEU A 64 4.35 2.58 1.30
N GLN A 65 5.50 2.13 1.78
CA GLN A 65 6.69 2.04 0.95
C GLN A 65 7.29 0.63 1.01
N ILE A 66 7.63 0.08 -0.14
CA ILE A 66 8.21 -1.25 -0.22
C ILE A 66 9.64 -1.20 -0.75
N CYS A 67 10.60 -1.13 0.16
CA CYS A 67 12.01 -1.07 -0.22
C CYS A 67 12.49 -2.43 -0.71
N GLY A 68 12.73 -2.53 -2.02
CA GLY A 68 13.19 -3.77 -2.60
C GLY A 68 12.15 -4.42 -3.50
N LEU A 69 11.74 -3.69 -4.53
CA LEU A 69 10.74 -4.20 -5.47
C LEU A 69 11.31 -5.32 -6.32
N ALA A 70 10.43 -6.19 -6.82
CA ALA A 70 10.85 -7.31 -7.65
C ALA A 70 9.66 -7.91 -8.39
N MET A 71 9.94 -8.55 -9.52
CA MET A 71 8.89 -9.17 -10.33
C MET A 71 7.80 -9.76 -9.43
N ALA A 72 8.20 -10.24 -8.26
CA ALA A 72 7.25 -10.82 -7.32
C ALA A 72 6.29 -9.76 -6.77
N ASP A 73 6.86 -8.72 -6.18
CA ASP A 73 6.06 -7.64 -5.61
C ASP A 73 4.83 -7.37 -6.47
N ALA A 74 5.02 -7.38 -7.79
CA ALA A 74 3.92 -7.14 -8.72
C ALA A 74 2.81 -8.17 -8.54
N GLY A 75 1.69 -7.74 -7.95
CA GLY A 75 0.58 -8.63 -7.72
C GLY A 75 -0.69 -7.90 -7.35
N GLU A 76 -1.10 -8.04 -6.08
CA GLU A 76 -2.31 -7.38 -5.59
C GLU A 76 -2.19 -7.05 -4.11
N TYR A 77 -2.06 -5.77 -3.80
CA TYR A 77 -1.94 -5.31 -2.42
C TYR A 77 -3.30 -4.91 -1.85
N LEU A 78 -3.52 -5.25 -0.59
CA LEU A 78 -4.78 -4.91 0.08
C LEU A 78 -4.53 -4.08 1.33
N CYS A 79 -5.33 -3.03 1.51
CA CYS A 79 -5.20 -2.16 2.66
C CYS A 79 -6.42 -2.27 3.57
N VAL A 80 -6.22 -2.86 4.75
CA VAL A 80 -7.30 -3.04 5.71
C VAL A 80 -7.37 -1.86 6.68
N CYS A 81 -8.58 -1.36 6.90
CA CYS A 81 -8.78 -0.23 7.80
C CYS A 81 -9.73 -0.60 8.93
N GLY A 82 -9.91 -1.91 9.15
CA GLY A 82 -10.81 -2.37 10.19
C GLY A 82 -11.95 -3.21 9.64
N GLN A 83 -13.07 -2.56 9.34
CA GLN A 83 -14.24 -3.25 8.82
C GLN A 83 -14.19 -3.31 7.30
N GLU A 84 -13.65 -2.27 6.68
CA GLU A 84 -13.55 -2.20 5.22
C GLU A 84 -12.12 -2.46 4.77
N ARG A 85 -11.98 -3.00 3.57
CA ARG A 85 -10.66 -3.30 3.01
C ARG A 85 -10.67 -3.18 1.49
N THR A 86 -9.64 -2.52 0.95
CA THR A 86 -9.53 -2.32 -0.49
C THR A 86 -8.30 -3.03 -1.05
N SER A 87 -8.27 -3.20 -2.36
CA SER A 87 -7.15 -3.87 -3.02
C SER A 87 -6.74 -3.11 -4.28
N ALA A 88 -5.55 -3.42 -4.79
CA ALA A 88 -5.04 -2.78 -5.99
C ALA A 88 -4.15 -3.73 -6.79
N THR A 89 -3.60 -3.23 -7.89
CA THR A 89 -2.73 -4.03 -8.73
C THR A 89 -1.45 -3.28 -9.09
N LEU A 90 -0.34 -3.70 -8.48
CA LEU A 90 0.95 -3.07 -8.73
C LEU A 90 1.72 -3.80 -9.82
N THR A 91 2.52 -3.04 -10.57
CA THR A 91 3.32 -3.62 -11.65
C THR A 91 4.80 -3.29 -11.48
N ILE A 92 5.64 -4.28 -11.73
CA ILE A 92 7.09 -4.10 -11.61
C ILE A 92 7.77 -4.13 -12.98
N ARG A 93 8.64 -3.16 -13.22
CA ARG A 93 9.35 -3.08 -14.49
C ARG A 93 10.80 -3.54 -14.33
N ALA A 94 11.14 -4.64 -14.99
CA ALA A 94 12.49 -5.19 -14.92
C ALA A 94 13.53 -4.11 -15.19
N LEU A 95 14.44 -3.91 -14.24
CA LEU A 95 15.48 -2.91 -14.37
C LEU A 95 16.14 -2.99 -15.76
N PRO A 96 16.52 -1.83 -16.29
CA PRO A 96 17.17 -1.74 -17.61
C PRO A 96 18.58 -2.31 -17.60
N SER A 97 18.69 -3.62 -17.82
CA SER A 97 19.99 -4.29 -17.83
C SER A 97 19.95 -5.51 -18.74
N GLY A 98 20.92 -5.59 -19.65
CA GLY A 98 20.99 -6.72 -20.57
C GLY A 98 19.71 -6.89 -21.36
N PRO A 99 19.45 -5.95 -22.28
CA PRO A 99 18.25 -5.97 -23.13
C PRO A 99 18.30 -7.11 -24.16
N SER A 100 17.76 -8.26 -23.78
CA SER A 100 17.74 -9.42 -24.66
C SER A 100 16.31 -9.89 -24.91
N SER A 101 15.68 -9.34 -25.95
CA SER A 101 14.30 -9.70 -26.28
C SER A 101 14.25 -11.10 -26.89
N GLY A 102 13.32 -11.91 -26.39
CA GLY A 102 13.17 -13.26 -26.89
C GLY A 102 12.64 -14.22 -25.84
N GLY A 1 -17.39 -3.91 23.89
CA GLY A 1 -16.76 -2.66 24.30
C GLY A 1 -15.72 -2.19 23.30
N SER A 2 -16.11 -1.24 22.44
CA SER A 2 -15.21 -0.71 21.44
C SER A 2 -15.00 0.79 21.65
N SER A 3 -13.98 1.33 21.00
CA SER A 3 -13.67 2.76 21.10
C SER A 3 -14.09 3.50 19.84
N GLY A 4 -15.37 3.85 19.77
CA GLY A 4 -15.88 4.56 18.61
C GLY A 4 -17.36 4.87 18.71
N SER A 5 -17.73 6.12 18.43
CA SER A 5 -19.13 6.53 18.51
C SER A 5 -19.62 7.00 17.14
N SER A 6 -19.00 8.05 16.62
CA SER A 6 -19.38 8.60 15.33
C SER A 6 -19.50 7.49 14.28
N GLY A 7 -18.40 6.77 14.07
CA GLY A 7 -18.40 5.70 13.10
C GLY A 7 -16.99 5.26 12.73
N PRO A 8 -16.88 4.09 12.07
CA PRO A 8 -15.59 3.54 11.64
C PRO A 8 -14.96 4.36 10.52
N ALA A 9 -13.83 3.87 10.00
CA ALA A 9 -13.13 4.54 8.92
C ALA A 9 -13.49 3.94 7.56
N LYS A 10 -14.16 4.73 6.72
CA LYS A 10 -14.55 4.26 5.40
C LYS A 10 -13.67 4.88 4.32
N PHE A 11 -13.10 4.02 3.48
CA PHE A 11 -12.23 4.48 2.40
C PHE A 11 -12.95 5.50 1.51
N THR A 12 -12.34 6.67 1.37
CA THR A 12 -12.92 7.73 0.54
C THR A 12 -12.37 7.70 -0.87
N GLU A 13 -11.05 7.53 -0.99
CA GLU A 13 -10.39 7.49 -2.28
C GLU A 13 -9.97 6.06 -2.63
N GLY A 14 -9.72 5.26 -1.60
CA GLY A 14 -9.31 3.89 -1.81
C GLY A 14 -8.00 3.78 -2.56
N LEU A 15 -7.45 2.57 -2.64
CA LEU A 15 -6.19 2.34 -3.34
C LEU A 15 -6.34 2.63 -4.83
N ARG A 16 -5.23 2.50 -5.56
CA ARG A 16 -5.23 2.75 -7.00
C ARG A 16 -4.05 2.03 -7.67
N ASN A 17 -4.36 1.22 -8.68
CA ASN A 17 -3.32 0.48 -9.40
C ASN A 17 -2.17 1.41 -9.79
N GLU A 18 -0.97 1.06 -9.35
CA GLU A 18 0.21 1.86 -9.66
C GLU A 18 1.35 0.98 -10.17
N GLU A 19 2.40 1.61 -10.67
CA GLU A 19 3.56 0.88 -11.19
C GLU A 19 4.86 1.52 -10.72
N ALA A 20 5.95 0.76 -10.83
CA ALA A 20 7.26 1.26 -10.41
C ALA A 20 8.38 0.48 -11.11
N VAL A 21 9.62 0.84 -10.80
CA VAL A 21 10.78 0.18 -11.39
C VAL A 21 11.46 -0.74 -10.39
N GLU A 22 11.96 -1.87 -10.87
CA GLU A 22 12.63 -2.84 -10.02
C GLU A 22 13.70 -2.17 -9.16
N GLY A 23 13.85 -2.64 -7.93
CA GLY A 23 14.84 -2.07 -7.03
C GLY A 23 14.33 -0.85 -6.31
N ALA A 24 13.53 -0.03 -7.01
CA ALA A 24 12.98 1.18 -6.42
C ALA A 24 11.99 0.84 -5.31
N THR A 25 11.39 1.88 -4.73
CA THR A 25 10.43 1.70 -3.65
C THR A 25 9.03 2.13 -4.09
N ALA A 26 8.17 1.16 -4.35
CA ALA A 26 6.80 1.44 -4.77
C ALA A 26 6.16 2.48 -3.86
N MET A 27 5.00 2.99 -4.28
CA MET A 27 4.28 3.99 -3.50
C MET A 27 2.78 3.76 -3.57
N LEU A 28 2.18 3.37 -2.46
CA LEU A 28 0.75 3.10 -2.40
C LEU A 28 0.12 3.78 -1.18
N TRP A 29 -0.80 4.69 -1.43
CA TRP A 29 -1.48 5.40 -0.36
C TRP A 29 -2.99 5.26 -0.46
N CYS A 30 -3.70 5.55 0.62
CA CYS A 30 -5.15 5.44 0.65
C CYS A 30 -5.75 6.40 1.68
N GLU A 31 -6.93 6.91 1.39
CA GLU A 31 -7.61 7.84 2.28
C GLU A 31 -8.73 7.14 3.06
N LEU A 32 -9.04 7.64 4.24
CA LEU A 32 -10.09 7.07 5.07
C LEU A 32 -10.96 8.16 5.68
N SER A 33 -12.26 7.87 5.83
CA SER A 33 -13.19 8.83 6.40
C SER A 33 -12.67 9.36 7.73
N LYS A 34 -11.74 8.65 8.33
CA LYS A 34 -11.16 9.05 9.60
C LYS A 34 -9.84 8.31 9.86
N VAL A 35 -8.86 9.03 10.41
CA VAL A 35 -7.56 8.45 10.71
C VAL A 35 -7.71 7.18 11.53
N ALA A 36 -7.11 6.09 11.04
CA ALA A 36 -7.17 4.81 11.73
C ALA A 36 -5.99 3.92 11.36
N PRO A 37 -5.69 2.95 12.22
CA PRO A 37 -4.57 2.01 12.00
C PRO A 37 -4.83 1.05 10.84
N VAL A 38 -4.19 1.30 9.71
CA VAL A 38 -4.35 0.46 8.53
C VAL A 38 -3.42 -0.75 8.58
N GLU A 39 -3.76 -1.78 7.82
CA GLU A 39 -2.95 -2.99 7.78
C GLU A 39 -2.75 -3.47 6.34
N TRP A 40 -1.55 -3.28 5.83
CA TRP A 40 -1.22 -3.69 4.47
C TRP A 40 -1.01 -5.20 4.38
N ARG A 41 -1.57 -5.82 3.36
CA ARG A 41 -1.44 -7.26 3.17
C ARG A 41 -1.30 -7.60 1.69
N LYS A 42 -0.64 -8.72 1.41
CA LYS A 42 -0.42 -9.17 0.04
C LYS A 42 -0.91 -10.60 -0.15
N GLY A 43 -2.17 -10.76 -0.51
CA GLY A 43 -2.72 -12.09 -0.72
C GLY A 43 -2.38 -13.04 0.42
N PRO A 44 -1.65 -14.11 0.10
CA PRO A 44 -1.24 -15.12 1.10
C PRO A 44 -0.23 -14.57 2.09
N GLU A 45 0.51 -13.54 1.68
CA GLU A 45 1.52 -12.93 2.55
C GLU A 45 0.87 -11.94 3.51
N ASN A 46 1.70 -11.36 4.38
CA ASN A 46 1.21 -10.40 5.36
C ASN A 46 2.23 -9.28 5.58
N LEU A 47 1.77 -8.04 5.45
CA LEU A 47 2.64 -6.88 5.63
C LEU A 47 2.29 -6.13 6.92
N ARG A 48 3.23 -5.33 7.40
CA ARG A 48 3.02 -4.56 8.62
C ARG A 48 4.19 -3.62 8.88
N ASP A 49 3.95 -2.57 9.67
CA ASP A 49 4.98 -1.61 9.99
C ASP A 49 6.16 -2.28 10.70
N GLY A 50 7.25 -2.47 9.95
CA GLY A 50 8.43 -3.11 10.51
C GLY A 50 9.72 -2.46 10.05
N ASP A 51 10.48 -3.19 9.24
CA ASP A 51 11.74 -2.68 8.72
C ASP A 51 11.76 -2.74 7.19
N ARG A 52 11.12 -3.76 6.63
CA ARG A 52 11.06 -3.92 5.19
C ARG A 52 9.93 -3.10 4.59
N TYR A 53 8.89 -2.86 5.39
CA TYR A 53 7.73 -2.10 4.93
C TYR A 53 7.63 -0.78 5.68
N ILE A 54 8.09 0.30 5.05
CA ILE A 54 8.05 1.62 5.66
C ILE A 54 6.66 2.25 5.52
N LEU A 55 5.87 2.13 6.57
CA LEU A 55 4.51 2.69 6.57
C LEU A 55 4.51 4.10 7.15
N ARG A 56 3.54 4.90 6.73
CA ARG A 56 3.42 6.27 7.21
C ARG A 56 1.95 6.68 7.32
N GLN A 57 1.67 7.59 8.24
CA GLN A 57 0.31 8.07 8.46
C GLN A 57 0.31 9.47 9.05
N GLU A 58 -0.31 10.41 8.34
CA GLU A 58 -0.38 11.80 8.80
C GLU A 58 -1.83 12.22 9.03
N GLY A 59 -2.69 11.23 9.27
CA GLY A 59 -4.09 11.53 9.51
C GLY A 59 -5.02 10.54 8.82
N THR A 60 -5.79 11.04 7.86
CA THR A 60 -6.72 10.20 7.12
C THR A 60 -6.07 9.61 5.87
N ARG A 61 -4.74 9.52 5.90
CA ARG A 61 -3.99 8.98 4.78
C ARG A 61 -2.88 8.05 5.26
N CYS A 62 -2.73 6.91 4.60
CA CYS A 62 -1.71 5.94 4.97
C CYS A 62 -0.83 5.61 3.77
N GLU A 63 0.46 5.93 3.88
CA GLU A 63 1.40 5.66 2.80
C GLU A 63 2.21 4.39 3.08
N LEU A 64 2.49 3.63 2.03
CA LEU A 64 3.25 2.39 2.16
C LEU A 64 4.44 2.38 1.21
N GLN A 65 5.60 1.98 1.72
CA GLN A 65 6.81 1.93 0.92
C GLN A 65 7.43 0.54 0.97
N ILE A 66 7.50 -0.12 -0.18
CA ILE A 66 8.08 -1.45 -0.27
C ILE A 66 9.56 -1.40 -0.63
N CYS A 67 10.41 -1.41 0.38
CA CYS A 67 11.85 -1.36 0.18
C CYS A 67 12.34 -2.61 -0.56
N GLY A 68 12.91 -2.40 -1.74
CA GLY A 68 13.41 -3.51 -2.53
C GLY A 68 12.35 -4.10 -3.44
N LEU A 69 12.04 -3.39 -4.52
CA LEU A 69 11.03 -3.84 -5.47
C LEU A 69 11.59 -4.93 -6.38
N ALA A 70 10.71 -5.73 -6.95
CA ALA A 70 11.12 -6.81 -7.85
C ALA A 70 9.91 -7.42 -8.55
N MET A 71 10.16 -8.06 -9.70
CA MET A 71 9.09 -8.69 -10.47
C MET A 71 8.05 -9.30 -9.55
N ALA A 72 8.50 -9.94 -8.49
CA ALA A 72 7.61 -10.57 -7.53
C ALA A 72 6.68 -9.54 -6.88
N ASP A 73 7.28 -8.46 -6.37
CA ASP A 73 6.50 -7.40 -5.73
C ASP A 73 5.22 -7.12 -6.50
N ALA A 74 5.31 -7.15 -7.83
CA ALA A 74 4.15 -6.89 -8.68
C ALA A 74 3.05 -7.91 -8.41
N GLY A 75 1.91 -7.42 -7.93
CA GLY A 75 0.79 -8.30 -7.65
C GLY A 75 -0.46 -7.54 -7.26
N GLU A 76 -1.00 -7.82 -6.08
CA GLU A 76 -2.20 -7.16 -5.61
C GLU A 76 -2.12 -6.89 -4.11
N TYR A 77 -1.97 -5.62 -3.74
CA TYR A 77 -1.88 -5.23 -2.34
C TYR A 77 -3.25 -4.83 -1.79
N LEU A 78 -3.51 -5.21 -0.55
CA LEU A 78 -4.79 -4.89 0.10
C LEU A 78 -4.56 -4.16 1.41
N CYS A 79 -5.38 -3.15 1.67
CA CYS A 79 -5.28 -2.36 2.89
C CYS A 79 -6.55 -2.47 3.72
N VAL A 80 -6.44 -3.10 4.88
CA VAL A 80 -7.58 -3.28 5.77
C VAL A 80 -7.63 -2.18 6.83
N CYS A 81 -8.82 -1.67 7.08
CA CYS A 81 -9.00 -0.61 8.08
C CYS A 81 -10.48 -0.28 8.27
N GLY A 82 -10.83 0.16 9.47
CA GLY A 82 -12.22 0.50 9.76
C GLY A 82 -13.19 -0.50 9.19
N GLN A 83 -13.19 -1.71 9.74
CA GLN A 83 -14.08 -2.77 9.28
C GLN A 83 -14.20 -2.75 7.76
N GLU A 84 -13.18 -2.23 7.09
CA GLU A 84 -13.18 -2.15 5.63
C GLU A 84 -11.86 -2.66 5.06
N ARG A 85 -11.76 -2.68 3.74
CA ARG A 85 -10.55 -3.14 3.06
C ARG A 85 -10.61 -2.84 1.57
N THR A 86 -9.48 -2.46 1.00
CA THR A 86 -9.40 -2.15 -0.42
C THR A 86 -8.25 -2.89 -1.08
N SER A 87 -8.47 -3.34 -2.32
CA SER A 87 -7.44 -4.07 -3.06
C SER A 87 -7.03 -3.29 -4.31
N ALA A 88 -5.77 -3.43 -4.69
CA ALA A 88 -5.24 -2.75 -5.86
C ALA A 88 -4.30 -3.65 -6.66
N THR A 89 -3.73 -3.12 -7.73
CA THR A 89 -2.81 -3.88 -8.57
C THR A 89 -1.53 -3.10 -8.82
N LEU A 90 -0.40 -3.64 -8.36
CA LEU A 90 0.89 -2.99 -8.54
C LEU A 90 1.61 -3.55 -9.76
N THR A 91 2.41 -2.70 -10.41
CA THR A 91 3.16 -3.11 -11.59
C THR A 91 4.64 -2.80 -11.43
N ILE A 92 5.49 -3.75 -11.83
CA ILE A 92 6.92 -3.58 -11.73
C ILE A 92 7.56 -3.46 -13.11
N ARG A 93 8.67 -2.74 -13.19
CA ARG A 93 9.37 -2.53 -14.45
C ARG A 93 10.80 -3.04 -14.37
N ALA A 94 11.13 -4.03 -15.20
CA ALA A 94 12.47 -4.59 -15.21
C ALA A 94 13.53 -3.52 -15.41
N LEU A 95 14.40 -3.37 -14.42
CA LEU A 95 15.47 -2.37 -14.49
C LEU A 95 16.21 -2.44 -15.81
N PRO A 96 16.88 -1.34 -16.18
CA PRO A 96 17.64 -1.26 -17.43
C PRO A 96 18.89 -2.13 -17.41
N SER A 97 19.07 -2.86 -16.32
CA SER A 97 20.24 -3.74 -16.17
C SER A 97 21.50 -2.93 -15.93
N GLY A 98 21.46 -2.04 -14.94
CA GLY A 98 22.61 -1.23 -14.62
C GLY A 98 22.45 0.21 -15.08
N PRO A 99 21.61 0.97 -14.34
CA PRO A 99 21.34 2.38 -14.65
C PRO A 99 22.55 3.27 -14.40
N SER A 100 23.48 2.78 -13.56
CA SER A 100 24.68 3.53 -13.23
C SER A 100 25.87 3.05 -14.05
N SER A 101 27.01 3.72 -13.89
CA SER A 101 28.22 3.36 -14.61
C SER A 101 28.79 2.05 -14.07
N GLY A 102 29.08 2.03 -12.77
CA GLY A 102 29.64 0.84 -12.16
C GLY A 102 30.48 1.15 -10.94
N GLY A 1 -25.02 17.33 25.72
CA GLY A 1 -25.22 15.92 25.96
C GLY A 1 -24.13 15.07 25.34
N SER A 2 -24.28 13.75 25.42
CA SER A 2 -23.29 12.83 24.86
C SER A 2 -22.70 13.38 23.58
N SER A 3 -23.57 13.75 22.64
CA SER A 3 -23.13 14.30 21.36
C SER A 3 -21.91 13.53 20.84
N GLY A 4 -21.94 12.21 20.97
CA GLY A 4 -20.84 11.39 20.51
C GLY A 4 -21.30 10.21 19.67
N SER A 5 -20.37 9.59 18.96
CA SER A 5 -20.67 8.45 18.11
C SER A 5 -19.41 7.68 17.76
N SER A 6 -19.52 6.34 17.78
CA SER A 6 -18.38 5.49 17.45
C SER A 6 -18.56 4.84 16.08
N GLY A 7 -17.94 5.43 15.07
CA GLY A 7 -18.04 4.90 13.72
C GLY A 7 -16.70 4.48 13.16
N PRO A 8 -16.69 3.40 12.36
CA PRO A 8 -15.47 2.87 11.75
C PRO A 8 -14.92 3.79 10.66
N ALA A 9 -13.75 3.45 10.14
CA ALA A 9 -13.11 4.24 9.10
C ALA A 9 -13.44 3.70 7.72
N LYS A 10 -14.07 4.53 6.89
CA LYS A 10 -14.43 4.13 5.53
C LYS A 10 -13.39 4.61 4.53
N PHE A 11 -13.38 3.99 3.36
CA PHE A 11 -12.44 4.35 2.30
C PHE A 11 -13.04 5.40 1.37
N THR A 12 -12.46 6.59 1.39
CA THR A 12 -12.95 7.69 0.55
C THR A 12 -12.30 7.65 -0.82
N GLU A 13 -11.00 7.37 -0.85
CA GLU A 13 -10.27 7.29 -2.11
C GLU A 13 -9.91 5.84 -2.46
N GLY A 14 -9.43 5.11 -1.46
CA GLY A 14 -9.05 3.73 -1.67
C GLY A 14 -7.75 3.59 -2.42
N LEU A 15 -7.23 2.36 -2.48
CA LEU A 15 -5.97 2.10 -3.17
C LEU A 15 -6.12 2.26 -4.68
N ARG A 16 -5.01 2.47 -5.36
CA ARG A 16 -5.01 2.65 -6.81
C ARG A 16 -3.89 1.85 -7.46
N ASN A 17 -4.18 1.23 -8.60
CA ASN A 17 -3.18 0.45 -9.32
C ASN A 17 -2.07 1.35 -9.86
N GLU A 18 -0.83 0.95 -9.61
CA GLU A 18 0.32 1.71 -10.08
C GLU A 18 1.46 0.77 -10.50
N GLU A 19 2.56 1.37 -10.95
CA GLU A 19 3.72 0.59 -11.39
C GLU A 19 5.01 1.15 -10.79
N ALA A 20 6.08 0.38 -10.88
CA ALA A 20 7.37 0.79 -10.35
C ALA A 20 8.51 -0.01 -10.98
N VAL A 21 9.72 0.53 -10.92
CA VAL A 21 10.89 -0.15 -11.47
C VAL A 21 11.57 -1.01 -10.42
N GLU A 22 12.17 -2.11 -10.86
CA GLU A 22 12.87 -3.02 -9.96
C GLU A 22 13.86 -2.26 -9.09
N GLY A 23 13.95 -2.65 -7.82
CA GLY A 23 14.86 -2.00 -6.90
C GLY A 23 14.29 -0.71 -6.32
N ALA A 24 13.52 0.01 -7.13
CA ALA A 24 12.92 1.25 -6.69
C ALA A 24 11.99 1.03 -5.50
N THR A 25 11.38 2.11 -5.01
CA THR A 25 10.47 2.03 -3.88
C THR A 25 9.08 2.51 -4.26
N ALA A 26 8.16 1.56 -4.46
CA ALA A 26 6.79 1.88 -4.84
C ALA A 26 6.20 2.92 -3.88
N MET A 27 4.93 3.26 -4.09
CA MET A 27 4.25 4.24 -3.25
C MET A 27 2.75 4.03 -3.28
N LEU A 28 2.20 3.47 -2.20
CA LEU A 28 0.77 3.22 -2.11
C LEU A 28 0.15 4.01 -0.95
N TRP A 29 -0.80 4.89 -1.28
CA TRP A 29 -1.46 5.69 -0.27
C TRP A 29 -2.98 5.62 -0.43
N CYS A 30 -3.69 5.91 0.65
CA CYS A 30 -5.16 5.88 0.63
C CYS A 30 -5.73 6.74 1.74
N GLU A 31 -6.87 7.38 1.46
CA GLU A 31 -7.52 8.24 2.45
C GLU A 31 -8.67 7.51 3.12
N LEU A 32 -9.06 8.00 4.30
CA LEU A 32 -10.15 7.39 5.06
C LEU A 32 -11.01 8.45 5.72
N SER A 33 -12.30 8.16 5.86
CA SER A 33 -13.24 9.09 6.47
C SER A 33 -12.66 9.68 7.76
N LYS A 34 -11.79 8.91 8.41
CA LYS A 34 -11.17 9.34 9.65
C LYS A 34 -9.93 8.50 9.97
N VAL A 35 -8.86 9.17 10.33
CA VAL A 35 -7.60 8.48 10.66
C VAL A 35 -7.87 7.22 11.48
N ALA A 36 -7.25 6.12 11.07
CA ALA A 36 -7.42 4.85 11.76
C ALA A 36 -6.27 3.90 11.43
N PRO A 37 -6.06 2.91 12.32
CA PRO A 37 -5.00 1.91 12.14
C PRO A 37 -5.29 0.95 10.99
N VAL A 38 -4.57 1.13 9.89
CA VAL A 38 -4.75 0.28 8.72
C VAL A 38 -3.84 -0.95 8.78
N GLU A 39 -4.07 -1.90 7.89
CA GLU A 39 -3.28 -3.12 7.84
C GLU A 39 -3.03 -3.56 6.39
N TRP A 40 -1.80 -3.39 5.94
CA TRP A 40 -1.44 -3.76 4.58
C TRP A 40 -1.15 -5.25 4.49
N ARG A 41 -1.69 -5.90 3.45
CA ARG A 41 -1.48 -7.33 3.25
C ARG A 41 -1.42 -7.66 1.76
N LYS A 42 -0.76 -8.77 1.44
CA LYS A 42 -0.62 -9.20 0.05
C LYS A 42 -1.15 -10.62 -0.13
N GLY A 43 -2.46 -10.73 -0.38
CA GLY A 43 -3.07 -12.03 -0.57
C GLY A 43 -2.75 -12.99 0.55
N PRO A 44 -2.11 -14.11 0.21
CA PRO A 44 -1.73 -15.14 1.18
C PRO A 44 -0.62 -14.67 2.12
N GLU A 45 -0.04 -13.53 1.80
CA GLU A 45 1.04 -12.97 2.62
C GLU A 45 0.50 -11.95 3.62
N ASN A 46 1.33 -11.60 4.59
CA ASN A 46 0.93 -10.63 5.61
C ASN A 46 1.99 -9.55 5.79
N LEU A 47 1.67 -8.34 5.32
CA LEU A 47 2.60 -7.23 5.42
C LEU A 47 2.31 -6.39 6.66
N ARG A 48 3.29 -5.57 7.05
CA ARG A 48 3.14 -4.72 8.22
C ARG A 48 4.35 -3.80 8.38
N ASP A 49 4.20 -2.78 9.22
CA ASP A 49 5.28 -1.83 9.46
C ASP A 49 6.56 -2.55 9.86
N GLY A 50 7.49 -2.66 8.92
CA GLY A 50 8.75 -3.32 9.19
C GLY A 50 9.93 -2.60 8.58
N ASP A 51 11.14 -3.01 8.96
CA ASP A 51 12.35 -2.40 8.45
C ASP A 51 12.27 -2.19 6.94
N ARG A 52 12.08 -3.28 6.21
CA ARG A 52 11.97 -3.21 4.76
C ARG A 52 10.72 -2.45 4.32
N TYR A 53 9.61 -2.74 4.99
CA TYR A 53 8.34 -2.09 4.69
C TYR A 53 8.19 -0.79 5.46
N ILE A 54 8.45 0.32 4.77
CA ILE A 54 8.35 1.64 5.40
C ILE A 54 6.93 2.16 5.35
N LEU A 55 6.21 1.99 6.46
CA LEU A 55 4.82 2.44 6.54
C LEU A 55 4.73 3.79 7.27
N ARG A 56 3.77 4.61 6.86
CA ARG A 56 3.57 5.92 7.47
C ARG A 56 2.10 6.32 7.43
N GLN A 57 1.70 7.17 8.38
CA GLN A 57 0.33 7.62 8.46
C GLN A 57 0.26 9.07 8.95
N GLU A 58 -0.13 9.97 8.06
CA GLU A 58 -0.23 11.38 8.39
C GLU A 58 -1.69 11.79 8.62
N GLY A 59 -2.42 10.95 9.34
CA GLY A 59 -3.82 11.23 9.62
C GLY A 59 -4.76 10.32 8.86
N THR A 60 -5.72 10.91 8.16
CA THR A 60 -6.68 10.13 7.38
C THR A 60 -6.01 9.41 6.23
N ARG A 61 -5.01 10.04 5.65
CA ARG A 61 -4.27 9.44 4.53
C ARG A 61 -3.10 8.62 5.03
N CYS A 62 -2.87 7.47 4.38
CA CYS A 62 -1.78 6.58 4.76
C CYS A 62 -0.70 6.57 3.69
N GLU A 63 0.38 5.83 3.95
CA GLU A 63 1.48 5.72 3.00
C GLU A 63 2.26 4.43 3.22
N LEU A 64 2.50 3.69 2.14
CA LEU A 64 3.23 2.44 2.21
C LEU A 64 4.37 2.41 1.20
N GLN A 65 5.58 2.15 1.68
CA GLN A 65 6.75 2.11 0.80
C GLN A 65 7.40 0.72 0.85
N ILE A 66 7.49 0.09 -0.31
CA ILE A 66 8.09 -1.23 -0.41
C ILE A 66 9.55 -1.15 -0.83
N CYS A 67 10.43 -1.05 0.16
CA CYS A 67 11.87 -0.96 -0.10
C CYS A 67 12.39 -2.24 -0.74
N GLY A 68 12.91 -2.11 -1.97
CA GLY A 68 13.43 -3.27 -2.67
C GLY A 68 12.39 -3.92 -3.56
N LEU A 69 12.00 -3.22 -4.62
CA LEU A 69 10.99 -3.75 -5.55
C LEU A 69 11.57 -4.89 -6.39
N ALA A 70 10.69 -5.74 -6.90
CA ALA A 70 11.11 -6.86 -7.73
C ALA A 70 9.92 -7.50 -8.42
N MET A 71 10.18 -8.17 -9.55
CA MET A 71 9.13 -8.83 -10.30
C MET A 71 8.08 -9.46 -9.38
N ALA A 72 8.56 -10.05 -8.29
CA ALA A 72 7.68 -10.69 -7.32
C ALA A 72 6.72 -9.68 -6.72
N ASP A 73 7.25 -8.56 -6.24
CA ASP A 73 6.43 -7.52 -5.64
C ASP A 73 5.13 -7.34 -6.42
N ALA A 74 5.22 -7.38 -7.74
CA ALA A 74 4.06 -7.23 -8.60
C ALA A 74 2.95 -8.20 -8.19
N GLY A 75 1.78 -7.66 -7.87
CA GLY A 75 0.65 -8.49 -7.47
C GLY A 75 -0.57 -7.67 -7.12
N GLU A 76 -1.23 -8.04 -6.03
CA GLU A 76 -2.42 -7.35 -5.57
C GLU A 76 -2.34 -7.02 -4.09
N TYR A 77 -2.07 -5.76 -3.78
CA TYR A 77 -1.95 -5.31 -2.40
C TYR A 77 -3.32 -4.93 -1.84
N LEU A 78 -3.54 -5.25 -0.57
CA LEU A 78 -4.81 -4.94 0.09
C LEU A 78 -4.57 -4.16 1.38
N CYS A 79 -5.49 -3.25 1.70
CA CYS A 79 -5.39 -2.45 2.92
C CYS A 79 -6.64 -2.59 3.78
N VAL A 80 -6.52 -3.33 4.87
CA VAL A 80 -7.65 -3.54 5.78
C VAL A 80 -7.69 -2.48 6.86
N CYS A 81 -8.84 -1.83 7.02
CA CYS A 81 -9.00 -0.79 8.04
C CYS A 81 -10.31 -0.97 8.78
N GLY A 82 -10.29 -1.82 9.81
CA GLY A 82 -11.50 -2.05 10.60
C GLY A 82 -12.35 -3.16 10.02
N GLN A 83 -13.37 -2.78 9.26
CA GLN A 83 -14.27 -3.76 8.65
C GLN A 83 -14.21 -3.67 7.13
N GLU A 84 -13.76 -2.52 6.62
CA GLU A 84 -13.65 -2.31 5.18
C GLU A 84 -12.21 -2.48 4.70
N ARG A 85 -12.04 -2.98 3.49
CA ARG A 85 -10.72 -3.19 2.92
C ARG A 85 -10.73 -2.97 1.41
N THR A 86 -9.67 -2.36 0.89
CA THR A 86 -9.56 -2.09 -0.54
C THR A 86 -8.37 -2.82 -1.15
N SER A 87 -8.52 -3.24 -2.39
CA SER A 87 -7.46 -3.96 -3.10
C SER A 87 -7.01 -3.19 -4.34
N ALA A 88 -5.75 -3.39 -4.72
CA ALA A 88 -5.20 -2.72 -5.90
C ALA A 88 -4.22 -3.63 -6.64
N THR A 89 -3.73 -3.16 -7.78
CA THR A 89 -2.79 -3.93 -8.58
C THR A 89 -1.53 -3.14 -8.84
N LEU A 90 -0.38 -3.73 -8.53
CA LEU A 90 0.90 -3.07 -8.73
C LEU A 90 1.67 -3.73 -9.88
N THR A 91 2.47 -2.93 -10.58
CA THR A 91 3.26 -3.44 -11.70
C THR A 91 4.74 -3.17 -11.48
N ILE A 92 5.58 -4.11 -11.92
CA ILE A 92 7.03 -3.97 -11.76
C ILE A 92 7.71 -3.94 -13.13
N ARG A 93 8.69 -3.05 -13.27
CA ARG A 93 9.42 -2.90 -14.53
C ARG A 93 10.84 -3.44 -14.38
N ALA A 94 11.13 -4.53 -15.07
CA ALA A 94 12.45 -5.15 -15.02
C ALA A 94 13.53 -4.16 -15.45
N LEU A 95 14.50 -3.92 -14.57
CA LEU A 95 15.59 -2.99 -14.86
C LEU A 95 16.30 -3.37 -16.15
N PRO A 96 16.93 -2.37 -16.79
CA PRO A 96 17.66 -2.57 -18.05
C PRO A 96 18.93 -3.39 -17.85
N SER A 97 18.94 -4.61 -18.38
CA SER A 97 20.10 -5.50 -18.26
C SER A 97 20.21 -6.41 -19.47
N GLY A 98 21.17 -6.10 -20.34
CA GLY A 98 21.37 -6.91 -21.54
C GLY A 98 21.53 -6.06 -22.78
N PRO A 99 20.40 -5.63 -23.36
CA PRO A 99 20.39 -4.81 -24.57
C PRO A 99 20.91 -3.39 -24.32
N SER A 100 21.33 -3.14 -23.08
CA SER A 100 21.85 -1.83 -22.71
C SER A 100 22.60 -1.19 -23.87
N SER A 101 23.50 -1.96 -24.47
CA SER A 101 24.30 -1.47 -25.59
C SER A 101 23.90 -2.18 -26.88
N GLY A 102 24.22 -1.55 -28.02
CA GLY A 102 23.88 -2.12 -29.31
C GLY A 102 24.01 -1.13 -30.44
N GLY A 1 -24.79 7.84 19.44
CA GLY A 1 -24.84 8.06 18.00
C GLY A 1 -25.68 7.02 17.29
N SER A 2 -26.74 7.47 16.64
CA SER A 2 -27.63 6.57 15.91
C SER A 2 -27.00 6.11 14.60
N SER A 3 -26.43 7.06 13.86
CA SER A 3 -25.79 6.76 12.59
C SER A 3 -24.42 6.12 12.80
N GLY A 4 -23.54 6.84 13.51
CA GLY A 4 -22.21 6.32 13.78
C GLY A 4 -21.24 7.42 14.16
N SER A 5 -21.16 7.73 15.45
CA SER A 5 -20.27 8.78 15.93
C SER A 5 -18.95 8.17 16.41
N SER A 6 -17.84 8.76 15.98
CA SER A 6 -16.52 8.29 16.36
C SER A 6 -16.39 6.79 16.09
N GLY A 7 -16.99 6.33 15.01
CA GLY A 7 -16.93 4.91 14.66
C GLY A 7 -15.69 4.57 13.87
N PRO A 8 -15.78 3.50 13.06
CA PRO A 8 -14.65 3.04 12.23
C PRO A 8 -14.35 3.99 11.09
N ALA A 9 -13.42 3.61 10.22
CA ALA A 9 -13.04 4.43 9.08
C ALA A 9 -13.36 3.72 7.77
N LYS A 10 -13.81 4.50 6.78
CA LYS A 10 -14.15 3.96 5.48
C LYS A 10 -13.32 4.60 4.38
N PHE A 11 -12.67 3.78 3.56
CA PHE A 11 -11.84 4.27 2.48
C PHE A 11 -12.64 5.19 1.56
N THR A 12 -12.28 6.47 1.54
CA THR A 12 -12.97 7.44 0.70
C THR A 12 -12.45 7.41 -0.72
N GLU A 13 -11.13 7.26 -0.86
CA GLU A 13 -10.49 7.22 -2.18
C GLU A 13 -10.04 5.81 -2.51
N GLY A 14 -9.82 5.00 -1.48
CA GLY A 14 -9.38 3.63 -1.69
C GLY A 14 -8.06 3.55 -2.43
N LEU A 15 -7.52 2.35 -2.55
CA LEU A 15 -6.25 2.14 -3.24
C LEU A 15 -6.40 2.41 -4.74
N ARG A 16 -5.28 2.37 -5.46
CA ARG A 16 -5.29 2.62 -6.89
C ARG A 16 -4.07 1.98 -7.56
N ASN A 17 -4.34 1.11 -8.53
CA ASN A 17 -3.27 0.42 -9.24
C ASN A 17 -2.19 1.40 -9.68
N GLU A 18 -0.96 1.16 -9.23
CA GLU A 18 0.17 2.02 -9.57
C GLU A 18 1.28 1.23 -10.26
N GLU A 19 2.31 1.93 -10.70
CA GLU A 19 3.44 1.30 -11.38
C GLU A 19 4.75 1.60 -10.65
N ALA A 20 5.79 0.85 -11.00
CA ALA A 20 7.10 1.03 -10.39
C ALA A 20 8.18 0.25 -11.12
N VAL A 21 9.43 0.57 -10.85
CA VAL A 21 10.55 -0.11 -11.49
C VAL A 21 11.30 -1.00 -10.50
N GLU A 22 11.76 -2.14 -10.98
CA GLU A 22 12.49 -3.09 -10.13
C GLU A 22 13.51 -2.35 -9.26
N GLY A 23 13.69 -2.83 -8.03
CA GLY A 23 14.63 -2.21 -7.12
C GLY A 23 14.06 -0.99 -6.43
N ALA A 24 13.30 -0.20 -7.18
CA ALA A 24 12.68 1.01 -6.63
C ALA A 24 11.78 0.68 -5.45
N THR A 25 11.13 1.70 -4.91
CA THR A 25 10.23 1.52 -3.77
C THR A 25 8.81 1.94 -4.10
N ALA A 26 7.91 0.98 -4.13
CA ALA A 26 6.51 1.26 -4.44
C ALA A 26 5.94 2.32 -3.52
N MET A 27 4.92 3.03 -3.99
CA MET A 27 4.29 4.09 -3.20
C MET A 27 2.77 3.95 -3.23
N LEU A 28 2.21 3.36 -2.19
CA LEU A 28 0.77 3.17 -2.10
C LEU A 28 0.17 4.03 -0.98
N TRP A 29 -0.86 4.79 -1.32
CA TRP A 29 -1.51 5.67 -0.35
C TRP A 29 -3.03 5.55 -0.47
N CYS A 30 -3.72 5.78 0.65
CA CYS A 30 -5.17 5.70 0.68
C CYS A 30 -5.75 6.71 1.67
N GLU A 31 -6.83 7.38 1.27
CA GLU A 31 -7.48 8.37 2.12
C GLU A 31 -8.81 7.85 2.65
N LEU A 32 -8.96 7.84 3.97
CA LEU A 32 -10.20 7.37 4.59
C LEU A 32 -11.04 8.53 5.10
N SER A 33 -12.22 8.23 5.60
CA SER A 33 -13.12 9.26 6.11
C SER A 33 -12.55 9.88 7.40
N LYS A 34 -11.72 9.12 8.10
CA LYS A 34 -11.11 9.59 9.34
C LYS A 34 -9.84 8.81 9.65
N VAL A 35 -8.92 9.45 10.37
CA VAL A 35 -7.67 8.81 10.74
C VAL A 35 -7.92 7.48 11.44
N ALA A 36 -7.47 6.40 10.81
CA ALA A 36 -7.65 5.06 11.36
C ALA A 36 -6.46 4.15 11.00
N PRO A 37 -6.16 3.20 11.89
CA PRO A 37 -5.06 2.26 11.68
C PRO A 37 -5.35 1.26 10.57
N VAL A 38 -4.56 1.33 9.50
CA VAL A 38 -4.73 0.43 8.37
C VAL A 38 -3.74 -0.73 8.44
N GLU A 39 -3.99 -1.76 7.64
CA GLU A 39 -3.13 -2.94 7.61
C GLU A 39 -2.81 -3.34 6.16
N TRP A 40 -1.55 -3.15 5.77
CA TRP A 40 -1.12 -3.49 4.42
C TRP A 40 -0.71 -4.95 4.34
N ARG A 41 -1.21 -5.64 3.31
CA ARG A 41 -0.89 -7.05 3.12
C ARG A 41 -0.87 -7.40 1.63
N LYS A 42 -0.05 -8.38 1.28
CA LYS A 42 0.07 -8.81 -0.11
C LYS A 42 -0.40 -10.26 -0.27
N GLY A 43 -1.72 -10.43 -0.45
CA GLY A 43 -2.27 -11.76 -0.61
C GLY A 43 -1.81 -12.72 0.47
N PRO A 44 -1.09 -13.78 0.05
CA PRO A 44 -0.58 -14.79 0.99
C PRO A 44 0.53 -14.25 1.88
N GLU A 45 1.12 -13.12 1.47
CA GLU A 45 2.19 -12.50 2.25
C GLU A 45 1.64 -11.55 3.30
N ASN A 46 2.53 -10.90 4.03
CA ASN A 46 2.14 -9.97 5.07
C ASN A 46 3.04 -8.74 5.09
N LEU A 47 2.44 -7.57 5.24
CA LEU A 47 3.20 -6.31 5.28
C LEU A 47 2.82 -5.48 6.51
N ARG A 48 3.79 -4.76 7.03
CA ARG A 48 3.56 -3.93 8.21
C ARG A 48 4.77 -3.01 8.47
N ASP A 49 4.58 -2.05 9.35
CA ASP A 49 5.64 -1.10 9.69
C ASP A 49 6.78 -1.81 10.43
N GLY A 50 7.95 -1.83 9.80
CA GLY A 50 9.10 -2.48 10.41
C GLY A 50 10.42 -1.89 9.93
N ASP A 51 11.24 -2.73 9.29
CA ASP A 51 12.53 -2.29 8.79
C ASP A 51 12.46 -2.02 7.28
N ARG A 52 12.31 -3.09 6.50
CA ARG A 52 12.23 -2.96 5.05
C ARG A 52 10.94 -2.27 4.64
N TYR A 53 9.86 -2.57 5.34
CA TYR A 53 8.55 -1.98 5.04
C TYR A 53 8.37 -0.67 5.80
N ILE A 54 8.56 0.45 5.10
CA ILE A 54 8.41 1.77 5.69
C ILE A 54 6.97 2.25 5.62
N LEU A 55 6.21 2.04 6.69
CA LEU A 55 4.82 2.46 6.74
C LEU A 55 4.67 3.78 7.49
N ARG A 56 3.83 4.66 6.97
CA ARG A 56 3.60 5.96 7.58
C ARG A 56 2.12 6.34 7.54
N GLN A 57 1.73 7.32 8.34
CA GLN A 57 0.35 7.76 8.39
C GLN A 57 0.25 9.19 8.92
N GLU A 58 -0.19 10.11 8.06
CA GLU A 58 -0.32 11.51 8.46
C GLU A 58 -1.78 11.87 8.69
N GLY A 59 -2.58 10.87 9.07
CA GLY A 59 -3.99 11.10 9.32
C GLY A 59 -4.89 10.21 8.49
N THR A 60 -5.85 10.82 7.81
CA THR A 60 -6.78 10.07 6.97
C THR A 60 -6.06 9.45 5.78
N ARG A 61 -4.88 9.97 5.47
CA ARG A 61 -4.09 9.47 4.35
C ARG A 61 -2.95 8.59 4.84
N CYS A 62 -2.76 7.44 4.20
CA CYS A 62 -1.70 6.51 4.57
C CYS A 62 -0.63 6.43 3.49
N GLU A 63 0.47 5.77 3.79
CA GLU A 63 1.56 5.63 2.84
C GLU A 63 2.40 4.39 3.15
N LEU A 64 2.51 3.50 2.17
CA LEU A 64 3.27 2.27 2.34
C LEU A 64 4.46 2.23 1.38
N GLN A 65 5.64 1.92 1.91
CA GLN A 65 6.84 1.86 1.10
C GLN A 65 7.46 0.46 1.16
N ILE A 66 7.76 -0.10 -0.02
CA ILE A 66 8.34 -1.43 -0.10
C ILE A 66 9.76 -1.37 -0.65
N CYS A 67 10.74 -1.22 0.24
CA CYS A 67 12.14 -1.15 -0.15
C CYS A 67 12.57 -2.43 -0.85
N GLY A 68 13.04 -2.30 -2.09
CA GLY A 68 13.48 -3.45 -2.85
C GLY A 68 12.36 -4.08 -3.65
N LEU A 69 12.00 -3.43 -4.75
CA LEU A 69 10.93 -3.93 -5.62
C LEU A 69 11.45 -5.01 -6.56
N ALA A 70 10.53 -5.73 -7.19
CA ALA A 70 10.89 -6.79 -8.12
C ALA A 70 9.66 -7.38 -8.79
N MET A 71 9.86 -7.96 -9.97
CA MET A 71 8.75 -8.57 -10.72
C MET A 71 7.77 -9.25 -9.78
N ALA A 72 8.30 -9.86 -8.72
CA ALA A 72 7.46 -10.54 -7.74
C ALA A 72 6.47 -9.58 -7.09
N ASP A 73 6.99 -8.48 -6.56
CA ASP A 73 6.15 -7.48 -5.91
C ASP A 73 4.90 -7.20 -6.72
N ALA A 74 5.06 -7.13 -8.04
CA ALA A 74 3.93 -6.87 -8.94
C ALA A 74 2.83 -7.91 -8.75
N GLY A 75 1.72 -7.49 -8.17
CA GLY A 75 0.61 -8.39 -7.95
C GLY A 75 -0.66 -7.67 -7.50
N GLU A 76 -1.09 -7.93 -6.27
CA GLU A 76 -2.29 -7.29 -5.74
C GLU A 76 -2.12 -6.97 -4.26
N TYR A 77 -2.01 -5.68 -3.95
CA TYR A 77 -1.84 -5.25 -2.58
C TYR A 77 -3.19 -4.92 -1.94
N LEU A 78 -3.39 -5.39 -0.71
CA LEU A 78 -4.64 -5.14 0.01
C LEU A 78 -4.39 -4.26 1.23
N CYS A 79 -5.38 -3.45 1.57
CA CYS A 79 -5.29 -2.55 2.72
C CYS A 79 -6.51 -2.69 3.63
N VAL A 80 -6.37 -3.43 4.71
CA VAL A 80 -7.45 -3.64 5.65
C VAL A 80 -7.38 -2.63 6.79
N CYS A 81 -8.49 -1.92 7.02
CA CYS A 81 -8.55 -0.92 8.08
C CYS A 81 -9.53 -1.35 9.17
N GLY A 82 -9.41 -2.61 9.60
CA GLY A 82 -10.29 -3.12 10.63
C GLY A 82 -11.52 -3.82 10.06
N GLN A 83 -12.56 -3.03 9.79
CA GLN A 83 -13.79 -3.58 9.24
C GLN A 83 -13.81 -3.47 7.72
N GLU A 84 -13.26 -2.37 7.21
CA GLU A 84 -13.21 -2.14 5.77
C GLU A 84 -11.86 -2.57 5.19
N ARG A 85 -11.77 -2.60 3.87
CA ARG A 85 -10.54 -2.99 3.19
C ARG A 85 -10.67 -2.82 1.68
N THR A 86 -9.57 -2.45 1.03
CA THR A 86 -9.57 -2.25 -0.41
C THR A 86 -8.38 -2.96 -1.06
N SER A 87 -8.59 -3.45 -2.27
CA SER A 87 -7.54 -4.16 -2.99
C SER A 87 -7.02 -3.32 -4.15
N ALA A 88 -5.80 -3.62 -4.60
CA ALA A 88 -5.18 -2.90 -5.70
C ALA A 88 -4.29 -3.82 -6.54
N THR A 89 -3.67 -3.24 -7.55
CA THR A 89 -2.78 -4.00 -8.43
C THR A 89 -1.54 -3.22 -8.79
N LEU A 90 -0.41 -3.61 -8.21
CA LEU A 90 0.86 -2.93 -8.47
C LEU A 90 1.54 -3.51 -9.71
N THR A 91 2.32 -2.67 -10.39
CA THR A 91 3.03 -3.09 -11.59
C THR A 91 4.51 -2.75 -11.51
N ILE A 92 5.35 -3.73 -11.83
CA ILE A 92 6.80 -3.52 -11.78
C ILE A 92 7.39 -3.45 -13.19
N ARG A 93 8.40 -2.62 -13.36
CA ARG A 93 9.05 -2.46 -14.66
C ARG A 93 10.50 -2.91 -14.60
N ALA A 94 10.80 -4.02 -15.26
CA ALA A 94 12.16 -4.57 -15.29
C ALA A 94 13.19 -3.45 -15.42
N LEU A 95 14.13 -3.42 -14.49
CA LEU A 95 15.17 -2.40 -14.49
C LEU A 95 16.30 -2.79 -15.44
N PRO A 96 16.99 -1.77 -15.99
CA PRO A 96 18.10 -1.98 -16.91
C PRO A 96 19.32 -2.59 -16.24
N SER A 97 19.73 -3.76 -16.69
CA SER A 97 20.89 -4.45 -16.13
C SER A 97 22.11 -4.29 -17.03
N GLY A 98 21.94 -4.65 -18.30
CA GLY A 98 23.03 -4.55 -19.26
C GLY A 98 23.40 -3.11 -19.57
N PRO A 99 24.21 -2.91 -20.62
CA PRO A 99 24.64 -1.58 -21.04
C PRO A 99 23.51 -0.76 -21.64
N SER A 100 22.92 0.09 -20.80
CA SER A 100 21.80 0.94 -21.25
C SER A 100 22.30 2.34 -21.59
N SER A 101 21.78 2.89 -22.68
CA SER A 101 22.17 4.23 -23.11
C SER A 101 21.24 5.29 -22.53
N GLY A 102 21.69 5.93 -21.46
CA GLY A 102 20.88 6.96 -20.82
C GLY A 102 19.56 6.42 -20.31
N GLY A 1 -26.73 2.34 27.46
CA GLY A 1 -27.51 3.44 26.92
C GLY A 1 -26.68 4.67 26.64
N SER A 2 -25.65 4.52 25.81
CA SER A 2 -24.77 5.62 25.48
C SER A 2 -24.64 5.77 23.96
N SER A 3 -24.95 6.96 23.46
CA SER A 3 -24.88 7.24 22.03
C SER A 3 -23.47 7.67 21.64
N GLY A 4 -23.24 7.78 20.33
CA GLY A 4 -21.94 8.19 19.85
C GLY A 4 -21.97 8.62 18.39
N SER A 5 -21.14 9.59 18.05
CA SER A 5 -21.07 10.11 16.68
C SER A 5 -19.78 9.68 16.00
N SER A 6 -19.37 8.45 16.25
CA SER A 6 -18.14 7.92 15.65
C SER A 6 -18.37 6.50 15.11
N GLY A 7 -17.33 5.94 14.50
CA GLY A 7 -17.44 4.60 13.94
C GLY A 7 -16.15 4.15 13.28
N PRO A 8 -16.27 3.19 12.36
CA PRO A 8 -15.11 2.65 11.63
C PRO A 8 -14.52 3.65 10.65
N ALA A 9 -13.46 3.24 9.95
CA ALA A 9 -12.80 4.11 8.99
C ALA A 9 -13.21 3.76 7.57
N LYS A 10 -13.93 4.66 6.92
CA LYS A 10 -14.38 4.45 5.55
C LYS A 10 -13.32 4.90 4.55
N PHE A 11 -13.34 4.29 3.36
CA PHE A 11 -12.38 4.62 2.32
C PHE A 11 -12.95 5.67 1.37
N THR A 12 -12.31 6.84 1.33
CA THR A 12 -12.76 7.92 0.47
C THR A 12 -12.14 7.81 -0.93
N GLU A 13 -10.87 7.42 -0.98
CA GLU A 13 -10.17 7.28 -2.25
C GLU A 13 -9.75 5.82 -2.47
N GLY A 14 -9.35 5.16 -1.39
CA GLY A 14 -8.93 3.78 -1.49
C GLY A 14 -7.71 3.61 -2.38
N LEU A 15 -7.22 2.38 -2.47
CA LEU A 15 -6.05 2.08 -3.29
C LEU A 15 -6.36 2.28 -4.77
N ARG A 16 -5.33 2.16 -5.61
CA ARG A 16 -5.49 2.34 -7.04
C ARG A 16 -4.34 1.67 -7.80
N ASN A 17 -4.66 1.09 -8.96
CA ASN A 17 -3.65 0.42 -9.77
C ASN A 17 -2.42 1.29 -9.94
N GLU A 18 -1.32 0.88 -9.32
CA GLU A 18 -0.07 1.64 -9.40
C GLU A 18 1.05 0.78 -9.97
N GLU A 19 2.09 1.42 -10.48
CA GLU A 19 3.22 0.72 -11.06
C GLU A 19 4.53 1.22 -10.47
N ALA A 20 5.65 0.61 -10.90
CA ALA A 20 6.96 1.00 -10.42
C ALA A 20 8.06 0.24 -11.15
N VAL A 21 9.31 0.45 -10.73
CA VAL A 21 10.45 -0.21 -11.35
C VAL A 21 11.21 -1.06 -10.34
N GLU A 22 11.75 -2.18 -10.78
CA GLU A 22 12.50 -3.07 -9.91
C GLU A 22 13.56 -2.30 -9.13
N GLY A 23 13.79 -2.71 -7.89
CA GLY A 23 14.77 -2.05 -7.05
C GLY A 23 14.22 -0.83 -6.36
N ALA A 24 13.49 -0.01 -7.11
CA ALA A 24 12.88 1.20 -6.57
C ALA A 24 11.90 0.88 -5.45
N THR A 25 11.25 1.91 -4.93
CA THR A 25 10.27 1.73 -3.85
C THR A 25 8.87 2.11 -4.31
N ALA A 26 7.98 1.13 -4.36
CA ALA A 26 6.60 1.37 -4.77
C ALA A 26 5.98 2.50 -3.98
N MET A 27 4.76 2.88 -4.35
CA MET A 27 4.04 3.95 -3.66
C MET A 27 2.54 3.67 -3.63
N LEU A 28 2.03 3.33 -2.46
CA LEU A 28 0.62 3.04 -2.29
C LEU A 28 0.03 3.82 -1.12
N TRP A 29 -0.94 4.68 -1.41
CA TRP A 29 -1.58 5.49 -0.38
C TRP A 29 -3.10 5.33 -0.43
N CYS A 30 -3.76 5.75 0.65
CA CYS A 30 -5.21 5.64 0.72
C CYS A 30 -5.76 6.48 1.89
N GLU A 31 -6.74 7.32 1.60
CA GLU A 31 -7.34 8.17 2.61
C GLU A 31 -8.49 7.45 3.32
N LEU A 32 -8.86 7.95 4.49
CA LEU A 32 -9.94 7.36 5.27
C LEU A 32 -10.78 8.43 5.95
N SER A 33 -12.07 8.16 6.10
CA SER A 33 -12.99 9.11 6.74
C SER A 33 -12.42 9.60 8.07
N LYS A 34 -11.46 8.85 8.60
CA LYS A 34 -10.84 9.22 9.87
C LYS A 34 -9.54 8.43 10.09
N VAL A 35 -8.59 9.04 10.78
CA VAL A 35 -7.31 8.40 11.05
C VAL A 35 -7.48 7.16 11.92
N ALA A 36 -7.08 6.02 11.39
CA ALA A 36 -7.19 4.75 12.12
C ALA A 36 -6.06 3.80 11.73
N PRO A 37 -5.84 2.78 12.58
CA PRO A 37 -4.80 1.78 12.36
C PRO A 37 -5.12 0.86 11.18
N VAL A 38 -4.44 1.09 10.06
CA VAL A 38 -4.65 0.28 8.86
C VAL A 38 -3.79 -0.96 8.88
N GLU A 39 -4.03 -1.87 7.94
CA GLU A 39 -3.28 -3.11 7.85
C GLU A 39 -2.98 -3.47 6.40
N TRP A 40 -1.73 -3.29 5.99
CA TRP A 40 -1.33 -3.59 4.63
C TRP A 40 -1.05 -5.08 4.45
N ARG A 41 -1.63 -5.67 3.41
CA ARG A 41 -1.45 -7.09 3.13
C ARG A 41 -1.25 -7.34 1.65
N LYS A 42 -0.66 -8.48 1.31
CA LYS A 42 -0.40 -8.84 -0.07
C LYS A 42 -0.82 -10.27 -0.36
N GLY A 43 -2.11 -10.46 -0.62
CA GLY A 43 -2.63 -11.79 -0.91
C GLY A 43 -2.22 -12.81 0.15
N PRO A 44 -1.47 -13.83 -0.26
CA PRO A 44 -1.01 -14.89 0.64
C PRO A 44 0.04 -14.39 1.63
N GLU A 45 0.58 -13.21 1.36
CA GLU A 45 1.60 -12.63 2.22
C GLU A 45 0.97 -11.69 3.26
N ASN A 46 1.74 -11.34 4.27
CA ASN A 46 1.26 -10.46 5.33
C ASN A 46 2.24 -9.32 5.58
N LEU A 47 1.87 -8.12 5.17
CA LEU A 47 2.72 -6.95 5.34
C LEU A 47 2.37 -6.21 6.64
N ARG A 48 3.31 -5.39 7.11
CA ARG A 48 3.09 -4.64 8.34
C ARG A 48 4.25 -3.67 8.59
N ASP A 49 3.99 -2.62 9.35
CA ASP A 49 5.02 -1.63 9.67
C ASP A 49 6.30 -2.30 10.14
N GLY A 50 7.32 -2.29 9.30
CA GLY A 50 8.59 -2.89 9.65
C GLY A 50 9.76 -2.21 8.98
N ASP A 51 10.95 -2.79 9.14
CA ASP A 51 12.16 -2.23 8.55
C ASP A 51 12.02 -2.11 7.04
N ARG A 52 12.00 -3.25 6.35
CA ARG A 52 11.87 -3.26 4.90
C ARG A 52 10.64 -2.47 4.46
N TYR A 53 9.53 -2.66 5.15
CA TYR A 53 8.30 -1.96 4.82
C TYR A 53 8.20 -0.64 5.59
N ILE A 54 8.49 0.46 4.90
CA ILE A 54 8.42 1.78 5.51
C ILE A 54 7.01 2.35 5.45
N LEU A 55 6.24 2.10 6.50
CA LEU A 55 4.87 2.59 6.58
C LEU A 55 4.82 3.98 7.22
N ARG A 56 3.88 4.80 6.75
CA ARG A 56 3.73 6.16 7.28
C ARG A 56 2.25 6.52 7.41
N GLN A 57 1.94 7.32 8.42
CA GLN A 57 0.57 7.74 8.67
C GLN A 57 0.53 9.06 9.43
N GLU A 58 0.15 10.13 8.74
CA GLU A 58 0.07 11.45 9.35
C GLU A 58 -1.37 11.89 9.53
N GLY A 59 -2.26 10.91 9.73
CA GLY A 59 -3.66 11.21 9.91
C GLY A 59 -4.57 10.25 9.16
N THR A 60 -5.47 10.79 8.35
CA THR A 60 -6.40 9.97 7.59
C THR A 60 -5.68 9.24 6.46
N ARG A 61 -4.72 9.92 5.84
CA ARG A 61 -3.96 9.35 4.75
C ARG A 61 -2.92 8.35 5.26
N CYS A 62 -2.77 7.25 4.55
CA CYS A 62 -1.81 6.21 4.94
C CYS A 62 -0.90 5.84 3.78
N GLU A 63 0.39 6.16 3.90
CA GLU A 63 1.36 5.87 2.86
C GLU A 63 2.14 4.60 3.19
N LEU A 64 2.49 3.85 2.14
CA LEU A 64 3.24 2.60 2.32
C LEU A 64 4.39 2.53 1.33
N GLN A 65 5.60 2.34 1.85
CA GLN A 65 6.79 2.25 1.02
C GLN A 65 7.40 0.85 1.10
N ILE A 66 7.60 0.24 -0.06
CA ILE A 66 8.18 -1.11 -0.12
C ILE A 66 9.63 -1.06 -0.57
N CYS A 67 10.53 -0.87 0.40
CA CYS A 67 11.96 -0.80 0.09
C CYS A 67 12.44 -2.09 -0.56
N GLY A 68 13.01 -1.98 -1.75
CA GLY A 68 13.51 -3.14 -2.46
C GLY A 68 12.43 -3.81 -3.30
N LEU A 69 12.12 -3.23 -4.45
CA LEU A 69 11.11 -3.77 -5.34
C LEU A 69 11.66 -4.95 -6.14
N ALA A 70 10.76 -5.72 -6.75
CA ALA A 70 11.16 -6.87 -7.55
C ALA A 70 9.95 -7.49 -8.25
N MET A 71 10.20 -8.19 -9.35
CA MET A 71 9.14 -8.83 -10.12
C MET A 71 8.11 -9.47 -9.19
N ALA A 72 8.59 -9.96 -8.04
CA ALA A 72 7.70 -10.59 -7.07
C ALA A 72 6.68 -9.61 -6.54
N ASP A 73 7.14 -8.42 -6.17
CA ASP A 73 6.26 -7.38 -5.64
C ASP A 73 5.01 -7.22 -6.53
N ALA A 74 5.21 -7.31 -7.83
CA ALA A 74 4.11 -7.17 -8.78
C ALA A 74 3.02 -8.20 -8.49
N GLY A 75 1.91 -7.74 -7.93
CA GLY A 75 0.81 -8.62 -7.62
C GLY A 75 -0.46 -7.86 -7.30
N GLU A 76 -0.79 -7.74 -6.01
CA GLU A 76 -2.00 -7.05 -5.59
C GLU A 76 -1.95 -6.75 -4.09
N TYR A 77 -1.89 -5.47 -3.75
CA TYR A 77 -1.84 -5.06 -2.35
C TYR A 77 -3.22 -4.68 -1.85
N LEU A 78 -3.54 -5.08 -0.62
CA LEU A 78 -4.83 -4.79 -0.02
C LEU A 78 -4.66 -3.99 1.28
N CYS A 79 -5.63 -3.14 1.57
CA CYS A 79 -5.60 -2.33 2.79
C CYS A 79 -6.85 -2.54 3.62
N VAL A 80 -6.70 -3.27 4.73
CA VAL A 80 -7.83 -3.53 5.61
C VAL A 80 -7.98 -2.45 6.66
N CYS A 81 -9.17 -1.88 6.77
CA CYS A 81 -9.44 -0.82 7.74
C CYS A 81 -10.90 -0.85 8.17
N GLY A 82 -11.14 -1.02 9.47
CA GLY A 82 -12.48 -1.06 9.99
C GLY A 82 -13.32 -2.16 9.35
N GLN A 83 -14.48 -1.79 8.84
CA GLN A 83 -15.38 -2.74 8.20
C GLN A 83 -15.28 -2.64 6.68
N GLU A 84 -14.17 -2.11 6.19
CA GLU A 84 -13.95 -1.95 4.76
C GLU A 84 -12.55 -2.43 4.38
N ARG A 85 -12.29 -2.49 3.07
CA ARG A 85 -10.99 -2.92 2.56
C ARG A 85 -10.88 -2.68 1.06
N THR A 86 -9.68 -2.36 0.61
CA THR A 86 -9.44 -2.10 -0.80
C THR A 86 -8.26 -2.90 -1.32
N SER A 87 -8.11 -2.96 -2.64
CA SER A 87 -7.01 -3.70 -3.26
C SER A 87 -6.61 -3.06 -4.58
N ALA A 88 -5.30 -3.08 -4.86
CA ALA A 88 -4.77 -2.50 -6.09
C ALA A 88 -3.70 -3.39 -6.70
N THR A 89 -3.64 -3.42 -8.02
CA THR A 89 -2.66 -4.23 -8.74
C THR A 89 -1.37 -3.45 -8.97
N LEU A 90 -0.31 -3.85 -8.27
CA LEU A 90 0.98 -3.19 -8.42
C LEU A 90 1.74 -3.74 -9.61
N THR A 91 2.32 -2.84 -10.40
CA THR A 91 3.08 -3.23 -11.58
C THR A 91 4.57 -2.94 -11.40
N ILE A 92 5.40 -3.97 -11.59
CA ILE A 92 6.84 -3.81 -11.45
C ILE A 92 7.53 -3.81 -12.81
N ARG A 93 8.37 -2.82 -13.04
CA ARG A 93 9.10 -2.71 -14.30
C ARG A 93 10.53 -3.22 -14.15
N ALA A 94 10.82 -4.36 -14.76
CA ALA A 94 12.15 -4.94 -14.70
C ALA A 94 13.21 -3.97 -15.19
N LEU A 95 14.20 -3.70 -14.36
CA LEU A 95 15.28 -2.78 -14.71
C LEU A 95 15.91 -3.18 -16.04
N PRO A 96 16.37 -2.17 -16.79
CA PRO A 96 17.02 -2.38 -18.09
C PRO A 96 18.39 -3.04 -17.95
N SER A 97 18.52 -4.24 -18.53
CA SER A 97 19.78 -4.98 -18.47
C SER A 97 20.07 -5.67 -19.80
N GLY A 98 21.19 -6.37 -19.86
CA GLY A 98 21.57 -7.05 -21.08
C GLY A 98 22.97 -6.72 -21.54
N PRO A 99 23.22 -6.80 -22.85
CA PRO A 99 24.53 -6.51 -23.43
C PRO A 99 24.88 -5.02 -23.36
N SER A 100 25.87 -4.71 -22.54
CA SER A 100 26.30 -3.31 -22.36
C SER A 100 27.82 -3.23 -22.24
N SER A 101 28.39 -2.16 -22.77
CA SER A 101 29.83 -1.96 -22.72
C SER A 101 30.18 -0.69 -21.95
N GLY A 102 30.77 -0.86 -20.76
CA GLY A 102 31.13 0.28 -19.94
C GLY A 102 32.30 -0.03 -19.02
N GLY A 1 -26.46 -2.69 23.37
CA GLY A 1 -25.21 -3.44 23.35
C GLY A 1 -24.94 -4.07 22.00
N SER A 2 -24.05 -5.06 21.99
CA SER A 2 -23.70 -5.76 20.75
C SER A 2 -23.31 -4.76 19.66
N SER A 3 -22.56 -3.73 20.05
CA SER A 3 -22.12 -2.71 19.10
C SER A 3 -20.80 -2.09 19.54
N GLY A 4 -19.84 -2.05 18.62
CA GLY A 4 -18.54 -1.48 18.93
C GLY A 4 -18.64 -0.18 19.69
N SER A 5 -17.55 0.21 20.33
CA SER A 5 -17.51 1.46 21.10
C SER A 5 -17.44 2.67 20.18
N SER A 6 -16.54 2.61 19.21
CA SER A 6 -16.36 3.71 18.26
C SER A 6 -16.75 3.28 16.85
N GLY A 7 -16.73 4.22 15.92
CA GLY A 7 -17.08 3.91 14.54
C GLY A 7 -15.88 3.45 13.73
N PRO A 8 -16.12 2.49 12.82
CA PRO A 8 -15.07 1.94 11.96
C PRO A 8 -14.58 2.94 10.93
N ALA A 9 -13.36 2.73 10.43
CA ALA A 9 -12.77 3.62 9.44
C ALA A 9 -13.12 3.16 8.02
N LYS A 10 -13.78 4.03 7.28
CA LYS A 10 -14.18 3.72 5.91
C LYS A 10 -13.18 4.30 4.91
N PHE A 11 -13.26 3.83 3.67
CA PHE A 11 -12.35 4.30 2.62
C PHE A 11 -13.05 5.31 1.71
N THR A 12 -12.53 6.53 1.69
CA THR A 12 -13.11 7.59 0.86
C THR A 12 -12.51 7.59 -0.53
N GLU A 13 -11.20 7.39 -0.61
CA GLU A 13 -10.50 7.36 -1.88
C GLU A 13 -10.14 5.93 -2.29
N GLY A 14 -9.63 5.16 -1.32
CA GLY A 14 -9.27 3.78 -1.60
C GLY A 14 -7.97 3.66 -2.35
N LEU A 15 -7.51 2.43 -2.55
CA LEU A 15 -6.26 2.19 -3.27
C LEU A 15 -6.44 2.36 -4.77
N ARG A 16 -5.33 2.48 -5.49
CA ARG A 16 -5.38 2.64 -6.93
C ARG A 16 -4.17 1.97 -7.59
N ASN A 17 -4.40 1.38 -8.76
CA ASN A 17 -3.34 0.70 -9.50
C ASN A 17 -2.19 1.65 -9.79
N GLU A 18 -0.98 1.11 -9.83
CA GLU A 18 0.21 1.91 -10.10
C GLU A 18 1.35 1.04 -10.62
N GLU A 19 2.44 1.68 -11.03
CA GLU A 19 3.60 0.96 -11.55
C GLU A 19 4.89 1.49 -10.93
N ALA A 20 5.99 0.77 -11.17
CA ALA A 20 7.29 1.17 -10.63
C ALA A 20 8.42 0.40 -11.32
N VAL A 21 9.64 0.65 -10.88
CA VAL A 21 10.81 -0.01 -11.45
C VAL A 21 11.47 -0.94 -10.43
N GLU A 22 12.04 -2.04 -10.91
CA GLU A 22 12.69 -3.00 -10.04
C GLU A 22 13.74 -2.32 -9.15
N GLY A 23 13.79 -2.71 -7.89
CA GLY A 23 14.75 -2.11 -6.97
C GLY A 23 14.19 -0.89 -6.27
N ALA A 24 13.42 -0.09 -6.99
CA ALA A 24 12.83 1.12 -6.43
C ALA A 24 11.89 0.78 -5.29
N THR A 25 11.23 1.80 -4.75
CA THR A 25 10.30 1.62 -3.64
C THR A 25 8.89 2.04 -4.04
N ALA A 26 8.02 1.05 -4.23
CA ALA A 26 6.63 1.33 -4.61
C ALA A 26 6.01 2.41 -3.73
N MET A 27 4.80 2.82 -4.07
CA MET A 27 4.11 3.85 -3.30
C MET A 27 2.60 3.62 -3.33
N LEU A 28 2.05 3.24 -2.19
CA LEU A 28 0.61 2.98 -2.08
C LEU A 28 0.00 3.79 -0.94
N TRP A 29 -0.96 4.65 -1.29
CA TRP A 29 -1.62 5.48 -0.29
C TRP A 29 -3.14 5.33 -0.38
N CYS A 30 -3.84 5.70 0.69
CA CYS A 30 -5.29 5.61 0.72
C CYS A 30 -5.86 6.46 1.85
N GLU A 31 -6.97 7.14 1.58
CA GLU A 31 -7.61 7.99 2.57
C GLU A 31 -8.69 7.22 3.34
N LEU A 32 -9.12 7.77 4.46
CA LEU A 32 -10.15 7.14 5.28
C LEU A 32 -11.06 8.19 5.91
N SER A 33 -12.28 7.79 6.23
CA SER A 33 -13.26 8.68 6.84
C SER A 33 -12.72 9.26 8.14
N LYS A 34 -11.69 8.61 8.69
CA LYS A 34 -11.09 9.06 9.94
C LYS A 34 -9.70 8.44 10.12
N VAL A 35 -8.85 9.13 10.88
CA VAL A 35 -7.49 8.65 11.13
C VAL A 35 -7.52 7.34 11.93
N ALA A 36 -7.27 6.23 11.24
CA ALA A 36 -7.25 4.92 11.87
C ALA A 36 -6.09 4.08 11.38
N PRO A 37 -5.64 3.13 12.20
CA PRO A 37 -4.52 2.24 11.87
C PRO A 37 -4.89 1.25 10.78
N VAL A 38 -4.23 1.38 9.62
CA VAL A 38 -4.49 0.50 8.49
C VAL A 38 -3.56 -0.72 8.53
N GLU A 39 -3.98 -1.79 7.86
CA GLU A 39 -3.18 -3.02 7.81
C GLU A 39 -2.97 -3.47 6.38
N TRP A 40 -1.78 -3.24 5.85
CA TRP A 40 -1.45 -3.64 4.48
C TRP A 40 -1.16 -5.12 4.41
N ARG A 41 -1.71 -5.78 3.39
CA ARG A 41 -1.50 -7.21 3.20
C ARG A 41 -1.41 -7.56 1.71
N LYS A 42 -0.73 -8.67 1.42
CA LYS A 42 -0.57 -9.11 0.03
C LYS A 42 -0.94 -10.58 -0.11
N GLY A 43 -2.23 -10.85 -0.29
CA GLY A 43 -2.69 -12.22 -0.44
C GLY A 43 -2.24 -13.11 0.69
N PRO A 44 -1.42 -14.14 0.35
CA PRO A 44 -0.90 -15.08 1.33
C PRO A 44 0.13 -14.45 2.26
N GLU A 45 0.65 -13.30 1.86
CA GLU A 45 1.65 -12.59 2.65
C GLU A 45 0.98 -11.59 3.59
N ASN A 46 1.79 -10.99 4.47
CA ASN A 46 1.27 -10.02 5.44
C ASN A 46 2.26 -8.87 5.62
N LEU A 47 1.85 -7.68 5.20
CA LEU A 47 2.70 -6.49 5.31
C LEU A 47 2.41 -5.74 6.60
N ARG A 48 3.37 -4.93 7.05
CA ARG A 48 3.20 -4.15 8.26
C ARG A 48 4.40 -3.23 8.48
N ASP A 49 4.21 -2.22 9.34
CA ASP A 49 5.27 -1.28 9.63
C ASP A 49 6.51 -1.98 10.17
N GLY A 50 7.51 -2.15 9.31
CA GLY A 50 8.74 -2.81 9.72
C GLY A 50 9.97 -2.19 9.10
N ASP A 51 11.02 -2.98 8.94
CA ASP A 51 12.26 -2.50 8.36
C ASP A 51 12.13 -2.32 6.84
N ARG A 52 11.95 -3.43 6.14
CA ARG A 52 11.81 -3.40 4.68
C ARG A 52 10.54 -2.66 4.29
N TYR A 53 9.52 -2.73 5.15
CA TYR A 53 8.25 -2.07 4.88
C TYR A 53 8.15 -0.75 5.62
N ILE A 54 8.38 0.35 4.90
CA ILE A 54 8.32 1.68 5.48
C ILE A 54 6.90 2.23 5.46
N LEU A 55 6.18 2.04 6.56
CA LEU A 55 4.80 2.51 6.67
C LEU A 55 4.75 3.85 7.40
N ARG A 56 3.89 4.76 6.91
CA ARG A 56 3.74 6.07 7.52
C ARG A 56 2.27 6.46 7.61
N GLN A 57 2.01 7.60 8.24
CA GLN A 57 0.64 8.09 8.40
C GLN A 57 0.63 9.52 8.92
N GLU A 58 0.09 10.44 8.12
CA GLU A 58 0.02 11.84 8.51
C GLU A 58 -1.43 12.29 8.65
N GLY A 59 -2.32 11.33 8.85
CA GLY A 59 -3.73 11.64 9.01
C GLY A 59 -4.63 10.60 8.37
N THR A 60 -5.85 11.01 8.01
CA THR A 60 -6.80 10.12 7.38
C THR A 60 -6.17 9.35 6.22
N ARG A 61 -5.08 9.89 5.70
CA ARG A 61 -4.38 9.25 4.58
C ARG A 61 -3.14 8.51 5.07
N CYS A 62 -2.84 7.38 4.45
CA CYS A 62 -1.69 6.58 4.81
C CYS A 62 -0.70 6.49 3.65
N GLU A 63 0.46 5.91 3.92
CA GLU A 63 1.49 5.76 2.90
C GLU A 63 2.34 4.50 3.14
N LEU A 64 2.33 3.59 2.18
CA LEU A 64 3.09 2.35 2.30
C LEU A 64 4.26 2.33 1.33
N GLN A 65 5.43 1.98 1.82
CA GLN A 65 6.63 1.92 1.00
C GLN A 65 7.32 0.57 1.13
N ILE A 66 7.51 -0.11 0.01
CA ILE A 66 8.17 -1.41 -0.01
C ILE A 66 9.61 -1.30 -0.47
N CYS A 67 10.52 -1.11 0.49
CA CYS A 67 11.94 -0.99 0.18
C CYS A 67 12.46 -2.26 -0.50
N GLY A 68 12.93 -2.11 -1.73
CA GLY A 68 13.44 -3.26 -2.47
C GLY A 68 12.38 -3.93 -3.31
N LEU A 69 12.10 -3.38 -4.48
CA LEU A 69 11.09 -3.95 -5.37
C LEU A 69 11.68 -5.07 -6.22
N ALA A 70 10.80 -5.80 -6.90
CA ALA A 70 11.23 -6.91 -7.74
C ALA A 70 10.07 -7.49 -8.53
N MET A 71 10.37 -8.16 -9.64
CA MET A 71 9.35 -8.76 -10.48
C MET A 71 8.28 -9.44 -9.63
N ALA A 72 8.70 -10.02 -8.52
CA ALA A 72 7.78 -10.71 -7.61
C ALA A 72 6.79 -9.73 -7.00
N ASP A 73 7.32 -8.63 -6.46
CA ASP A 73 6.48 -7.61 -5.84
C ASP A 73 5.19 -7.40 -6.63
N ALA A 74 5.32 -7.42 -7.96
CA ALA A 74 4.16 -7.22 -8.83
C ALA A 74 3.06 -8.22 -8.52
N GLY A 75 1.97 -7.75 -7.94
CA GLY A 75 0.86 -8.62 -7.59
C GLY A 75 -0.40 -7.85 -7.26
N GLU A 76 -0.93 -8.07 -6.06
CA GLU A 76 -2.14 -7.40 -5.63
C GLU A 76 -2.08 -7.09 -4.13
N TYR A 77 -1.96 -5.81 -3.81
CA TYR A 77 -1.90 -5.37 -2.41
C TYR A 77 -3.28 -4.98 -1.90
N LEU A 78 -3.50 -5.16 -0.60
CA LEU A 78 -4.78 -4.82 0.01
C LEU A 78 -4.57 -3.99 1.27
N CYS A 79 -5.51 -3.10 1.56
CA CYS A 79 -5.43 -2.24 2.73
C CYS A 79 -6.68 -2.38 3.60
N VAL A 80 -6.53 -3.06 4.73
CA VAL A 80 -7.65 -3.27 5.65
C VAL A 80 -7.68 -2.21 6.73
N CYS A 81 -8.85 -1.63 6.96
CA CYS A 81 -9.02 -0.59 7.98
C CYS A 81 -10.32 -0.79 8.74
N GLY A 82 -10.22 -1.19 10.00
CA GLY A 82 -11.39 -1.40 10.81
C GLY A 82 -12.19 -2.62 10.38
N GLN A 83 -13.19 -2.39 9.54
CA GLN A 83 -14.03 -3.48 9.05
C GLN A 83 -13.99 -3.56 7.52
N GLU A 84 -13.75 -2.42 6.89
CA GLU A 84 -13.68 -2.37 5.44
C GLU A 84 -12.31 -2.79 4.93
N ARG A 85 -12.12 -2.75 3.62
CA ARG A 85 -10.86 -3.12 3.01
C ARG A 85 -10.87 -2.86 1.50
N THR A 86 -9.69 -2.74 0.92
CA THR A 86 -9.57 -2.49 -0.52
C THR A 86 -8.40 -3.27 -1.12
N SER A 87 -8.27 -3.21 -2.43
CA SER A 87 -7.19 -3.91 -3.13
C SER A 87 -6.77 -3.14 -4.37
N ALA A 88 -5.52 -3.34 -4.79
CA ALA A 88 -4.98 -2.67 -5.96
C ALA A 88 -3.94 -3.53 -6.66
N THR A 89 -3.55 -3.13 -7.85
CA THR A 89 -2.55 -3.86 -8.64
C THR A 89 -1.31 -3.03 -8.87
N LEU A 90 -0.14 -3.64 -8.64
CA LEU A 90 1.13 -2.94 -8.82
C LEU A 90 1.88 -3.51 -10.02
N THR A 91 2.66 -2.65 -10.68
CA THR A 91 3.43 -3.06 -11.85
C THR A 91 4.92 -2.81 -11.63
N ILE A 92 5.74 -3.80 -11.97
CA ILE A 92 7.18 -3.69 -11.82
C ILE A 92 7.87 -3.66 -13.18
N ARG A 93 8.74 -2.68 -13.37
CA ARG A 93 9.47 -2.53 -14.62
C ARG A 93 10.93 -2.98 -14.46
N ALA A 94 11.30 -4.04 -15.17
CA ALA A 94 12.65 -4.57 -15.10
C ALA A 94 13.68 -3.46 -15.38
N LEU A 95 14.57 -3.24 -14.42
CA LEU A 95 15.61 -2.23 -14.55
C LEU A 95 16.33 -2.35 -15.89
N PRO A 96 16.88 -1.22 -16.38
CA PRO A 96 17.60 -1.19 -17.64
C PRO A 96 18.93 -1.92 -17.57
N SER A 97 19.22 -2.52 -16.42
CA SER A 97 20.46 -3.26 -16.23
C SER A 97 21.65 -2.31 -16.17
N GLY A 98 21.51 -1.22 -15.40
CA GLY A 98 22.58 -0.25 -15.28
C GLY A 98 22.24 1.07 -15.92
N PRO A 99 22.70 1.26 -17.18
CA PRO A 99 22.44 2.49 -17.93
C PRO A 99 20.99 2.64 -18.34
N SER A 100 20.37 3.74 -17.93
CA SER A 100 18.97 4.00 -18.26
C SER A 100 18.70 3.74 -19.73
N SER A 101 19.63 4.15 -20.59
CA SER A 101 19.49 3.97 -22.03
C SER A 101 20.70 3.24 -22.60
N GLY A 102 21.89 3.64 -22.15
CA GLY A 102 23.11 3.02 -22.63
C GLY A 102 23.67 3.73 -23.85
N GLY A 1 -16.80 20.33 10.19
CA GLY A 1 -17.87 19.39 9.89
C GLY A 1 -19.09 19.61 10.76
N SER A 2 -20.27 19.26 10.23
CA SER A 2 -21.51 19.42 10.96
C SER A 2 -22.19 18.07 11.18
N SER A 3 -22.37 17.32 10.11
CA SER A 3 -23.01 16.01 10.19
C SER A 3 -21.99 14.90 9.94
N GLY A 4 -22.11 13.82 10.71
CA GLY A 4 -21.20 12.70 10.56
C GLY A 4 -21.74 11.42 11.17
N SER A 5 -21.73 10.34 10.40
CA SER A 5 -22.23 9.06 10.88
C SER A 5 -21.17 8.35 11.72
N SER A 6 -21.31 8.46 13.04
CA SER A 6 -20.37 7.83 13.95
C SER A 6 -20.28 6.33 13.70
N GLY A 7 -19.14 5.90 13.15
CA GLY A 7 -18.95 4.49 12.87
C GLY A 7 -17.52 4.17 12.49
N PRO A 8 -17.33 3.06 11.77
CA PRO A 8 -16.00 2.61 11.32
C PRO A 8 -15.41 3.53 10.25
N ALA A 9 -14.16 3.27 9.88
CA ALA A 9 -13.49 4.06 8.87
C ALA A 9 -13.74 3.51 7.47
N LYS A 10 -14.20 4.37 6.57
CA LYS A 10 -14.49 3.98 5.20
C LYS A 10 -13.47 4.57 4.23
N PHE A 11 -13.28 3.90 3.10
CA PHE A 11 -12.33 4.37 2.09
C PHE A 11 -12.99 5.35 1.14
N THR A 12 -12.52 6.60 1.19
CA THR A 12 -13.07 7.65 0.33
C THR A 12 -12.36 7.68 -1.02
N GLU A 13 -11.06 7.45 -1.01
CA GLU A 13 -10.27 7.45 -2.23
C GLU A 13 -9.91 6.03 -2.64
N GLY A 14 -9.57 5.19 -1.66
CA GLY A 14 -9.21 3.83 -1.94
C GLY A 14 -7.89 3.70 -2.68
N LEU A 15 -7.31 2.51 -2.68
CA LEU A 15 -6.04 2.28 -3.35
C LEU A 15 -6.17 2.49 -4.85
N ARG A 16 -5.04 2.48 -5.55
CA ARG A 16 -5.03 2.68 -7.00
C ARG A 16 -3.90 1.89 -7.64
N ASN A 17 -4.23 1.11 -8.67
CA ASN A 17 -3.23 0.30 -9.37
C ASN A 17 -2.14 1.18 -9.95
N GLU A 18 -0.89 0.88 -9.58
CA GLU A 18 0.26 1.64 -10.07
C GLU A 18 1.38 0.72 -10.51
N GLU A 19 2.44 1.30 -11.06
CA GLU A 19 3.58 0.52 -11.52
C GLU A 19 4.89 1.10 -10.96
N ALA A 20 5.98 0.34 -11.14
CA ALA A 20 7.28 0.78 -10.66
C ALA A 20 8.40 -0.03 -11.30
N VAL A 21 9.64 0.35 -11.03
CA VAL A 21 10.80 -0.35 -11.58
C VAL A 21 11.50 -1.19 -10.52
N GLU A 22 11.87 -2.41 -10.90
CA GLU A 22 12.55 -3.33 -9.98
C GLU A 22 13.57 -2.57 -9.12
N GLY A 23 13.65 -2.96 -7.86
CA GLY A 23 14.58 -2.30 -6.94
C GLY A 23 14.01 -1.04 -6.34
N ALA A 24 13.40 -0.21 -7.17
CA ALA A 24 12.81 1.04 -6.71
C ALA A 24 11.90 0.82 -5.50
N THR A 25 11.29 1.89 -5.03
CA THR A 25 10.40 1.80 -3.87
C THR A 25 8.99 2.31 -4.22
N ALA A 26 8.07 1.38 -4.44
CA ALA A 26 6.70 1.72 -4.78
C ALA A 26 6.13 2.75 -3.79
N MET A 27 4.94 3.23 -4.09
CA MET A 27 4.28 4.21 -3.23
C MET A 27 2.76 4.06 -3.27
N LEU A 28 2.19 3.52 -2.21
CA LEU A 28 0.75 3.33 -2.13
C LEU A 28 0.16 4.10 -0.96
N TRP A 29 -0.91 4.84 -1.23
CA TRP A 29 -1.58 5.63 -0.20
C TRP A 29 -3.09 5.50 -0.31
N CYS A 30 -3.79 5.83 0.77
CA CYS A 30 -5.25 5.76 0.79
C CYS A 30 -5.82 6.61 1.91
N GLU A 31 -7.00 7.19 1.68
CA GLU A 31 -7.65 8.03 2.67
C GLU A 31 -8.78 7.27 3.37
N LEU A 32 -9.09 7.70 4.58
CA LEU A 32 -10.16 7.06 5.36
C LEU A 32 -11.04 8.11 6.03
N SER A 33 -12.34 7.84 6.08
CA SER A 33 -13.29 8.75 6.71
C SER A 33 -12.73 9.33 8.00
N LYS A 34 -11.81 8.59 8.62
CA LYS A 34 -11.20 9.02 9.87
C LYS A 34 -9.84 8.35 10.06
N VAL A 35 -9.08 8.84 11.02
CA VAL A 35 -7.76 8.29 11.32
C VAL A 35 -7.88 6.96 12.06
N ALA A 36 -7.53 5.87 11.39
CA ALA A 36 -7.60 4.55 11.99
C ALA A 36 -6.39 3.71 11.58
N PRO A 37 -6.03 2.74 12.44
CA PRO A 37 -4.89 1.85 12.19
C PRO A 37 -5.17 0.87 11.05
N VAL A 38 -4.45 1.06 9.94
CA VAL A 38 -4.62 0.19 8.78
C VAL A 38 -3.60 -0.95 8.80
N GLU A 39 -3.91 -2.02 8.08
CA GLU A 39 -3.02 -3.18 8.02
C GLU A 39 -2.77 -3.59 6.57
N TRP A 40 -1.64 -3.16 6.03
CA TRP A 40 -1.28 -3.48 4.65
C TRP A 40 -0.98 -4.97 4.50
N ARG A 41 -1.44 -5.55 3.40
CA ARG A 41 -1.22 -6.97 3.14
C ARG A 41 -1.11 -7.24 1.64
N LYS A 42 -0.36 -8.28 1.28
CA LYS A 42 -0.18 -8.64 -0.12
C LYS A 42 -0.63 -10.08 -0.37
N GLY A 43 -1.93 -10.26 -0.54
CA GLY A 43 -2.46 -11.60 -0.79
C GLY A 43 -2.02 -12.60 0.25
N PRO A 44 -1.25 -13.62 -0.19
CA PRO A 44 -0.74 -14.68 0.69
C PRO A 44 0.33 -14.15 1.65
N GLU A 45 0.82 -12.94 1.39
CA GLU A 45 1.85 -12.34 2.21
C GLU A 45 1.23 -11.46 3.30
N ASN A 46 2.05 -11.01 4.24
CA ASN A 46 1.58 -10.16 5.33
C ASN A 46 2.53 -8.99 5.54
N LEU A 47 2.09 -7.80 5.11
CA LEU A 47 2.90 -6.60 5.27
C LEU A 47 2.58 -5.88 6.57
N ARG A 48 3.52 -5.09 7.06
CA ARG A 48 3.34 -4.34 8.30
C ARG A 48 4.52 -3.41 8.55
N ASP A 49 4.28 -2.35 9.33
CA ASP A 49 5.31 -1.38 9.64
C ASP A 49 6.52 -2.07 10.27
N GLY A 50 7.61 -2.14 9.51
CA GLY A 50 8.81 -2.78 10.02
C GLY A 50 10.08 -2.12 9.49
N ASP A 51 10.99 -2.93 8.97
CA ASP A 51 12.25 -2.42 8.42
C ASP A 51 12.16 -2.24 6.92
N ARG A 52 12.09 -3.35 6.20
CA ARG A 52 12.00 -3.31 4.74
C ARG A 52 10.82 -2.46 4.28
N TYR A 53 9.70 -2.59 4.99
CA TYR A 53 8.49 -1.84 4.66
C TYR A 53 8.39 -0.58 5.51
N ILE A 54 8.41 0.58 4.86
CA ILE A 54 8.33 1.85 5.55
C ILE A 54 6.90 2.40 5.52
N LEU A 55 6.13 2.09 6.56
CA LEU A 55 4.75 2.56 6.65
C LEU A 55 4.67 3.91 7.34
N ARG A 56 3.72 4.73 6.93
CA ARG A 56 3.54 6.06 7.51
C ARG A 56 2.06 6.44 7.54
N GLN A 57 1.69 7.32 8.48
CA GLN A 57 0.31 7.77 8.60
C GLN A 57 0.25 9.17 9.18
N GLU A 58 -0.10 10.14 8.34
CA GLU A 58 -0.18 11.53 8.77
C GLU A 58 -1.64 11.95 8.97
N GLY A 59 -2.46 11.01 9.44
CA GLY A 59 -3.86 11.28 9.67
C GLY A 59 -4.77 10.29 8.97
N THR A 60 -5.76 10.80 8.24
CA THR A 60 -6.71 9.95 7.54
C THR A 60 -6.05 9.27 6.34
N ARG A 61 -4.95 9.86 5.86
CA ARG A 61 -4.23 9.32 4.73
C ARG A 61 -3.07 8.44 5.19
N CYS A 62 -2.89 7.31 4.51
CA CYS A 62 -1.81 6.38 4.85
C CYS A 62 -0.81 6.26 3.72
N GLU A 63 0.36 5.72 4.02
CA GLU A 63 1.42 5.56 3.02
C GLU A 63 2.22 4.29 3.28
N LEU A 64 2.41 3.49 2.24
CA LEU A 64 3.16 2.24 2.36
C LEU A 64 4.34 2.22 1.38
N GLN A 65 5.53 1.94 1.91
CA GLN A 65 6.73 1.89 1.09
C GLN A 65 7.34 0.50 1.09
N ILE A 66 7.60 -0.03 -0.10
CA ILE A 66 8.18 -1.36 -0.23
C ILE A 66 9.63 -1.29 -0.72
N CYS A 67 10.56 -1.17 0.23
CA CYS A 67 11.98 -1.08 -0.10
C CYS A 67 12.46 -2.38 -0.74
N GLY A 68 12.90 -2.30 -1.99
CA GLY A 68 13.38 -3.49 -2.68
C GLY A 68 12.33 -4.12 -3.55
N LEU A 69 11.94 -3.42 -4.62
CA LEU A 69 10.92 -3.92 -5.54
C LEU A 69 11.48 -5.06 -6.39
N ALA A 70 10.58 -5.90 -6.91
CA ALA A 70 10.97 -7.02 -7.74
C ALA A 70 9.77 -7.61 -8.48
N MET A 71 10.04 -8.30 -9.59
CA MET A 71 8.98 -8.91 -10.38
C MET A 71 7.90 -9.48 -9.47
N ALA A 72 8.32 -10.14 -8.40
CA ALA A 72 7.38 -10.75 -7.46
C ALA A 72 6.44 -9.70 -6.88
N ASP A 73 7.02 -8.60 -6.38
CA ASP A 73 6.22 -7.52 -5.79
C ASP A 73 4.96 -7.28 -6.61
N ALA A 74 5.09 -7.31 -7.93
CA ALA A 74 3.95 -7.08 -8.81
C ALA A 74 2.87 -8.15 -8.61
N GLY A 75 1.76 -7.74 -8.03
CA GLY A 75 0.67 -8.67 -7.77
C GLY A 75 -0.61 -7.97 -7.38
N GLU A 76 -0.96 -8.05 -6.09
CA GLU A 76 -2.18 -7.43 -5.59
C GLU A 76 -2.01 -7.01 -4.13
N TYR A 77 -2.04 -5.70 -3.90
CA TYR A 77 -1.89 -5.17 -2.55
C TYR A 77 -3.24 -4.73 -1.98
N LEU A 78 -3.51 -5.13 -0.74
CA LEU A 78 -4.77 -4.79 -0.09
C LEU A 78 -4.51 -3.93 1.15
N CYS A 79 -5.40 -2.98 1.40
CA CYS A 79 -5.28 -2.09 2.55
C CYS A 79 -6.50 -2.19 3.45
N VAL A 80 -6.34 -2.84 4.59
CA VAL A 80 -7.44 -3.00 5.54
C VAL A 80 -7.46 -1.87 6.55
N CYS A 81 -8.65 -1.35 6.84
CA CYS A 81 -8.80 -0.26 7.80
C CYS A 81 -9.78 -0.64 8.90
N GLY A 82 -9.77 -1.92 9.27
CA GLY A 82 -10.67 -2.39 10.31
C GLY A 82 -11.82 -3.21 9.77
N GLN A 83 -12.96 -2.58 9.58
CA GLN A 83 -14.14 -3.26 9.06
C GLN A 83 -14.13 -3.28 7.54
N GLU A 84 -13.62 -2.22 6.94
CA GLU A 84 -13.54 -2.11 5.48
C GLU A 84 -12.17 -2.55 4.98
N ARG A 85 -12.02 -2.60 3.66
CA ARG A 85 -10.77 -2.99 3.04
C ARG A 85 -10.83 -2.83 1.52
N THR A 86 -9.71 -2.43 0.93
CA THR A 86 -9.63 -2.23 -0.51
C THR A 86 -8.45 -2.99 -1.12
N SER A 87 -8.55 -3.30 -2.40
CA SER A 87 -7.48 -4.03 -3.09
C SER A 87 -7.01 -3.26 -4.31
N ALA A 88 -5.79 -3.55 -4.75
CA ALA A 88 -5.20 -2.88 -5.91
C ALA A 88 -4.30 -3.83 -6.69
N THR A 89 -3.68 -3.31 -7.75
CA THR A 89 -2.78 -4.11 -8.57
C THR A 89 -1.52 -3.33 -8.92
N LEU A 90 -0.39 -3.76 -8.37
CA LEU A 90 0.88 -3.11 -8.61
C LEU A 90 1.58 -3.72 -9.83
N THR A 91 2.46 -2.94 -10.45
CA THR A 91 3.20 -3.40 -11.62
C THR A 91 4.69 -3.13 -11.48
N ILE A 92 5.51 -4.11 -11.83
CA ILE A 92 6.95 -3.96 -11.76
C ILE A 92 7.58 -3.90 -13.15
N ARG A 93 8.71 -3.20 -13.25
CA ARG A 93 9.40 -3.07 -14.53
C ARG A 93 10.86 -3.51 -14.40
N ALA A 94 11.19 -4.63 -15.03
CA ALA A 94 12.54 -5.16 -14.98
C ALA A 94 13.57 -4.05 -15.18
N LEU A 95 14.58 -4.03 -14.32
CA LEU A 95 15.63 -3.02 -14.40
C LEU A 95 16.39 -3.12 -15.72
N PRO A 96 17.06 -2.03 -16.10
CA PRO A 96 17.85 -1.99 -17.34
C PRO A 96 19.10 -2.85 -17.26
N SER A 97 19.74 -3.05 -18.41
CA SER A 97 20.95 -3.86 -18.48
C SER A 97 22.16 -3.08 -17.99
N GLY A 98 22.79 -3.57 -16.93
CA GLY A 98 23.96 -2.90 -16.38
C GLY A 98 24.92 -3.86 -15.72
N PRO A 99 24.80 -4.01 -14.39
CA PRO A 99 25.66 -4.90 -13.61
C PRO A 99 25.38 -6.38 -13.90
N SER A 100 24.22 -6.65 -14.50
CA SER A 100 23.84 -8.02 -14.83
C SER A 100 23.45 -8.13 -16.30
N SER A 101 24.04 -9.10 -16.98
CA SER A 101 23.76 -9.32 -18.40
C SER A 101 22.50 -10.16 -18.59
N GLY A 102 21.83 -9.96 -19.71
CA GLY A 102 20.61 -10.72 -19.99
C GLY A 102 20.88 -11.97 -20.79
N GLY A 1 -32.50 10.79 5.13
CA GLY A 1 -32.38 10.84 6.58
C GLY A 1 -30.99 10.48 7.06
N SER A 2 -30.03 11.35 6.79
CA SER A 2 -28.65 11.13 7.20
C SER A 2 -28.52 11.12 8.72
N SER A 3 -28.40 9.92 9.29
CA SER A 3 -28.28 9.77 10.73
C SER A 3 -27.24 8.71 11.08
N GLY A 4 -26.42 8.98 12.09
CA GLY A 4 -25.41 8.03 12.51
C GLY A 4 -24.14 8.71 12.98
N SER A 5 -23.99 8.84 14.30
CA SER A 5 -22.81 9.47 14.88
C SER A 5 -21.79 8.43 15.31
N SER A 6 -22.04 7.18 14.95
CA SER A 6 -21.15 6.08 15.31
C SER A 6 -20.85 5.20 14.09
N GLY A 7 -19.75 5.50 13.40
CA GLY A 7 -19.38 4.72 12.24
C GLY A 7 -17.88 4.61 12.07
N PRO A 8 -17.42 3.46 11.54
CA PRO A 8 -15.99 3.20 11.33
C PRO A 8 -15.41 4.06 10.20
N ALA A 9 -14.13 3.88 9.94
CA ALA A 9 -13.45 4.64 8.89
C ALA A 9 -13.68 3.99 7.53
N LYS A 10 -14.34 4.72 6.63
CA LYS A 10 -14.62 4.22 5.29
C LYS A 10 -13.68 4.86 4.26
N PHE A 11 -13.05 4.03 3.44
CA PHE A 11 -12.13 4.51 2.42
C PHE A 11 -12.81 5.56 1.54
N THR A 12 -12.27 6.77 1.54
CA THR A 12 -12.82 7.85 0.73
C THR A 12 -12.29 7.80 -0.70
N GLU A 13 -11.02 7.46 -0.85
CA GLU A 13 -10.41 7.37 -2.17
C GLU A 13 -10.02 5.93 -2.49
N GLY A 14 -9.72 5.15 -1.45
CA GLY A 14 -9.35 3.76 -1.64
C GLY A 14 -8.03 3.62 -2.39
N LEU A 15 -7.49 2.42 -2.40
CA LEU A 15 -6.23 2.14 -3.09
C LEU A 15 -6.37 2.38 -4.59
N ARG A 16 -5.31 2.08 -5.34
CA ARG A 16 -5.31 2.27 -6.78
C ARG A 16 -4.16 1.50 -7.43
N ASN A 17 -4.20 1.40 -8.75
CA ASN A 17 -3.17 0.68 -9.50
C ASN A 17 -2.01 1.62 -9.85
N GLU A 18 -0.79 1.11 -9.71
CA GLU A 18 0.40 1.90 -10.01
C GLU A 18 1.51 1.02 -10.57
N GLU A 19 2.61 1.65 -10.98
CA GLU A 19 3.74 0.92 -11.54
C GLU A 19 5.06 1.47 -11.00
N ALA A 20 6.14 0.73 -11.23
CA ALA A 20 7.46 1.15 -10.77
C ALA A 20 8.56 0.33 -11.44
N VAL A 21 9.80 0.56 -11.03
CA VAL A 21 10.94 -0.15 -11.59
C VAL A 21 11.61 -1.02 -10.54
N GLU A 22 12.06 -2.21 -10.94
CA GLU A 22 12.73 -3.12 -10.03
C GLU A 22 13.72 -2.38 -9.14
N GLY A 23 13.84 -2.84 -7.90
CA GLY A 23 14.76 -2.21 -6.97
C GLY A 23 14.18 -0.96 -6.34
N ALA A 24 13.51 -0.15 -7.14
CA ALA A 24 12.91 1.09 -6.66
C ALA A 24 11.98 0.81 -5.47
N THR A 25 11.30 1.85 -5.01
CA THR A 25 10.38 1.72 -3.88
C THR A 25 8.96 2.10 -4.28
N ALA A 26 8.09 1.10 -4.36
CA ALA A 26 6.70 1.32 -4.73
C ALA A 26 6.09 2.44 -3.90
N MET A 27 4.84 2.79 -4.21
CA MET A 27 4.13 3.85 -3.49
C MET A 27 2.62 3.61 -3.51
N LEU A 28 2.08 3.26 -2.35
CA LEU A 28 0.65 3.01 -2.23
C LEU A 28 0.05 3.76 -1.06
N TRP A 29 -0.91 4.62 -1.34
CA TRP A 29 -1.57 5.41 -0.30
C TRP A 29 -3.09 5.32 -0.41
N CYS A 30 -3.77 5.61 0.69
CA CYS A 30 -5.23 5.56 0.71
C CYS A 30 -5.80 6.44 1.82
N GLU A 31 -6.86 7.17 1.51
CA GLU A 31 -7.49 8.05 2.49
C GLU A 31 -8.64 7.35 3.20
N LEU A 32 -9.08 7.92 4.32
CA LEU A 32 -10.17 7.34 5.09
C LEU A 32 -11.05 8.44 5.68
N SER A 33 -12.28 8.08 6.03
CA SER A 33 -13.22 9.03 6.61
C SER A 33 -12.71 9.55 7.94
N LYS A 34 -11.64 8.94 8.45
CA LYS A 34 -11.05 9.34 9.72
C LYS A 34 -9.77 8.57 10.00
N VAL A 35 -8.93 9.12 10.86
CA VAL A 35 -7.67 8.47 11.21
C VAL A 35 -7.90 7.16 11.94
N ALA A 36 -7.37 6.07 11.39
CA ALA A 36 -7.52 4.75 11.98
C ALA A 36 -6.34 3.85 11.64
N PRO A 37 -6.10 2.85 12.49
CA PRO A 37 -5.00 1.90 12.29
C PRO A 37 -5.23 0.97 11.09
N VAL A 38 -4.49 1.21 10.01
CA VAL A 38 -4.62 0.41 8.81
C VAL A 38 -3.65 -0.77 8.84
N GLU A 39 -3.98 -1.81 8.07
CA GLU A 39 -3.14 -2.99 8.01
C GLU A 39 -2.94 -3.45 6.56
N TRP A 40 -1.77 -3.17 6.01
CA TRP A 40 -1.46 -3.55 4.64
C TRP A 40 -1.22 -5.06 4.52
N ARG A 41 -1.79 -5.67 3.49
CA ARG A 41 -1.63 -7.11 3.28
C ARG A 41 -1.40 -7.42 1.81
N LYS A 42 -0.72 -8.52 1.54
CA LYS A 42 -0.43 -8.93 0.17
C LYS A 42 -0.83 -10.39 -0.06
N GLY A 43 -2.08 -10.61 -0.43
CA GLY A 43 -2.56 -11.95 -0.67
C GLY A 43 -2.23 -12.90 0.46
N PRO A 44 -1.45 -13.96 0.15
CA PRO A 44 -1.04 -14.95 1.13
C PRO A 44 -0.05 -14.40 2.15
N GLU A 45 0.54 -13.25 1.83
CA GLU A 45 1.51 -12.62 2.71
C GLU A 45 0.82 -11.64 3.65
N ASN A 46 1.61 -11.02 4.53
CA ASN A 46 1.08 -10.05 5.49
C ASN A 46 2.07 -8.92 5.73
N LEU A 47 1.74 -7.75 5.20
CA LEU A 47 2.60 -6.58 5.35
C LEU A 47 2.33 -5.87 6.68
N ARG A 48 3.24 -4.97 7.05
CA ARG A 48 3.10 -4.23 8.31
C ARG A 48 4.19 -3.17 8.44
N ASP A 49 3.95 -2.18 9.27
CA ASP A 49 4.91 -1.10 9.49
C ASP A 49 6.18 -1.64 10.14
N GLY A 50 7.26 -1.72 9.37
CA GLY A 50 8.52 -2.21 9.90
C GLY A 50 9.71 -1.68 9.13
N ASP A 51 10.76 -2.49 9.02
CA ASP A 51 11.96 -2.11 8.32
C ASP A 51 11.81 -2.28 6.81
N ARG A 52 11.75 -3.54 6.37
CA ARG A 52 11.59 -3.85 4.96
C ARG A 52 10.41 -3.10 4.36
N TYR A 53 9.48 -2.70 5.23
CA TYR A 53 8.28 -1.98 4.79
C TYR A 53 8.18 -0.64 5.50
N ILE A 54 8.46 0.44 4.77
CA ILE A 54 8.40 1.78 5.33
C ILE A 54 6.96 2.32 5.30
N LEU A 55 6.27 2.19 6.43
CA LEU A 55 4.89 2.66 6.54
C LEU A 55 4.84 4.04 7.19
N ARG A 56 3.83 4.83 6.82
CA ARG A 56 3.67 6.16 7.36
C ARG A 56 2.20 6.56 7.41
N GLN A 57 1.83 7.38 8.39
CA GLN A 57 0.46 7.83 8.53
C GLN A 57 0.40 9.25 9.09
N GLU A 58 0.07 10.20 8.23
CA GLU A 58 -0.01 11.60 8.64
C GLU A 58 -1.47 12.02 8.85
N GLY A 59 -2.30 11.07 9.25
CA GLY A 59 -3.70 11.35 9.47
C GLY A 59 -4.62 10.36 8.79
N THR A 60 -5.63 10.86 8.09
CA THR A 60 -6.58 10.01 7.39
C THR A 60 -5.93 9.34 6.19
N ARG A 61 -4.71 9.76 5.87
CA ARG A 61 -3.98 9.19 4.74
C ARG A 61 -2.87 8.26 5.23
N CYS A 62 -2.84 7.06 4.66
CA CYS A 62 -1.83 6.06 5.03
C CYS A 62 -0.95 5.72 3.85
N GLU A 63 0.33 6.06 3.96
CA GLU A 63 1.30 5.78 2.90
C GLU A 63 2.09 4.51 3.19
N LEU A 64 2.36 3.75 2.15
CA LEU A 64 3.12 2.50 2.29
C LEU A 64 4.27 2.44 1.29
N GLN A 65 5.44 2.02 1.76
CA GLN A 65 6.61 1.92 0.90
C GLN A 65 7.24 0.53 1.01
N ILE A 66 7.51 -0.09 -0.13
CA ILE A 66 8.12 -1.41 -0.16
C ILE A 66 9.58 -1.33 -0.62
N CYS A 67 10.49 -1.28 0.35
CA CYS A 67 11.92 -1.22 0.05
C CYS A 67 12.40 -2.51 -0.60
N GLY A 68 12.88 -2.40 -1.83
CA GLY A 68 13.37 -3.57 -2.55
C GLY A 68 12.34 -4.16 -3.47
N LEU A 69 12.04 -3.45 -4.56
CA LEU A 69 11.05 -3.91 -5.53
C LEU A 69 11.62 -5.01 -6.41
N ALA A 70 10.75 -5.79 -7.03
CA ALA A 70 11.17 -6.88 -7.90
C ALA A 70 9.97 -7.53 -8.59
N MET A 71 10.21 -8.11 -9.76
CA MET A 71 9.14 -8.78 -10.50
C MET A 71 8.15 -9.45 -9.57
N ALA A 72 8.64 -9.96 -8.45
CA ALA A 72 7.80 -10.62 -7.47
C ALA A 72 6.81 -9.65 -6.85
N ASP A 73 7.31 -8.49 -6.43
CA ASP A 73 6.47 -7.47 -5.81
C ASP A 73 5.20 -7.26 -6.62
N ALA A 74 5.32 -7.31 -7.95
CA ALA A 74 4.18 -7.13 -8.84
C ALA A 74 3.06 -8.11 -8.50
N GLY A 75 1.99 -7.61 -7.89
CA GLY A 75 0.88 -8.45 -7.54
C GLY A 75 -0.36 -7.66 -7.16
N GLU A 76 -0.94 -7.99 -6.01
CA GLU A 76 -2.13 -7.30 -5.54
C GLU A 76 -2.02 -6.94 -4.05
N TYR A 77 -2.01 -5.65 -3.76
CA TYR A 77 -1.89 -5.19 -2.39
C TYR A 77 -3.25 -4.73 -1.85
N LEU A 78 -3.57 -5.16 -0.63
CA LEU A 78 -4.83 -4.81 0.00
C LEU A 78 -4.60 -3.99 1.26
N CYS A 79 -5.47 -3.00 1.48
CA CYS A 79 -5.35 -2.14 2.66
C CYS A 79 -6.61 -2.25 3.53
N VAL A 80 -6.46 -2.86 4.69
CA VAL A 80 -7.58 -3.02 5.62
C VAL A 80 -7.65 -1.87 6.60
N CYS A 81 -8.81 -1.23 6.68
CA CYS A 81 -9.01 -0.11 7.59
C CYS A 81 -10.09 -0.42 8.62
N GLY A 82 -9.74 -1.24 9.60
CA GLY A 82 -10.71 -1.61 10.63
C GLY A 82 -11.68 -2.68 10.17
N GLN A 83 -12.82 -2.23 9.65
CA GLN A 83 -13.84 -3.16 9.16
C GLN A 83 -13.86 -3.21 7.64
N GLU A 84 -13.48 -2.09 7.02
CA GLU A 84 -13.45 -2.00 5.56
C GLU A 84 -12.11 -2.43 5.02
N ARG A 85 -11.99 -2.49 3.69
CA ARG A 85 -10.75 -2.89 3.05
C ARG A 85 -10.86 -2.74 1.52
N THR A 86 -9.72 -2.58 0.87
CA THR A 86 -9.69 -2.43 -0.58
C THR A 86 -8.57 -3.26 -1.19
N SER A 87 -8.44 -3.20 -2.52
CA SER A 87 -7.41 -3.95 -3.23
C SER A 87 -6.97 -3.20 -4.48
N ALA A 88 -5.71 -3.42 -4.86
CA ALA A 88 -5.16 -2.77 -6.05
C ALA A 88 -4.17 -3.68 -6.77
N THR A 89 -3.55 -3.16 -7.82
CA THR A 89 -2.59 -3.93 -8.60
C THR A 89 -1.34 -3.11 -8.88
N LEU A 90 -0.18 -3.63 -8.48
CA LEU A 90 1.09 -2.94 -8.70
C LEU A 90 1.79 -3.49 -9.94
N THR A 91 2.62 -2.66 -10.56
CA THR A 91 3.35 -3.06 -11.75
C THR A 91 4.85 -2.81 -11.59
N ILE A 92 5.65 -3.80 -11.95
CA ILE A 92 7.10 -3.70 -11.84
C ILE A 92 7.76 -3.67 -13.21
N ARG A 93 8.75 -2.80 -13.36
CA ARG A 93 9.47 -2.68 -14.63
C ARG A 93 10.90 -3.17 -14.50
N ALA A 94 11.22 -4.24 -15.22
CA ALA A 94 12.57 -4.80 -15.19
C ALA A 94 13.63 -3.73 -15.42
N LEU A 95 14.57 -3.62 -14.49
CA LEU A 95 15.64 -2.64 -14.59
C LEU A 95 16.42 -2.81 -15.89
N PRO A 96 17.06 -1.72 -16.35
CA PRO A 96 17.85 -1.72 -17.58
C PRO A 96 19.13 -2.54 -17.45
N SER A 97 19.38 -3.40 -18.43
CA SER A 97 20.57 -4.24 -18.43
C SER A 97 21.31 -4.14 -19.75
N GLY A 98 22.31 -3.28 -19.80
CA GLY A 98 23.09 -3.11 -21.03
C GLY A 98 24.18 -2.06 -20.88
N PRO A 99 25.43 -2.46 -21.15
CA PRO A 99 26.58 -1.56 -21.04
C PRO A 99 26.59 -0.51 -22.14
N SER A 100 26.42 0.75 -21.76
CA SER A 100 26.40 1.85 -22.70
C SER A 100 25.61 1.48 -23.95
N SER A 101 24.47 0.84 -23.75
CA SER A 101 23.61 0.42 -24.85
C SER A 101 22.26 1.13 -24.79
N GLY A 102 22.12 2.20 -25.56
CA GLY A 102 20.88 2.95 -25.58
C GLY A 102 20.61 3.59 -26.92
N GLY A 1 -22.30 2.32 33.00
CA GLY A 1 -21.09 1.91 32.30
C GLY A 1 -20.74 2.85 31.16
N SER A 2 -20.18 2.29 30.09
CA SER A 2 -19.78 3.08 28.94
C SER A 2 -20.83 2.98 27.83
N SER A 3 -20.95 4.04 27.04
CA SER A 3 -21.92 4.08 25.94
C SER A 3 -21.77 2.85 25.05
N GLY A 4 -22.67 2.73 24.08
CA GLY A 4 -22.63 1.59 23.17
C GLY A 4 -22.64 2.02 21.72
N SER A 5 -21.52 2.57 21.25
CA SER A 5 -21.41 3.02 19.87
C SER A 5 -19.97 2.94 19.38
N SER A 6 -19.80 2.76 18.08
CA SER A 6 -18.48 2.67 17.48
C SER A 6 -18.48 3.14 16.03
N GLY A 7 -17.63 4.11 15.73
CA GLY A 7 -17.55 4.64 14.38
C GLY A 7 -16.25 4.31 13.69
N PRO A 8 -16.26 3.25 12.86
CA PRO A 8 -15.08 2.80 12.13
C PRO A 8 -14.67 3.77 11.03
N ALA A 9 -13.73 3.36 10.19
CA ALA A 9 -13.26 4.20 9.10
C ALA A 9 -13.65 3.61 7.75
N LYS A 10 -13.73 4.46 6.74
CA LYS A 10 -14.09 4.03 5.39
C LYS A 10 -13.13 4.61 4.35
N PHE A 11 -12.95 3.87 3.26
CA PHE A 11 -12.06 4.32 2.19
C PHE A 11 -12.79 5.24 1.22
N THR A 12 -12.45 6.53 1.29
CA THR A 12 -13.07 7.53 0.42
C THR A 12 -12.43 7.52 -0.97
N GLU A 13 -11.13 7.22 -1.00
CA GLU A 13 -10.40 7.17 -2.27
C GLU A 13 -9.99 5.75 -2.62
N GLY A 14 -9.65 4.97 -1.60
CA GLY A 14 -9.26 3.59 -1.82
C GLY A 14 -7.93 3.49 -2.55
N LEU A 15 -7.35 2.31 -2.55
CA LEU A 15 -6.07 2.07 -3.22
C LEU A 15 -6.21 2.25 -4.73
N ARG A 16 -5.08 2.40 -5.41
CA ARG A 16 -5.08 2.57 -6.86
C ARG A 16 -3.94 1.79 -7.50
N ASN A 17 -4.19 1.28 -8.70
CA ASN A 17 -3.18 0.51 -9.43
C ASN A 17 -2.05 1.41 -9.91
N GLU A 18 -0.81 1.01 -9.61
CA GLU A 18 0.36 1.79 -10.01
C GLU A 18 1.42 0.88 -10.61
N GLU A 19 2.54 1.47 -11.01
CA GLU A 19 3.64 0.72 -11.60
C GLU A 19 4.98 1.36 -11.27
N ALA A 20 6.04 0.55 -11.26
CA ALA A 20 7.38 1.03 -10.97
C ALA A 20 8.44 0.13 -11.59
N VAL A 21 9.70 0.44 -11.32
CA VAL A 21 10.82 -0.34 -11.85
C VAL A 21 11.47 -1.19 -10.77
N GLU A 22 11.80 -2.42 -11.11
CA GLU A 22 12.44 -3.34 -10.17
C GLU A 22 13.46 -2.60 -9.31
N GLY A 23 13.57 -3.01 -8.05
CA GLY A 23 14.52 -2.38 -7.14
C GLY A 23 13.98 -1.09 -6.56
N ALA A 24 13.29 -0.31 -7.39
CA ALA A 24 12.73 0.96 -6.94
C ALA A 24 11.85 0.77 -5.72
N THR A 25 11.23 1.86 -5.27
CA THR A 25 10.36 1.82 -4.10
C THR A 25 8.94 2.20 -4.46
N ALA A 26 8.04 1.21 -4.50
CA ALA A 26 6.64 1.46 -4.83
C ALA A 26 6.06 2.56 -3.96
N MET A 27 4.81 2.94 -4.24
CA MET A 27 4.14 3.98 -3.48
C MET A 27 2.64 3.77 -3.49
N LEU A 28 2.09 3.36 -2.35
CA LEU A 28 0.66 3.12 -2.22
C LEU A 28 0.07 3.90 -1.05
N TRP A 29 -0.81 4.84 -1.36
CA TRP A 29 -1.45 5.66 -0.33
C TRP A 29 -2.97 5.56 -0.42
N CYS A 30 -3.64 5.94 0.66
CA CYS A 30 -5.11 5.89 0.70
C CYS A 30 -5.64 6.81 1.79
N GLU A 31 -6.87 7.29 1.60
CA GLU A 31 -7.50 8.17 2.58
C GLU A 31 -8.64 7.47 3.29
N LEU A 32 -8.94 7.94 4.51
CA LEU A 32 -10.01 7.35 5.31
C LEU A 32 -10.88 8.44 5.93
N SER A 33 -12.15 8.12 6.13
CA SER A 33 -13.09 9.07 6.72
C SER A 33 -12.57 9.60 8.06
N LYS A 34 -11.57 8.91 8.60
CA LYS A 34 -10.98 9.30 9.88
C LYS A 34 -9.65 8.60 10.09
N VAL A 35 -8.86 9.10 11.04
CA VAL A 35 -7.56 8.52 11.34
C VAL A 35 -7.71 7.17 12.05
N ALA A 36 -7.53 6.10 11.28
CA ALA A 36 -7.65 4.75 11.82
C ALA A 36 -6.46 3.90 11.41
N PRO A 37 -6.08 2.94 12.29
CA PRO A 37 -4.96 2.04 12.03
C PRO A 37 -5.26 1.05 10.92
N VAL A 38 -4.55 1.19 9.80
CA VAL A 38 -4.74 0.30 8.66
C VAL A 38 -3.77 -0.88 8.72
N GLU A 39 -4.11 -1.95 8.01
CA GLU A 39 -3.28 -3.15 7.98
C GLU A 39 -3.00 -3.58 6.55
N TRP A 40 -1.81 -3.26 6.05
CA TRP A 40 -1.42 -3.62 4.70
C TRP A 40 -1.18 -5.13 4.58
N ARG A 41 -1.67 -5.72 3.50
CA ARG A 41 -1.51 -7.15 3.26
C ARG A 41 -1.39 -7.45 1.78
N LYS A 42 -0.81 -8.61 1.46
CA LYS A 42 -0.62 -9.01 0.07
C LYS A 42 -1.17 -10.43 -0.15
N GLY A 43 -2.47 -10.52 -0.41
CA GLY A 43 -3.08 -11.81 -0.64
C GLY A 43 -2.77 -12.82 0.45
N PRO A 44 -2.08 -13.91 0.10
CA PRO A 44 -1.71 -14.96 1.04
C PRO A 44 -0.64 -14.49 2.02
N GLU A 45 -0.01 -13.37 1.71
CA GLU A 45 1.04 -12.82 2.58
C GLU A 45 0.47 -11.76 3.51
N ASN A 46 1.32 -11.23 4.39
CA ASN A 46 0.91 -10.21 5.34
C ASN A 46 2.02 -9.19 5.55
N LEU A 47 1.70 -7.92 5.32
CA LEU A 47 2.68 -6.83 5.49
C LEU A 47 2.41 -6.06 6.78
N ARG A 48 3.40 -5.31 7.23
CA ARG A 48 3.28 -4.52 8.44
C ARG A 48 4.42 -3.52 8.57
N ASP A 49 4.26 -2.55 9.47
CA ASP A 49 5.29 -1.53 9.69
C ASP A 49 6.60 -2.16 10.12
N GLY A 50 7.53 -2.33 9.19
CA GLY A 50 8.81 -2.92 9.51
C GLY A 50 9.96 -2.23 8.80
N ASP A 51 11.15 -2.80 8.92
CA ASP A 51 12.34 -2.23 8.28
C ASP A 51 12.16 -2.14 6.77
N ARG A 52 12.03 -3.30 6.13
CA ARG A 52 11.86 -3.35 4.68
C ARG A 52 10.60 -2.57 4.26
N TYR A 53 9.55 -2.69 5.06
CA TYR A 53 8.29 -2.01 4.75
C TYR A 53 8.19 -0.70 5.54
N ILE A 54 8.44 0.41 4.86
CA ILE A 54 8.37 1.72 5.48
C ILE A 54 6.95 2.26 5.46
N LEU A 55 6.23 2.07 6.57
CA LEU A 55 4.86 2.54 6.68
C LEU A 55 4.80 3.90 7.40
N ARG A 56 3.84 4.71 7.02
CA ARG A 56 3.68 6.03 7.62
C ARG A 56 2.21 6.42 7.69
N GLN A 57 1.89 7.37 8.56
CA GLN A 57 0.52 7.84 8.72
C GLN A 57 0.47 9.17 9.48
N GLU A 58 0.14 10.24 8.76
CA GLU A 58 0.06 11.56 9.36
C GLU A 58 -1.35 11.84 9.90
N GLY A 59 -2.34 11.24 9.26
CA GLY A 59 -3.71 11.43 9.69
C GLY A 59 -4.69 10.51 8.98
N THR A 60 -5.61 11.11 8.23
CA THR A 60 -6.60 10.33 7.49
C THR A 60 -5.99 9.73 6.22
N ARG A 61 -4.70 9.93 6.05
CA ARG A 61 -4.00 9.41 4.88
C ARG A 61 -2.85 8.49 5.29
N CYS A 62 -2.78 7.32 4.67
CA CYS A 62 -1.74 6.35 4.97
C CYS A 62 -0.77 6.20 3.79
N GLU A 63 0.50 6.01 4.10
CA GLU A 63 1.52 5.85 3.07
C GLU A 63 2.33 4.57 3.29
N LEU A 64 2.49 3.79 2.23
CA LEU A 64 3.24 2.55 2.31
C LEU A 64 4.39 2.53 1.30
N GLN A 65 5.59 2.28 1.79
CA GLN A 65 6.77 2.24 0.92
C GLN A 65 7.43 0.87 0.96
N ILE A 66 7.51 0.22 -0.19
CA ILE A 66 8.11 -1.10 -0.29
C ILE A 66 9.56 -1.01 -0.77
N CYS A 67 10.48 -0.93 0.17
CA CYS A 67 11.90 -0.84 -0.16
C CYS A 67 12.41 -2.16 -0.73
N GLY A 68 12.82 -2.12 -2.01
CA GLY A 68 13.32 -3.31 -2.65
C GLY A 68 12.27 -4.00 -3.50
N LEU A 69 11.91 -3.37 -4.61
CA LEU A 69 10.91 -3.91 -5.53
C LEU A 69 11.49 -5.07 -6.34
N ALA A 70 10.60 -5.87 -6.94
CA ALA A 70 11.03 -7.00 -7.74
C ALA A 70 9.84 -7.65 -8.44
N MET A 71 10.09 -8.29 -9.58
CA MET A 71 9.04 -8.95 -10.33
C MET A 71 8.02 -9.59 -9.40
N ALA A 72 8.50 -10.14 -8.29
CA ALA A 72 7.62 -10.78 -7.31
C ALA A 72 6.67 -9.76 -6.68
N ASP A 73 7.23 -8.66 -6.20
CA ASP A 73 6.43 -7.61 -5.57
C ASP A 73 5.14 -7.36 -6.35
N ALA A 74 5.25 -7.38 -7.68
CA ALA A 74 4.09 -7.17 -8.54
C ALA A 74 2.98 -8.18 -8.24
N GLY A 75 1.79 -7.68 -7.96
CA GLY A 75 0.67 -8.54 -7.65
C GLY A 75 -0.58 -7.77 -7.25
N GLU A 76 -1.03 -7.99 -6.02
CA GLU A 76 -2.22 -7.32 -5.52
C GLU A 76 -2.06 -6.95 -4.05
N TYR A 77 -2.14 -5.66 -3.75
CA TYR A 77 -1.99 -5.18 -2.38
C TYR A 77 -3.35 -4.77 -1.81
N LEU A 78 -3.66 -5.27 -0.63
CA LEU A 78 -4.92 -4.95 0.05
C LEU A 78 -4.68 -4.19 1.34
N CYS A 79 -5.54 -3.22 1.62
CA CYS A 79 -5.42 -2.42 2.84
C CYS A 79 -6.68 -2.53 3.69
N VAL A 80 -6.55 -3.20 4.83
CA VAL A 80 -7.68 -3.39 5.74
C VAL A 80 -7.78 -2.23 6.74
N CYS A 81 -8.97 -1.68 6.88
CA CYS A 81 -9.20 -0.56 7.80
C CYS A 81 -10.55 -0.70 8.49
N GLY A 82 -10.53 -0.72 9.82
CA GLY A 82 -11.76 -0.84 10.58
C GLY A 82 -12.63 -2.00 10.09
N GLN A 83 -13.71 -1.66 9.41
CA GLN A 83 -14.63 -2.67 8.89
C GLN A 83 -14.68 -2.62 7.36
N GLU A 84 -13.57 -2.23 6.75
CA GLU A 84 -13.50 -2.15 5.29
C GLU A 84 -12.17 -2.69 4.78
N ARG A 85 -12.01 -2.71 3.46
CA ARG A 85 -10.80 -3.20 2.84
C ARG A 85 -10.82 -2.98 1.33
N THR A 86 -9.70 -2.48 0.80
CA THR A 86 -9.59 -2.21 -0.63
C THR A 86 -8.38 -2.93 -1.23
N SER A 87 -8.52 -3.34 -2.49
CA SER A 87 -7.43 -4.04 -3.18
C SER A 87 -7.00 -3.27 -4.42
N ALA A 88 -5.74 -3.45 -4.81
CA ALA A 88 -5.20 -2.76 -5.98
C ALA A 88 -4.25 -3.68 -6.75
N THR A 89 -3.64 -3.14 -7.80
CA THR A 89 -2.71 -3.91 -8.62
C THR A 89 -1.43 -3.12 -8.89
N LEU A 90 -0.30 -3.73 -8.57
CA LEU A 90 1.00 -3.09 -8.78
C LEU A 90 1.74 -3.73 -9.95
N THR A 91 2.53 -2.92 -10.66
CA THR A 91 3.29 -3.41 -11.80
C THR A 91 4.78 -3.13 -11.62
N ILE A 92 5.61 -4.13 -11.93
CA ILE A 92 7.05 -4.00 -11.79
C ILE A 92 7.73 -4.03 -13.17
N ARG A 93 8.63 -3.09 -13.40
CA ARG A 93 9.35 -3.01 -14.66
C ARG A 93 10.79 -3.49 -14.49
N ALA A 94 11.10 -4.64 -15.08
CA ALA A 94 12.44 -5.20 -15.00
C ALA A 94 13.50 -4.15 -15.31
N LEU A 95 14.42 -3.94 -14.36
CA LEU A 95 15.48 -2.97 -14.53
C LEU A 95 16.18 -3.14 -15.87
N PRO A 96 16.76 -2.05 -16.39
CA PRO A 96 17.47 -2.05 -17.67
C PRO A 96 18.79 -2.83 -17.60
N SER A 97 18.73 -4.11 -17.97
CA SER A 97 19.92 -4.95 -17.94
C SER A 97 20.56 -5.03 -19.32
N GLY A 98 21.82 -4.60 -19.40
CA GLY A 98 22.53 -4.63 -20.67
C GLY A 98 23.68 -3.64 -20.71
N PRO A 99 23.51 -2.57 -21.51
CA PRO A 99 24.53 -1.53 -21.65
C PRO A 99 24.69 -0.70 -20.39
N SER A 100 23.57 -0.36 -19.75
CA SER A 100 23.58 0.43 -18.54
C SER A 100 24.70 -0.01 -17.61
N SER A 101 25.10 0.87 -16.69
CA SER A 101 26.17 0.57 -15.75
C SER A 101 25.89 -0.74 -15.00
N GLY A 102 24.63 -0.93 -14.62
CA GLY A 102 24.26 -2.14 -13.91
C GLY A 102 23.59 -3.17 -14.81
N GLY A 1 -25.09 9.80 26.90
CA GLY A 1 -25.17 9.59 25.47
C GLY A 1 -23.81 9.66 24.80
N SER A 2 -23.44 10.84 24.35
CA SER A 2 -22.15 11.04 23.67
C SER A 2 -22.08 10.21 22.39
N SER A 3 -23.19 10.21 21.64
CA SER A 3 -23.25 9.46 20.39
C SER A 3 -22.68 10.29 19.23
N GLY A 4 -22.58 9.66 18.06
CA GLY A 4 -22.06 10.35 16.90
C GLY A 4 -20.54 10.28 16.82
N SER A 5 -19.88 10.57 17.92
CA SER A 5 -18.42 10.54 17.97
C SER A 5 -17.89 9.23 17.42
N SER A 6 -18.23 8.13 18.08
CA SER A 6 -17.79 6.81 17.66
C SER A 6 -18.25 6.51 16.23
N GLY A 7 -17.37 5.88 15.46
CA GLY A 7 -17.70 5.55 14.08
C GLY A 7 -16.56 4.83 13.37
N PRO A 8 -16.92 3.84 12.53
CA PRO A 8 -15.94 3.06 11.77
C PRO A 8 -15.27 3.88 10.68
N ALA A 9 -14.09 3.44 10.25
CA ALA A 9 -13.35 4.14 9.20
C ALA A 9 -13.60 3.52 7.83
N LYS A 10 -13.89 4.35 6.85
CA LYS A 10 -14.16 3.88 5.49
C LYS A 10 -13.26 4.59 4.49
N PHE A 11 -12.72 3.81 3.55
CA PHE A 11 -11.84 4.37 2.53
C PHE A 11 -12.60 5.32 1.61
N THR A 12 -12.18 6.58 1.60
CA THR A 12 -12.83 7.59 0.78
C THR A 12 -12.22 7.62 -0.62
N GLU A 13 -10.99 7.15 -0.75
CA GLU A 13 -10.30 7.12 -2.03
C GLU A 13 -9.83 5.70 -2.36
N GLY A 14 -9.52 4.93 -1.32
CA GLY A 14 -9.05 3.57 -1.52
C GLY A 14 -7.77 3.51 -2.33
N LEU A 15 -7.15 2.34 -2.37
CA LEU A 15 -5.91 2.15 -3.12
C LEU A 15 -6.15 2.31 -4.62
N ARG A 16 -5.07 2.43 -5.38
CA ARG A 16 -5.16 2.59 -6.82
C ARG A 16 -4.03 1.84 -7.52
N ASN A 17 -4.33 1.27 -8.69
CA ASN A 17 -3.33 0.53 -9.45
C ASN A 17 -2.19 1.44 -9.89
N GLU A 18 -0.96 0.94 -9.80
CA GLU A 18 0.21 1.70 -10.18
C GLU A 18 1.35 0.78 -10.60
N GLU A 19 2.48 1.37 -10.97
CA GLU A 19 3.64 0.60 -11.40
C GLU A 19 4.94 1.24 -10.89
N ALA A 20 6.05 0.55 -11.10
CA ALA A 20 7.35 1.05 -10.67
C ALA A 20 8.48 0.26 -11.30
N VAL A 21 9.72 0.62 -10.97
CA VAL A 21 10.89 -0.06 -11.51
C VAL A 21 11.53 -0.96 -10.46
N GLU A 22 12.16 -2.03 -10.92
CA GLU A 22 12.81 -2.97 -10.02
C GLU A 22 13.83 -2.26 -9.13
N GLY A 23 13.84 -2.62 -7.86
CA GLY A 23 14.77 -2.00 -6.91
C GLY A 23 14.24 -0.70 -6.36
N ALA A 24 13.32 -0.07 -7.08
CA ALA A 24 12.74 1.19 -6.66
C ALA A 24 11.85 1.00 -5.43
N THR A 25 11.28 2.09 -4.94
CA THR A 25 10.41 2.04 -3.77
C THR A 25 8.98 2.45 -4.12
N ALA A 26 8.16 1.46 -4.47
CA ALA A 26 6.77 1.70 -4.83
C ALA A 26 6.11 2.66 -3.84
N MET A 27 5.08 3.36 -4.30
CA MET A 27 4.37 4.31 -3.45
C MET A 27 2.86 4.06 -3.52
N LEU A 28 2.32 3.51 -2.44
CA LEU A 28 0.89 3.22 -2.37
C LEU A 28 0.25 3.89 -1.16
N TRP A 29 -0.65 4.83 -1.41
CA TRP A 29 -1.33 5.55 -0.33
C TRP A 29 -2.84 5.33 -0.41
N CYS A 30 -3.52 5.61 0.69
CA CYS A 30 -4.97 5.45 0.75
C CYS A 30 -5.59 6.43 1.75
N GLU A 31 -6.83 6.84 1.49
CA GLU A 31 -7.53 7.77 2.36
C GLU A 31 -8.70 7.08 3.05
N LEU A 32 -9.05 7.58 4.24
CA LEU A 32 -10.15 7.02 5.00
C LEU A 32 -11.07 8.12 5.53
N SER A 33 -12.24 7.72 6.02
CA SER A 33 -13.21 8.68 6.55
C SER A 33 -12.71 9.30 7.85
N LYS A 34 -11.62 8.74 8.37
CA LYS A 34 -11.03 9.23 9.61
C LYS A 34 -9.68 8.58 9.88
N VAL A 35 -8.96 9.09 10.87
CA VAL A 35 -7.65 8.55 11.22
C VAL A 35 -7.79 7.26 12.02
N ALA A 36 -7.50 6.14 11.37
CA ALA A 36 -7.59 4.83 12.02
C ALA A 36 -6.41 3.95 11.63
N PRO A 37 -6.11 2.95 12.48
CA PRO A 37 -5.00 2.02 12.25
C PRO A 37 -5.28 1.07 11.08
N VAL A 38 -4.59 1.30 9.97
CA VAL A 38 -4.77 0.46 8.79
C VAL A 38 -3.87 -0.78 8.84
N GLU A 39 -4.11 -1.72 7.94
CA GLU A 39 -3.33 -2.95 7.89
C GLU A 39 -3.06 -3.36 6.45
N TRP A 40 -1.83 -3.18 6.01
CA TRP A 40 -1.43 -3.54 4.65
C TRP A 40 -1.14 -5.03 4.54
N ARG A 41 -1.64 -5.65 3.47
CA ARG A 41 -1.43 -7.07 3.25
C ARG A 41 -1.23 -7.38 1.77
N LYS A 42 -0.64 -8.53 1.48
CA LYS A 42 -0.38 -8.93 0.10
C LYS A 42 -0.90 -10.34 -0.15
N GLY A 43 -2.18 -10.45 -0.49
CA GLY A 43 -2.77 -11.75 -0.76
C GLY A 43 -2.63 -12.70 0.41
N PRO A 44 -1.99 -13.85 0.18
CA PRO A 44 -1.79 -14.87 1.21
C PRO A 44 -0.78 -14.42 2.27
N GLU A 45 0.13 -13.54 1.89
CA GLU A 45 1.14 -13.02 2.81
C GLU A 45 0.55 -11.95 3.71
N ASN A 46 1.33 -11.52 4.70
CA ASN A 46 0.89 -10.48 5.62
C ASN A 46 1.96 -9.40 5.79
N LEU A 47 1.60 -8.18 5.41
CA LEU A 47 2.54 -7.06 5.52
C LEU A 47 2.23 -6.21 6.74
N ARG A 48 3.21 -5.42 7.18
CA ARG A 48 3.04 -4.55 8.34
C ARG A 48 4.16 -3.52 8.42
N ASP A 49 4.03 -2.58 9.34
CA ASP A 49 5.03 -1.54 9.51
C ASP A 49 6.35 -2.12 10.02
N GLY A 50 7.34 -2.21 9.13
CA GLY A 50 8.63 -2.74 9.50
C GLY A 50 9.77 -2.10 8.74
N ASP A 51 10.96 -2.67 8.88
CA ASP A 51 12.14 -2.15 8.19
C ASP A 51 11.96 -2.21 6.68
N ARG A 52 11.76 -3.41 6.16
CA ARG A 52 11.58 -3.62 4.73
C ARG A 52 10.35 -2.86 4.23
N TYR A 53 9.28 -2.90 5.01
CA TYR A 53 8.03 -2.22 4.64
C TYR A 53 7.91 -0.89 5.39
N ILE A 54 8.14 0.20 4.67
CA ILE A 54 8.05 1.53 5.25
C ILE A 54 6.62 2.06 5.20
N LEU A 55 5.93 1.99 6.33
CA LEU A 55 4.54 2.46 6.41
C LEU A 55 4.47 3.78 7.17
N ARG A 56 3.44 4.56 6.87
CA ARG A 56 3.25 5.86 7.52
C ARG A 56 1.78 6.27 7.48
N GLN A 57 1.45 7.35 8.19
CA GLN A 57 0.09 7.85 8.24
C GLN A 57 0.06 9.36 8.41
N GLU A 58 -0.62 10.05 7.51
CA GLU A 58 -0.71 11.51 7.56
C GLU A 58 -2.17 11.96 7.51
N GLY A 59 -2.85 11.85 8.64
CA GLY A 59 -4.25 12.25 8.71
C GLY A 59 -5.11 11.53 7.68
N THR A 60 -6.01 10.69 8.16
CA THR A 60 -6.89 9.93 7.28
C THR A 60 -6.15 9.46 6.03
N ARG A 61 -4.83 9.33 6.15
CA ARG A 61 -4.01 8.89 5.02
C ARG A 61 -2.91 7.95 5.50
N CYS A 62 -2.59 6.95 4.67
CA CYS A 62 -1.56 5.98 5.00
C CYS A 62 -0.65 5.72 3.81
N GLU A 63 0.61 6.12 3.94
CA GLU A 63 1.58 5.93 2.86
C GLU A 63 2.39 4.65 3.07
N LEU A 64 2.46 3.82 2.03
CA LEU A 64 3.19 2.57 2.09
C LEU A 64 4.32 2.54 1.07
N GLN A 65 5.53 2.23 1.54
CA GLN A 65 6.69 2.17 0.66
C GLN A 65 7.37 0.81 0.75
N ILE A 66 7.31 0.06 -0.34
CA ILE A 66 7.92 -1.27 -0.38
C ILE A 66 9.40 -1.19 -0.75
N CYS A 67 10.25 -1.11 0.26
CA CYS A 67 11.69 -1.03 0.05
C CYS A 67 12.22 -2.30 -0.60
N GLY A 68 12.73 -2.17 -1.83
CA GLY A 68 13.26 -3.31 -2.54
C GLY A 68 12.23 -3.96 -3.44
N LEU A 69 11.87 -3.27 -4.52
CA LEU A 69 10.89 -3.79 -5.46
C LEU A 69 11.46 -4.94 -6.28
N ALA A 70 10.59 -5.75 -6.85
CA ALA A 70 11.01 -6.88 -7.66
C ALA A 70 9.81 -7.52 -8.37
N MET A 71 10.08 -8.19 -9.48
CA MET A 71 9.03 -8.86 -10.25
C MET A 71 8.00 -9.49 -9.33
N ALA A 72 8.47 -10.05 -8.22
CA ALA A 72 7.59 -10.69 -7.26
C ALA A 72 6.63 -9.68 -6.63
N ASP A 73 7.17 -8.55 -6.17
CA ASP A 73 6.37 -7.51 -5.57
C ASP A 73 5.09 -7.26 -6.37
N ALA A 74 5.21 -7.36 -7.70
CA ALA A 74 4.07 -7.14 -8.58
C ALA A 74 2.95 -8.13 -8.27
N GLY A 75 1.85 -7.63 -7.73
CA GLY A 75 0.72 -8.48 -7.40
C GLY A 75 -0.53 -7.69 -7.07
N GLU A 76 -1.17 -8.04 -5.96
CA GLU A 76 -2.40 -7.36 -5.54
C GLU A 76 -2.34 -7.02 -4.06
N TYR A 77 -2.06 -5.75 -3.76
CA TYR A 77 -1.98 -5.30 -2.37
C TYR A 77 -3.36 -4.93 -1.84
N LEU A 78 -3.57 -5.17 -0.55
CA LEU A 78 -4.85 -4.87 0.09
C LEU A 78 -4.64 -4.05 1.36
N CYS A 79 -5.46 -3.02 1.55
CA CYS A 79 -5.37 -2.17 2.73
C CYS A 79 -6.62 -2.28 3.58
N VAL A 80 -6.50 -3.01 4.69
CA VAL A 80 -7.62 -3.21 5.60
C VAL A 80 -7.60 -2.18 6.74
N CYS A 81 -8.73 -1.51 6.94
CA CYS A 81 -8.84 -0.50 7.97
C CYS A 81 -9.97 -0.84 8.95
N GLY A 82 -9.76 -1.89 9.75
CA GLY A 82 -10.77 -2.29 10.71
C GLY A 82 -11.82 -3.19 10.08
N GLN A 83 -12.91 -2.60 9.63
CA GLN A 83 -14.00 -3.35 9.02
C GLN A 83 -13.94 -3.25 7.50
N GLU A 84 -13.46 -2.11 7.01
CA GLU A 84 -13.37 -1.89 5.57
C GLU A 84 -12.00 -2.32 5.05
N ARG A 85 -11.87 -2.39 3.73
CA ARG A 85 -10.61 -2.79 3.10
C ARG A 85 -10.69 -2.64 1.59
N THR A 86 -9.55 -2.32 0.97
CA THR A 86 -9.49 -2.14 -0.47
C THR A 86 -8.31 -2.90 -1.07
N SER A 87 -8.33 -3.08 -2.39
CA SER A 87 -7.27 -3.79 -3.08
C SER A 87 -6.76 -2.99 -4.27
N ALA A 88 -5.53 -3.27 -4.68
CA ALA A 88 -4.93 -2.58 -5.82
C ALA A 88 -3.91 -3.46 -6.52
N THR A 89 -3.54 -3.07 -7.74
CA THR A 89 -2.57 -3.83 -8.53
C THR A 89 -1.30 -3.02 -8.77
N LEU A 90 -0.15 -3.66 -8.55
CA LEU A 90 1.13 -3.00 -8.74
C LEU A 90 1.93 -3.67 -9.85
N THR A 91 2.51 -2.87 -10.73
CA THR A 91 3.31 -3.39 -11.83
C THR A 91 4.79 -3.07 -11.66
N ILE A 92 5.63 -4.06 -11.87
CA ILE A 92 7.08 -3.90 -11.73
C ILE A 92 7.76 -3.87 -13.10
N ARG A 93 8.71 -2.94 -13.25
CA ARG A 93 9.44 -2.80 -14.50
C ARG A 93 10.86 -3.34 -14.36
N ALA A 94 11.16 -4.42 -15.09
CA ALA A 94 12.48 -5.03 -15.04
C ALA A 94 13.55 -4.03 -15.46
N LEU A 95 14.50 -3.78 -14.56
CA LEU A 95 15.58 -2.84 -14.83
C LEU A 95 16.26 -3.17 -16.16
N PRO A 96 16.85 -2.14 -16.79
CA PRO A 96 17.54 -2.29 -18.08
C PRO A 96 18.84 -3.07 -17.94
N SER A 97 19.61 -2.75 -16.92
CA SER A 97 20.89 -3.41 -16.68
C SER A 97 20.76 -4.92 -16.91
N GLY A 98 21.71 -5.48 -17.66
CA GLY A 98 21.68 -6.90 -17.94
C GLY A 98 23.03 -7.43 -18.37
N PRO A 99 23.05 -8.66 -18.91
CA PRO A 99 24.28 -9.30 -19.37
C PRO A 99 24.85 -8.64 -20.62
N SER A 100 23.98 -8.01 -21.40
CA SER A 100 24.41 -7.34 -22.62
C SER A 100 25.32 -6.17 -22.31
N SER A 101 26.14 -5.79 -23.29
CA SER A 101 27.08 -4.69 -23.13
C SER A 101 26.36 -3.34 -23.20
N GLY A 102 26.50 -2.54 -22.15
CA GLY A 102 25.86 -1.24 -22.12
C GLY A 102 24.35 -1.34 -22.22
N GLY A 1 -33.57 2.59 16.31
CA GLY A 1 -33.00 1.72 17.33
C GLY A 1 -31.99 2.44 18.20
N SER A 2 -30.73 2.43 17.78
CA SER A 2 -29.66 3.09 18.54
C SER A 2 -29.11 4.28 17.76
N SER A 3 -28.57 5.25 18.50
CA SER A 3 -28.01 6.45 17.88
C SER A 3 -26.84 6.09 16.97
N GLY A 4 -26.57 6.95 16.00
CA GLY A 4 -25.48 6.72 15.07
C GLY A 4 -24.87 8.01 14.54
N SER A 5 -23.65 8.29 14.94
CA SER A 5 -22.96 9.49 14.50
C SER A 5 -21.61 9.16 13.89
N SER A 6 -20.81 8.35 14.60
CA SER A 6 -19.49 7.96 14.12
C SER A 6 -19.37 6.44 14.09
N GLY A 7 -18.53 5.94 13.18
CA GLY A 7 -18.33 4.51 13.06
C GLY A 7 -16.90 4.14 12.76
N PRO A 8 -16.69 3.01 12.07
CA PRO A 8 -15.37 2.53 11.70
C PRO A 8 -14.72 3.40 10.63
N ALA A 9 -13.46 3.10 10.33
CA ALA A 9 -12.72 3.86 9.31
C ALA A 9 -13.10 3.40 7.91
N LYS A 10 -13.80 4.28 7.18
CA LYS A 10 -14.22 3.96 5.81
C LYS A 10 -13.20 4.48 4.80
N PHE A 11 -13.35 4.05 3.56
CA PHE A 11 -12.44 4.46 2.49
C PHE A 11 -13.11 5.48 1.59
N THR A 12 -12.56 6.69 1.55
CA THR A 12 -13.10 7.77 0.72
C THR A 12 -12.47 7.76 -0.66
N GLU A 13 -11.16 7.49 -0.72
CA GLU A 13 -10.45 7.46 -1.98
C GLU A 13 -10.13 6.03 -2.40
N GLY A 14 -9.56 5.27 -1.46
CA GLY A 14 -9.21 3.89 -1.75
C GLY A 14 -7.89 3.76 -2.50
N LEU A 15 -7.34 2.56 -2.52
CA LEU A 15 -6.08 2.31 -3.21
C LEU A 15 -6.24 2.50 -4.72
N ARG A 16 -5.11 2.56 -5.42
CA ARG A 16 -5.12 2.74 -6.86
C ARG A 16 -3.95 2.01 -7.52
N ASN A 17 -4.24 1.24 -8.56
CA ASN A 17 -3.21 0.49 -9.25
C ASN A 17 -2.12 1.42 -9.80
N GLU A 18 -0.87 1.02 -9.63
CA GLU A 18 0.26 1.82 -10.09
C GLU A 18 1.39 0.93 -10.60
N GLU A 19 2.44 1.56 -11.12
CA GLU A 19 3.59 0.81 -11.63
C GLU A 19 4.90 1.48 -11.21
N ALA A 20 6.00 0.75 -11.33
CA ALA A 20 7.31 1.27 -10.98
C ALA A 20 8.43 0.42 -11.59
N VAL A 21 9.67 0.78 -11.28
CA VAL A 21 10.81 0.05 -11.80
C VAL A 21 11.46 -0.81 -10.72
N GLU A 22 12.06 -1.92 -11.14
CA GLU A 22 12.71 -2.84 -10.21
C GLU A 22 13.69 -2.10 -9.31
N GLY A 23 13.79 -2.54 -8.06
CA GLY A 23 14.69 -1.90 -7.11
C GLY A 23 14.08 -0.65 -6.48
N ALA A 24 13.39 0.13 -7.30
CA ALA A 24 12.76 1.36 -6.82
C ALA A 24 11.85 1.08 -5.63
N THR A 25 11.25 2.13 -5.09
CA THR A 25 10.35 2.00 -3.94
C THR A 25 8.93 2.41 -4.32
N ALA A 26 8.05 1.42 -4.46
CA ALA A 26 6.66 1.67 -4.80
C ALA A 26 6.06 2.75 -3.92
N MET A 27 4.80 3.10 -4.18
CA MET A 27 4.11 4.12 -3.40
C MET A 27 2.61 3.89 -3.43
N LEU A 28 2.04 3.53 -2.28
CA LEU A 28 0.61 3.28 -2.17
C LEU A 28 0.00 4.10 -1.03
N TRP A 29 -0.98 4.94 -1.36
CA TRP A 29 -1.65 5.77 -0.36
C TRP A 29 -3.16 5.59 -0.42
N CYS A 30 -3.83 5.89 0.68
CA CYS A 30 -5.28 5.76 0.74
C CYS A 30 -5.85 6.59 1.90
N GLU A 31 -6.91 7.34 1.60
CA GLU A 31 -7.54 8.19 2.62
C GLU A 31 -8.67 7.42 3.33
N LEU A 32 -8.99 7.86 4.53
CA LEU A 32 -10.05 7.24 5.32
C LEU A 32 -10.92 8.27 6.00
N SER A 33 -12.17 7.91 6.27
CA SER A 33 -13.11 8.82 6.92
C SER A 33 -12.49 9.44 8.17
N LYS A 34 -11.59 8.70 8.81
CA LYS A 34 -10.92 9.19 10.00
C LYS A 34 -9.60 8.46 10.23
N VAL A 35 -8.74 9.03 11.06
CA VAL A 35 -7.45 8.43 11.36
C VAL A 35 -7.60 7.13 12.13
N ALA A 36 -7.06 6.05 11.59
CA ALA A 36 -7.13 4.74 12.22
C ALA A 36 -6.00 3.84 11.78
N PRO A 37 -5.68 2.83 12.60
CA PRO A 37 -4.60 1.88 12.31
C PRO A 37 -4.95 0.95 11.15
N VAL A 38 -4.34 1.20 10.00
CA VAL A 38 -4.58 0.38 8.81
C VAL A 38 -3.77 -0.90 8.86
N GLU A 39 -4.11 -1.85 7.99
CA GLU A 39 -3.42 -3.13 7.93
C GLU A 39 -3.14 -3.53 6.48
N TRP A 40 -1.88 -3.40 6.07
CA TRP A 40 -1.48 -3.75 4.71
C TRP A 40 -1.20 -5.23 4.59
N ARG A 41 -1.69 -5.84 3.52
CA ARG A 41 -1.48 -7.27 3.29
C ARG A 41 -1.31 -7.56 1.80
N LYS A 42 -0.64 -8.66 1.49
CA LYS A 42 -0.40 -9.06 0.12
C LYS A 42 -0.94 -10.45 -0.17
N GLY A 43 -2.23 -10.53 -0.47
CA GLY A 43 -2.86 -11.81 -0.75
C GLY A 43 -2.59 -12.84 0.34
N PRO A 44 -1.96 -13.96 -0.03
CA PRO A 44 -1.64 -15.03 0.91
C PRO A 44 -0.55 -14.63 1.90
N GLU A 45 0.02 -13.46 1.70
CA GLU A 45 1.07 -12.95 2.58
C GLU A 45 0.52 -11.94 3.57
N ASN A 46 1.31 -11.62 4.59
CA ASN A 46 0.90 -10.66 5.61
C ASN A 46 1.96 -9.58 5.82
N LEU A 47 1.66 -8.38 5.36
CA LEU A 47 2.60 -7.26 5.50
C LEU A 47 2.34 -6.49 6.79
N ARG A 48 3.29 -5.65 7.16
CA ARG A 48 3.17 -4.85 8.38
C ARG A 48 4.27 -3.80 8.46
N ASP A 49 4.16 -2.90 9.43
CA ASP A 49 5.15 -1.85 9.62
C ASP A 49 6.47 -2.43 10.12
N GLY A 50 7.53 -2.22 9.34
CA GLY A 50 8.84 -2.72 9.73
C GLY A 50 9.96 -2.09 8.93
N ASP A 51 11.12 -2.74 8.93
CA ASP A 51 12.28 -2.23 8.20
C ASP A 51 12.06 -2.33 6.68
N ARG A 52 11.97 -3.56 6.20
CA ARG A 52 11.77 -3.80 4.77
C ARG A 52 10.62 -2.95 4.23
N TYR A 53 9.52 -2.91 4.98
CA TYR A 53 8.35 -2.14 4.57
C TYR A 53 8.25 -0.85 5.38
N ILE A 54 8.43 0.28 4.70
CA ILE A 54 8.36 1.58 5.35
C ILE A 54 6.93 2.12 5.35
N LEU A 55 6.18 1.82 6.40
CA LEU A 55 4.80 2.28 6.51
C LEU A 55 4.73 3.63 7.23
N ARG A 56 3.88 4.51 6.73
CA ARG A 56 3.72 5.83 7.31
C ARG A 56 2.24 6.17 7.49
N GLN A 57 1.97 7.31 8.12
CA GLN A 57 0.61 7.76 8.36
C GLN A 57 0.58 9.16 8.96
N GLU A 58 0.13 10.13 8.16
CA GLU A 58 0.06 11.51 8.62
C GLU A 58 -1.39 11.96 8.76
N GLY A 59 -2.23 11.10 9.32
CA GLY A 59 -3.64 11.42 9.49
C GLY A 59 -4.54 10.41 8.83
N THR A 60 -5.57 10.91 8.15
CA THR A 60 -6.53 10.05 7.47
C THR A 60 -5.89 9.35 6.27
N ARG A 61 -4.86 9.98 5.72
CA ARG A 61 -4.16 9.42 4.56
C ARG A 61 -2.95 8.60 5.01
N CYS A 62 -2.78 7.43 4.41
CA CYS A 62 -1.68 6.54 4.75
C CYS A 62 -0.72 6.41 3.57
N GLU A 63 0.48 5.88 3.84
CA GLU A 63 1.48 5.70 2.80
C GLU A 63 2.31 4.44 3.05
N LEU A 64 2.39 3.58 2.06
CA LEU A 64 3.15 2.34 2.17
C LEU A 64 4.32 2.32 1.19
N GLN A 65 5.53 2.15 1.72
CA GLN A 65 6.72 2.10 0.88
C GLN A 65 7.39 0.73 0.95
N ILE A 66 7.50 0.08 -0.19
CA ILE A 66 8.13 -1.25 -0.26
C ILE A 66 9.57 -1.15 -0.72
N CYS A 67 10.49 -1.10 0.25
CA CYS A 67 11.91 -1.00 -0.05
C CYS A 67 12.41 -2.28 -0.70
N GLY A 68 12.88 -2.16 -1.94
CA GLY A 68 13.38 -3.32 -2.66
C GLY A 68 12.35 -3.93 -3.58
N LEU A 69 12.09 -3.25 -4.69
CA LEU A 69 11.10 -3.73 -5.66
C LEU A 69 11.68 -4.84 -6.53
N ALA A 70 10.81 -5.65 -7.11
CA ALA A 70 11.24 -6.75 -7.97
C ALA A 70 10.04 -7.43 -8.63
N MET A 71 10.28 -7.99 -9.82
CA MET A 71 9.22 -8.68 -10.55
C MET A 71 8.25 -9.37 -9.60
N ALA A 72 8.79 -9.93 -8.52
CA ALA A 72 7.98 -10.62 -7.53
C ALA A 72 7.04 -9.65 -6.82
N ASP A 73 7.59 -8.55 -6.33
CA ASP A 73 6.81 -7.54 -5.63
C ASP A 73 5.49 -7.27 -6.35
N ALA A 74 5.53 -7.34 -7.68
CA ALA A 74 4.35 -7.11 -8.49
C ALA A 74 3.27 -8.16 -8.22
N GLY A 75 2.16 -7.72 -7.65
CA GLY A 75 1.08 -8.64 -7.35
C GLY A 75 -0.23 -7.92 -7.07
N GLU A 76 -0.69 -8.01 -5.82
CA GLU A 76 -1.93 -7.37 -5.42
C GLU A 76 -1.95 -7.09 -3.92
N TYR A 77 -1.91 -5.82 -3.56
CA TYR A 77 -1.91 -5.42 -2.16
C TYR A 77 -3.32 -5.02 -1.71
N LEU A 78 -3.64 -5.31 -0.46
CA LEU A 78 -4.94 -4.98 0.10
C LEU A 78 -4.81 -4.19 1.40
N CYS A 79 -5.70 -3.22 1.59
CA CYS A 79 -5.68 -2.40 2.79
C CYS A 79 -6.93 -2.62 3.63
N VAL A 80 -6.76 -3.27 4.77
CA VAL A 80 -7.89 -3.55 5.66
C VAL A 80 -7.98 -2.51 6.76
N CYS A 81 -9.15 -1.86 6.85
CA CYS A 81 -9.37 -0.83 7.87
C CYS A 81 -10.83 -0.80 8.30
N GLY A 82 -11.07 -0.93 9.59
CA GLY A 82 -12.43 -0.91 10.11
C GLY A 82 -13.25 -2.10 9.61
N GLN A 83 -14.42 -1.81 9.06
CA GLN A 83 -15.30 -2.86 8.55
C GLN A 83 -15.27 -2.90 7.03
N GLU A 84 -14.24 -2.29 6.45
CA GLU A 84 -14.10 -2.26 4.99
C GLU A 84 -12.67 -2.60 4.58
N ARG A 85 -12.43 -2.64 3.27
CA ARG A 85 -11.11 -2.96 2.74
C ARG A 85 -11.08 -2.81 1.23
N THR A 86 -9.91 -2.44 0.70
CA THR A 86 -9.75 -2.26 -0.73
C THR A 86 -8.54 -3.03 -1.25
N SER A 87 -8.51 -3.25 -2.57
CA SER A 87 -7.41 -3.98 -3.19
C SER A 87 -6.89 -3.24 -4.41
N ALA A 88 -5.60 -3.42 -4.71
CA ALA A 88 -4.98 -2.77 -5.85
C ALA A 88 -3.96 -3.69 -6.52
N THR A 89 -3.50 -3.30 -7.70
CA THR A 89 -2.53 -4.10 -8.45
C THR A 89 -1.31 -3.26 -8.82
N LEU A 90 -0.15 -3.68 -8.31
CA LEU A 90 1.10 -2.97 -8.59
C LEU A 90 1.82 -3.59 -9.78
N THR A 91 2.57 -2.76 -10.50
CA THR A 91 3.32 -3.22 -11.66
C THR A 91 4.81 -2.89 -11.53
N ILE A 92 5.65 -3.84 -11.91
CA ILE A 92 7.10 -3.65 -11.83
C ILE A 92 7.72 -3.59 -13.23
N ARG A 93 8.75 -2.77 -13.38
CA ARG A 93 9.43 -2.62 -14.66
C ARG A 93 10.89 -3.06 -14.55
N ALA A 94 11.22 -4.16 -15.21
CA ALA A 94 12.59 -4.68 -15.19
C ALA A 94 13.61 -3.55 -15.25
N LEU A 95 14.56 -3.57 -14.33
CA LEU A 95 15.59 -2.54 -14.27
C LEU A 95 16.80 -2.94 -15.12
N PRO A 96 17.52 -1.93 -15.64
CA PRO A 96 18.71 -2.15 -16.47
C PRO A 96 19.88 -2.71 -15.68
N SER A 97 20.37 -3.87 -16.11
CA SER A 97 21.49 -4.51 -15.44
C SER A 97 22.52 -3.48 -14.98
N GLY A 98 23.24 -2.92 -15.95
CA GLY A 98 24.26 -1.92 -15.64
C GLY A 98 23.80 -0.95 -14.56
N PRO A 99 24.27 -1.16 -13.32
CA PRO A 99 23.92 -0.31 -12.19
C PRO A 99 24.53 1.08 -12.29
N SER A 100 23.70 2.11 -12.11
CA SER A 100 24.17 3.49 -12.19
C SER A 100 25.30 3.73 -11.20
N SER A 101 26.12 4.73 -11.50
CA SER A 101 27.25 5.08 -10.63
C SER A 101 26.84 5.05 -9.16
N GLY A 102 25.70 5.65 -8.86
CA GLY A 102 25.22 5.68 -7.50
C GLY A 102 25.43 4.36 -6.77
N GLY A 1 -28.65 -4.12 14.74
CA GLY A 1 -28.43 -2.83 14.09
C GLY A 1 -27.49 -1.94 14.89
N SER A 2 -26.84 -1.01 14.19
CA SER A 2 -25.91 -0.10 14.85
C SER A 2 -26.65 1.00 15.60
N SER A 3 -27.48 1.75 14.88
CA SER A 3 -28.25 2.83 15.48
C SER A 3 -27.40 3.61 16.48
N GLY A 4 -26.17 3.90 16.10
CA GLY A 4 -25.27 4.64 16.98
C GLY A 4 -24.87 5.98 16.40
N SER A 5 -24.06 6.72 17.15
CA SER A 5 -23.61 8.04 16.70
C SER A 5 -22.22 7.94 16.07
N SER A 6 -21.31 7.27 16.75
CA SER A 6 -19.95 7.10 16.26
C SER A 6 -19.92 6.22 15.00
N GLY A 7 -19.13 6.62 14.02
CA GLY A 7 -19.02 5.86 12.80
C GLY A 7 -17.62 5.34 12.54
N PRO A 8 -17.53 4.13 11.98
CA PRO A 8 -16.23 3.50 11.68
C PRO A 8 -15.50 4.19 10.54
N ALA A 9 -14.24 3.81 10.32
CA ALA A 9 -13.44 4.39 9.26
C ALA A 9 -13.65 3.67 7.94
N LYS A 10 -14.24 4.37 6.97
CA LYS A 10 -14.50 3.81 5.66
C LYS A 10 -13.64 4.46 4.59
N PHE A 11 -13.06 3.64 3.71
CA PHE A 11 -12.20 4.16 2.65
C PHE A 11 -12.98 5.09 1.72
N THR A 12 -12.48 6.30 1.56
CA THR A 12 -13.13 7.29 0.71
C THR A 12 -12.54 7.27 -0.70
N GLU A 13 -11.22 7.13 -0.79
CA GLU A 13 -10.54 7.10 -2.08
C GLU A 13 -10.21 5.66 -2.48
N GLY A 14 -9.70 4.89 -1.52
CA GLY A 14 -9.35 3.51 -1.80
C GLY A 14 -8.05 3.38 -2.56
N LEU A 15 -7.47 2.18 -2.56
CA LEU A 15 -6.22 1.93 -3.26
C LEU A 15 -6.39 2.09 -4.76
N ARG A 16 -5.27 2.09 -5.48
CA ARG A 16 -5.29 2.24 -6.93
C ARG A 16 -4.11 1.52 -7.57
N ASN A 17 -4.22 1.24 -8.87
CA ASN A 17 -3.15 0.56 -9.59
C ASN A 17 -2.07 1.54 -10.01
N GLU A 18 -0.81 1.10 -9.93
CA GLU A 18 0.32 1.94 -10.31
C GLU A 18 1.44 1.11 -10.89
N GLU A 19 2.46 1.78 -11.43
CA GLU A 19 3.60 1.09 -12.03
C GLU A 19 4.89 1.45 -11.29
N ALA A 20 5.91 0.61 -11.46
CA ALA A 20 7.20 0.83 -10.83
C ALA A 20 8.30 0.00 -11.48
N VAL A 21 9.53 0.22 -11.05
CA VAL A 21 10.67 -0.51 -11.60
C VAL A 21 11.32 -1.40 -10.55
N GLU A 22 11.87 -2.52 -11.00
CA GLU A 22 12.53 -3.46 -10.09
C GLU A 22 13.54 -2.74 -9.20
N GLY A 23 13.51 -3.05 -7.91
CA GLY A 23 14.43 -2.43 -6.98
C GLY A 23 13.87 -1.16 -6.37
N ALA A 24 13.20 -0.36 -7.20
CA ALA A 24 12.61 0.88 -6.74
C ALA A 24 11.76 0.68 -5.49
N THR A 25 11.22 1.76 -4.96
CA THR A 25 10.38 1.69 -3.77
C THR A 25 8.94 2.11 -4.08
N ALA A 26 8.10 1.13 -4.39
CA ALA A 26 6.70 1.40 -4.70
C ALA A 26 6.12 2.43 -3.74
N MET A 27 4.96 2.97 -4.10
CA MET A 27 4.29 3.97 -3.27
C MET A 27 2.77 3.81 -3.33
N LEU A 28 2.19 3.36 -2.22
CA LEU A 28 0.74 3.16 -2.15
C LEU A 28 0.15 3.91 -0.98
N TRP A 29 -0.90 4.69 -1.25
CA TRP A 29 -1.57 5.47 -0.21
C TRP A 29 -3.08 5.33 -0.32
N CYS A 30 -3.78 5.72 0.75
CA CYS A 30 -5.24 5.64 0.77
C CYS A 30 -5.81 6.49 1.90
N GLU A 31 -6.96 7.10 1.65
CA GLU A 31 -7.61 7.94 2.65
C GLU A 31 -8.75 7.19 3.34
N LEU A 32 -9.17 7.70 4.49
CA LEU A 32 -10.25 7.08 5.26
C LEU A 32 -11.13 8.13 5.91
N SER A 33 -12.40 7.79 6.12
CA SER A 33 -13.35 8.71 6.73
C SER A 33 -12.74 9.40 7.94
N LYS A 34 -11.87 8.67 8.64
CA LYS A 34 -11.21 9.21 9.82
C LYS A 34 -9.88 8.52 10.07
N VAL A 35 -9.02 9.15 10.87
CA VAL A 35 -7.71 8.59 11.19
C VAL A 35 -7.83 7.32 12.02
N ALA A 36 -7.49 6.19 11.41
CA ALA A 36 -7.56 4.91 12.11
C ALA A 36 -6.39 4.01 11.71
N PRO A 37 -6.10 3.01 12.56
CA PRO A 37 -5.00 2.07 12.33
C PRO A 37 -5.30 1.13 11.16
N VAL A 38 -4.50 1.24 10.10
CA VAL A 38 -4.67 0.40 8.92
C VAL A 38 -3.68 -0.75 8.92
N GLU A 39 -3.98 -1.80 8.16
CA GLU A 39 -3.10 -2.96 8.07
C GLU A 39 -2.91 -3.39 6.60
N TRP A 40 -1.74 -3.07 6.06
CA TRP A 40 -1.43 -3.42 4.68
C TRP A 40 -1.14 -4.90 4.54
N ARG A 41 -1.62 -5.50 3.45
CA ARG A 41 -1.41 -6.92 3.21
C ARG A 41 -1.21 -7.19 1.72
N LYS A 42 -0.73 -8.39 1.40
CA LYS A 42 -0.48 -8.78 0.01
C LYS A 42 -1.02 -10.17 -0.26
N GLY A 43 -2.32 -10.26 -0.54
CA GLY A 43 -2.94 -11.54 -0.83
C GLY A 43 -2.66 -12.56 0.25
N PRO A 44 -1.98 -13.65 -0.13
CA PRO A 44 -1.64 -14.74 0.80
C PRO A 44 -0.58 -14.31 1.82
N GLU A 45 0.13 -13.24 1.52
CA GLU A 45 1.17 -12.72 2.41
C GLU A 45 0.60 -11.68 3.37
N ASN A 46 1.45 -11.14 4.22
CA ASN A 46 1.04 -10.12 5.19
C ASN A 46 2.13 -9.08 5.40
N LEU A 47 1.75 -7.82 5.32
CA LEU A 47 2.71 -6.72 5.50
C LEU A 47 2.52 -6.05 6.86
N ARG A 48 3.45 -5.17 7.21
CA ARG A 48 3.38 -4.47 8.48
C ARG A 48 4.49 -3.42 8.58
N ASP A 49 4.20 -2.33 9.28
CA ASP A 49 5.16 -1.25 9.46
C ASP A 49 6.43 -1.76 10.12
N GLY A 50 7.52 -1.83 9.34
CA GLY A 50 8.78 -2.30 9.88
C GLY A 50 9.98 -1.74 9.11
N ASP A 51 11.01 -2.57 8.95
CA ASP A 51 12.21 -2.16 8.23
C ASP A 51 12.04 -2.35 6.74
N ARG A 52 11.84 -3.60 6.32
CA ARG A 52 11.68 -3.92 4.90
C ARG A 52 10.46 -3.19 4.33
N TYR A 53 9.60 -2.68 5.21
CA TYR A 53 8.41 -1.97 4.78
C TYR A 53 8.24 -0.67 5.57
N ILE A 54 8.50 0.45 4.91
CA ILE A 54 8.38 1.75 5.55
C ILE A 54 6.94 2.26 5.48
N LEU A 55 6.21 2.09 6.58
CA LEU A 55 4.82 2.53 6.65
C LEU A 55 4.72 3.89 7.34
N ARG A 56 3.81 4.72 6.85
CA ARG A 56 3.62 6.05 7.42
C ARG A 56 2.14 6.42 7.43
N GLN A 57 1.75 7.27 8.37
CA GLN A 57 0.36 7.71 8.49
C GLN A 57 0.28 9.13 9.03
N GLU A 58 -0.06 10.07 8.16
CA GLU A 58 -0.17 11.48 8.56
C GLU A 58 -1.63 11.86 8.80
N GLY A 59 -2.43 10.88 9.23
CA GLY A 59 -3.83 11.14 9.49
C GLY A 59 -4.74 10.18 8.74
N THR A 60 -5.78 10.71 8.12
CA THR A 60 -6.73 9.90 7.37
C THR A 60 -6.06 9.22 6.18
N ARG A 61 -4.98 9.82 5.71
CA ARG A 61 -4.25 9.28 4.57
C ARG A 61 -3.06 8.43 5.04
N CYS A 62 -2.88 7.28 4.41
CA CYS A 62 -1.78 6.39 4.76
C CYS A 62 -0.74 6.33 3.64
N GLU A 63 0.35 5.60 3.89
CA GLU A 63 1.41 5.46 2.90
C GLU A 63 2.27 4.23 3.20
N LEU A 64 2.42 3.38 2.19
CA LEU A 64 3.22 2.16 2.34
C LEU A 64 4.39 2.14 1.35
N GLN A 65 5.58 1.88 1.86
CA GLN A 65 6.77 1.83 1.03
C GLN A 65 7.42 0.44 1.07
N ILE A 66 7.69 -0.11 -0.10
CA ILE A 66 8.29 -1.43 -0.19
C ILE A 66 9.74 -1.33 -0.68
N CYS A 67 10.67 -1.27 0.26
CA CYS A 67 12.09 -1.18 -0.06
C CYS A 67 12.58 -2.45 -0.75
N GLY A 68 13.08 -2.30 -1.97
CA GLY A 68 13.57 -3.45 -2.71
C GLY A 68 12.47 -4.15 -3.51
N LEU A 69 12.05 -3.52 -4.59
CA LEU A 69 10.99 -4.09 -5.43
C LEU A 69 11.53 -5.26 -6.26
N ALA A 70 10.61 -6.03 -6.83
CA ALA A 70 10.99 -7.18 -7.65
C ALA A 70 9.78 -7.77 -8.35
N MET A 71 10.01 -8.42 -9.49
CA MET A 71 8.94 -9.04 -10.25
C MET A 71 7.86 -9.62 -9.32
N ALA A 72 8.31 -10.23 -8.23
CA ALA A 72 7.40 -10.82 -7.26
C ALA A 72 6.46 -9.77 -6.68
N ASP A 73 7.03 -8.65 -6.24
CA ASP A 73 6.25 -7.56 -5.67
C ASP A 73 5.00 -7.28 -6.50
N ALA A 74 5.16 -7.33 -7.82
CA ALA A 74 4.05 -7.09 -8.73
C ALA A 74 2.94 -8.10 -8.52
N GLY A 75 1.83 -7.63 -7.94
CA GLY A 75 0.70 -8.51 -7.69
C GLY A 75 -0.55 -7.76 -7.27
N GLU A 76 -0.95 -7.94 -6.02
CA GLU A 76 -2.14 -7.26 -5.50
C GLU A 76 -1.97 -6.92 -4.02
N TYR A 77 -2.03 -5.63 -3.70
CA TYR A 77 -1.89 -5.18 -2.33
C TYR A 77 -3.22 -4.70 -1.76
N LEU A 78 -3.56 -5.19 -0.57
CA LEU A 78 -4.81 -4.81 0.08
C LEU A 78 -4.55 -3.96 1.31
N CYS A 79 -5.40 -2.96 1.53
CA CYS A 79 -5.26 -2.07 2.68
C CYS A 79 -6.50 -2.12 3.56
N VAL A 80 -6.39 -2.79 4.70
CA VAL A 80 -7.50 -2.91 5.63
C VAL A 80 -7.51 -1.75 6.64
N CYS A 81 -8.70 -1.32 7.00
CA CYS A 81 -8.85 -0.22 7.96
C CYS A 81 -9.57 -0.68 9.22
N GLY A 82 -10.54 -1.57 9.05
CA GLY A 82 -11.30 -2.07 10.18
C GLY A 82 -12.54 -2.84 9.76
N GLN A 83 -13.57 -2.11 9.35
CA GLN A 83 -14.82 -2.73 8.92
C GLN A 83 -14.82 -2.97 7.41
N GLU A 84 -13.97 -2.23 6.70
CA GLU A 84 -13.88 -2.36 5.25
C GLU A 84 -12.43 -2.59 4.82
N ARG A 85 -12.23 -2.77 3.52
CA ARG A 85 -10.89 -2.99 2.98
C ARG A 85 -10.88 -2.81 1.46
N THR A 86 -9.74 -2.39 0.93
CA THR A 86 -9.60 -2.16 -0.49
C THR A 86 -8.36 -2.87 -1.04
N SER A 87 -8.29 -3.00 -2.36
CA SER A 87 -7.16 -3.65 -3.01
C SER A 87 -6.76 -2.92 -4.28
N ALA A 88 -5.56 -3.21 -4.77
CA ALA A 88 -5.06 -2.57 -5.98
C ALA A 88 -4.13 -3.51 -6.75
N THR A 89 -3.60 -3.03 -7.86
CA THR A 89 -2.70 -3.83 -8.69
C THR A 89 -1.42 -3.06 -9.02
N LEU A 90 -0.28 -3.60 -8.63
CA LEU A 90 1.00 -2.96 -8.89
C LEU A 90 1.72 -3.65 -10.05
N THR A 91 2.52 -2.87 -10.78
CA THR A 91 3.27 -3.40 -11.92
C THR A 91 4.76 -3.09 -11.79
N ILE A 92 5.59 -4.11 -11.95
CA ILE A 92 7.03 -3.93 -11.86
C ILE A 92 7.67 -3.98 -13.24
N ARG A 93 8.71 -3.16 -13.43
CA ARG A 93 9.42 -3.10 -14.70
C ARG A 93 10.87 -3.54 -14.54
N ALA A 94 11.19 -4.71 -15.08
CA ALA A 94 12.55 -5.25 -15.00
C ALA A 94 13.58 -4.17 -15.30
N LEU A 95 14.55 -4.01 -14.41
CA LEU A 95 15.60 -3.02 -14.58
C LEU A 95 16.38 -3.27 -15.86
N PRO A 96 16.94 -2.19 -16.43
CA PRO A 96 17.74 -2.27 -17.67
C PRO A 96 19.07 -2.98 -17.46
N SER A 97 19.80 -3.18 -18.56
CA SER A 97 21.09 -3.86 -18.49
C SER A 97 22.23 -2.86 -18.70
N GLY A 98 23.44 -3.27 -18.32
CA GLY A 98 24.59 -2.41 -18.47
C GLY A 98 25.90 -3.18 -18.38
N PRO A 99 26.32 -3.76 -19.52
CA PRO A 99 27.56 -4.52 -19.60
C PRO A 99 28.80 -3.65 -19.48
N SER A 100 29.46 -3.72 -18.33
CA SER A 100 30.66 -2.93 -18.08
C SER A 100 31.92 -3.70 -18.49
N SER A 101 33.00 -2.96 -18.75
CA SER A 101 34.26 -3.58 -19.14
C SER A 101 34.92 -4.27 -17.96
N GLY A 102 35.49 -5.45 -18.21
CA GLY A 102 36.15 -6.19 -17.15
C GLY A 102 37.36 -6.95 -17.65
N GLY A 1 -30.00 2.51 19.29
CA GLY A 1 -30.48 3.43 18.26
C GLY A 1 -29.41 3.77 17.25
N SER A 2 -29.73 4.68 16.34
CA SER A 2 -28.78 5.10 15.31
C SER A 2 -28.05 6.37 15.73
N SER A 3 -26.88 6.20 16.34
CA SER A 3 -26.09 7.33 16.78
C SER A 3 -25.86 8.33 15.66
N GLY A 4 -25.61 7.80 14.45
CA GLY A 4 -25.38 8.66 13.30
C GLY A 4 -24.38 8.07 12.34
N SER A 5 -23.58 8.94 11.72
CA SER A 5 -22.57 8.50 10.75
C SER A 5 -21.19 8.48 11.40
N SER A 6 -21.09 7.89 12.58
CA SER A 6 -19.83 7.81 13.30
C SER A 6 -19.58 6.39 13.79
N GLY A 7 -18.49 5.78 13.31
CA GLY A 7 -18.15 4.43 13.72
C GLY A 7 -16.79 4.00 13.21
N PRO A 8 -16.77 2.90 12.43
CA PRO A 8 -15.53 2.37 11.86
C PRO A 8 -14.94 3.27 10.79
N ALA A 9 -13.82 2.85 10.21
CA ALA A 9 -13.16 3.62 9.16
C ALA A 9 -13.53 3.10 7.78
N LYS A 10 -13.68 4.01 6.83
CA LYS A 10 -14.04 3.65 5.46
C LYS A 10 -12.99 4.15 4.47
N PHE A 11 -13.18 3.84 3.20
CA PHE A 11 -12.26 4.26 2.15
C PHE A 11 -12.93 5.23 1.19
N THR A 12 -12.57 6.50 1.31
CA THR A 12 -13.14 7.54 0.45
C THR A 12 -12.43 7.58 -0.90
N GLU A 13 -11.10 7.51 -0.87
CA GLU A 13 -10.30 7.54 -2.08
C GLU A 13 -9.99 6.13 -2.56
N GLY A 14 -9.72 5.24 -1.63
CA GLY A 14 -9.41 3.86 -1.98
C GLY A 14 -8.09 3.74 -2.73
N LEU A 15 -7.51 2.54 -2.70
CA LEU A 15 -6.24 2.30 -3.36
C LEU A 15 -6.38 2.44 -4.88
N ARG A 16 -5.27 2.36 -5.59
CA ARG A 16 -5.27 2.49 -7.04
C ARG A 16 -4.09 1.75 -7.65
N ASN A 17 -4.32 1.12 -8.80
CA ASN A 17 -3.28 0.36 -9.48
C ASN A 17 -2.15 1.29 -9.93
N GLU A 18 -0.91 0.90 -9.64
CA GLU A 18 0.25 1.69 -10.01
C GLU A 18 1.38 0.80 -10.53
N GLU A 19 2.45 1.43 -10.99
CA GLU A 19 3.60 0.70 -11.51
C GLU A 19 4.90 1.19 -10.88
N ALA A 20 5.99 0.49 -11.17
CA ALA A 20 7.30 0.86 -10.63
C ALA A 20 8.42 0.09 -11.33
N VAL A 21 9.65 0.36 -10.91
CA VAL A 21 10.81 -0.31 -11.49
C VAL A 21 11.52 -1.18 -10.46
N GLU A 22 11.97 -2.36 -10.88
CA GLU A 22 12.67 -3.27 -9.99
C GLU A 22 13.67 -2.53 -9.11
N GLY A 23 13.72 -2.90 -7.84
CA GLY A 23 14.63 -2.25 -6.91
C GLY A 23 14.07 -0.97 -6.34
N ALA A 24 13.34 -0.22 -7.16
CA ALA A 24 12.73 1.03 -6.73
C ALA A 24 11.84 0.82 -5.51
N THR A 25 11.22 1.90 -5.05
CA THR A 25 10.34 1.84 -3.90
C THR A 25 8.91 2.18 -4.27
N ALA A 26 8.05 1.17 -4.29
CA ALA A 26 6.65 1.36 -4.63
C ALA A 26 6.04 2.52 -3.84
N MET A 27 4.76 2.80 -4.09
CA MET A 27 4.07 3.88 -3.40
C MET A 27 2.57 3.65 -3.39
N LEU A 28 2.03 3.30 -2.23
CA LEU A 28 0.61 3.04 -2.09
C LEU A 28 0.00 3.87 -0.96
N TRP A 29 -0.87 4.81 -1.32
CA TRP A 29 -1.50 5.67 -0.34
C TRP A 29 -3.02 5.56 -0.42
N CYS A 30 -3.71 5.97 0.64
CA CYS A 30 -5.16 5.90 0.68
C CYS A 30 -5.71 6.75 1.83
N GLU A 31 -6.92 7.26 1.67
CA GLU A 31 -7.56 8.09 2.69
C GLU A 31 -8.68 7.33 3.38
N LEU A 32 -9.09 7.83 4.54
CA LEU A 32 -10.17 7.20 5.30
C LEU A 32 -11.07 8.25 5.94
N SER A 33 -12.35 7.92 6.09
CA SER A 33 -13.32 8.83 6.69
C SER A 33 -12.79 9.39 8.00
N LYS A 34 -11.83 8.69 8.59
CA LYS A 34 -11.24 9.12 9.86
C LYS A 34 -9.90 8.43 10.10
N VAL A 35 -9.09 9.01 10.99
CA VAL A 35 -7.78 8.45 11.30
C VAL A 35 -7.91 7.15 12.08
N ALA A 36 -7.46 6.06 11.49
CA ALA A 36 -7.52 4.75 12.14
C ALA A 36 -6.33 3.88 11.75
N PRO A 37 -5.99 2.91 12.61
CA PRO A 37 -4.88 2.00 12.38
C PRO A 37 -5.15 1.02 11.24
N VAL A 38 -4.51 1.25 10.10
CA VAL A 38 -4.70 0.38 8.94
C VAL A 38 -3.76 -0.81 8.99
N GLU A 39 -3.98 -1.78 8.10
CA GLU A 39 -3.15 -2.97 8.05
C GLU A 39 -2.98 -3.45 6.61
N TRP A 40 -1.80 -3.23 6.06
CA TRP A 40 -1.51 -3.65 4.68
C TRP A 40 -1.26 -5.15 4.61
N ARG A 41 -1.65 -5.76 3.49
CA ARG A 41 -1.46 -7.19 3.30
C ARG A 41 -1.33 -7.52 1.82
N LYS A 42 -0.77 -8.69 1.53
CA LYS A 42 -0.58 -9.13 0.14
C LYS A 42 -1.12 -10.55 -0.05
N GLY A 43 -2.39 -10.64 -0.44
CA GLY A 43 -3.00 -11.94 -0.66
C GLY A 43 -2.78 -12.89 0.51
N PRO A 44 -2.13 -14.02 0.24
CA PRO A 44 -1.85 -15.04 1.27
C PRO A 44 -0.82 -14.56 2.28
N GLU A 45 0.02 -13.62 1.87
CA GLU A 45 1.05 -13.07 2.75
C GLU A 45 0.48 -11.98 3.65
N ASN A 46 1.33 -11.44 4.51
CA ASN A 46 0.91 -10.39 5.44
C ASN A 46 2.01 -9.33 5.58
N LEU A 47 1.63 -8.07 5.41
CA LEU A 47 2.57 -6.96 5.53
C LEU A 47 2.31 -6.15 6.79
N ARG A 48 3.27 -5.31 7.16
CA ARG A 48 3.15 -4.48 8.35
C ARG A 48 4.29 -3.46 8.42
N ASP A 49 4.17 -2.51 9.34
CA ASP A 49 5.19 -1.48 9.52
C ASP A 49 6.48 -2.09 10.04
N GLY A 50 7.52 -2.06 9.21
CA GLY A 50 8.80 -2.60 9.61
C GLY A 50 9.96 -1.98 8.86
N ASP A 51 11.13 -2.61 8.93
CA ASP A 51 12.32 -2.11 8.25
C ASP A 51 12.12 -2.11 6.74
N ARG A 52 12.02 -3.31 6.17
CA ARG A 52 11.83 -3.47 4.73
C ARG A 52 10.59 -2.70 4.27
N TYR A 53 9.54 -2.75 5.07
CA TYR A 53 8.30 -2.06 4.74
C TYR A 53 8.17 -0.75 5.49
N ILE A 54 8.42 0.35 4.79
CA ILE A 54 8.33 1.68 5.39
C ILE A 54 6.91 2.21 5.34
N LEU A 55 6.20 2.10 6.47
CA LEU A 55 4.83 2.58 6.56
C LEU A 55 4.76 3.90 7.31
N ARG A 56 3.75 4.71 6.97
CA ARG A 56 3.58 6.01 7.62
C ARG A 56 2.10 6.39 7.66
N GLN A 57 1.77 7.34 8.53
CA GLN A 57 0.39 7.80 8.67
C GLN A 57 0.34 9.18 9.31
N GLU A 58 -0.04 10.18 8.51
CA GLU A 58 -0.13 11.55 9.01
C GLU A 58 -1.58 11.94 9.29
N GLY A 59 -2.42 10.93 9.53
CA GLY A 59 -3.82 11.18 9.80
C GLY A 59 -4.74 10.26 9.04
N THR A 60 -5.79 10.82 8.47
CA THR A 60 -6.75 10.03 7.70
C THR A 60 -6.09 9.35 6.50
N ARG A 61 -4.96 9.90 6.08
CA ARG A 61 -4.22 9.35 4.95
C ARG A 61 -3.08 8.46 5.42
N CYS A 62 -2.81 7.39 4.67
CA CYS A 62 -1.74 6.46 5.01
C CYS A 62 -0.79 6.26 3.83
N GLU A 63 0.48 6.06 4.14
CA GLU A 63 1.49 5.85 3.10
C GLU A 63 2.22 4.53 3.31
N LEU A 64 2.50 3.84 2.20
CA LEU A 64 3.19 2.57 2.25
C LEU A 64 4.34 2.52 1.25
N GLN A 65 5.53 2.13 1.72
CA GLN A 65 6.70 2.05 0.86
C GLN A 65 7.35 0.68 0.97
N ILE A 66 7.62 0.06 -0.18
CA ILE A 66 8.25 -1.25 -0.20
C ILE A 66 9.67 -1.16 -0.72
N CYS A 67 10.63 -1.13 0.20
CA CYS A 67 12.05 -1.05 -0.16
C CYS A 67 12.52 -2.37 -0.77
N GLY A 68 12.97 -2.30 -2.02
CA GLY A 68 13.44 -3.49 -2.70
C GLY A 68 12.38 -4.12 -3.57
N LEU A 69 11.98 -3.41 -4.62
CA LEU A 69 10.96 -3.91 -5.54
C LEU A 69 11.52 -5.05 -6.40
N ALA A 70 10.61 -5.85 -6.96
CA ALA A 70 11.01 -6.97 -7.81
C ALA A 70 9.80 -7.59 -8.48
N MET A 71 10.03 -8.22 -9.64
CA MET A 71 8.95 -8.86 -10.39
C MET A 71 7.93 -9.49 -9.44
N ALA A 72 8.43 -10.16 -8.40
CA ALA A 72 7.56 -10.81 -7.44
C ALA A 72 6.61 -9.81 -6.78
N ASP A 73 7.15 -8.67 -6.38
CA ASP A 73 6.35 -7.63 -5.75
C ASP A 73 5.08 -7.36 -6.55
N ALA A 74 5.21 -7.40 -7.87
CA ALA A 74 4.08 -7.16 -8.76
C ALA A 74 2.95 -8.15 -8.50
N GLY A 75 1.84 -7.65 -7.97
CA GLY A 75 0.71 -8.52 -7.68
C GLY A 75 -0.53 -7.73 -7.27
N GLU A 76 -1.06 -8.04 -6.09
CA GLU A 76 -2.26 -7.36 -5.60
C GLU A 76 -2.12 -7.05 -4.11
N TYR A 77 -2.04 -5.76 -3.79
CA TYR A 77 -1.90 -5.32 -2.41
C TYR A 77 -3.24 -4.87 -1.85
N LEU A 78 -3.52 -5.27 -0.61
CA LEU A 78 -4.77 -4.91 0.05
C LEU A 78 -4.51 -4.12 1.32
N CYS A 79 -5.37 -3.15 1.60
CA CYS A 79 -5.23 -2.33 2.79
C CYS A 79 -6.51 -2.36 3.64
N VAL A 80 -6.39 -2.93 4.83
CA VAL A 80 -7.54 -3.04 5.73
C VAL A 80 -7.54 -1.90 6.75
N CYS A 81 -8.70 -1.27 6.92
CA CYS A 81 -8.83 -0.16 7.86
C CYS A 81 -9.96 -0.43 8.84
N GLY A 82 -9.87 -1.54 9.56
CA GLY A 82 -10.90 -1.90 10.52
C GLY A 82 -11.74 -3.07 10.08
N GLN A 83 -12.73 -2.80 9.23
CA GLN A 83 -13.61 -3.85 8.73
C GLN A 83 -13.55 -3.94 7.21
N GLU A 84 -13.36 -2.79 6.57
CA GLU A 84 -13.29 -2.74 5.11
C GLU A 84 -11.85 -2.95 4.64
N ARG A 85 -11.66 -3.00 3.32
CA ARG A 85 -10.35 -3.19 2.74
C ARG A 85 -10.40 -3.08 1.22
N THR A 86 -9.44 -2.35 0.65
CA THR A 86 -9.38 -2.15 -0.79
C THR A 86 -8.15 -2.85 -1.38
N SER A 87 -8.33 -3.43 -2.57
CA SER A 87 -7.25 -4.13 -3.24
C SER A 87 -6.89 -3.43 -4.55
N ALA A 88 -5.60 -3.45 -4.89
CA ALA A 88 -5.12 -2.84 -6.11
C ALA A 88 -4.16 -3.75 -6.87
N THR A 89 -3.65 -3.27 -8.00
CA THR A 89 -2.73 -4.06 -8.81
C THR A 89 -1.45 -3.27 -9.10
N LEU A 90 -0.35 -3.69 -8.47
CA LEU A 90 0.93 -3.03 -8.67
C LEU A 90 1.66 -3.60 -9.87
N THR A 91 2.46 -2.76 -10.53
CA THR A 91 3.22 -3.18 -11.70
C THR A 91 4.71 -2.93 -11.51
N ILE A 92 5.52 -3.91 -11.90
CA ILE A 92 6.97 -3.80 -11.77
C ILE A 92 7.64 -3.74 -13.13
N ARG A 93 8.65 -2.89 -13.26
CA ARG A 93 9.38 -2.74 -14.51
C ARG A 93 10.80 -3.28 -14.39
N ALA A 94 11.08 -4.36 -15.09
CA ALA A 94 12.41 -4.97 -15.06
C ALA A 94 13.49 -3.94 -15.39
N LEU A 95 14.49 -3.85 -14.52
CA LEU A 95 15.59 -2.91 -14.71
C LEU A 95 16.36 -3.23 -15.99
N PRO A 96 17.00 -2.21 -16.57
CA PRO A 96 17.79 -2.36 -17.79
C PRO A 96 19.07 -3.16 -17.56
N SER A 97 19.28 -3.59 -16.33
CA SER A 97 20.47 -4.36 -15.97
C SER A 97 20.72 -5.46 -17.00
N GLY A 98 21.83 -5.34 -17.72
CA GLY A 98 22.17 -6.33 -18.72
C GLY A 98 23.68 -6.54 -18.86
N PRO A 99 24.35 -5.54 -19.44
CA PRO A 99 25.81 -5.58 -19.64
C PRO A 99 26.58 -5.48 -18.33
N SER A 100 25.85 -5.43 -17.22
CA SER A 100 26.46 -5.32 -15.90
C SER A 100 26.22 -6.59 -15.09
N SER A 101 27.21 -6.97 -14.30
CA SER A 101 27.11 -8.16 -13.46
C SER A 101 26.25 -7.90 -12.22
N GLY A 102 24.97 -8.25 -12.30
CA GLY A 102 24.08 -8.04 -11.18
C GLY A 102 22.92 -7.14 -11.53
N GLY A 1 -20.44 17.46 17.22
CA GLY A 1 -20.65 16.03 17.06
C GLY A 1 -21.74 15.71 16.06
N SER A 2 -21.52 16.07 14.80
CA SER A 2 -22.49 15.83 13.75
C SER A 2 -23.07 14.42 13.85
N SER A 3 -24.38 14.32 13.73
CA SER A 3 -25.06 13.03 13.83
C SER A 3 -25.07 12.33 12.47
N GLY A 4 -25.48 11.06 12.47
CA GLY A 4 -25.52 10.29 11.24
C GLY A 4 -24.35 9.32 11.12
N SER A 5 -24.02 8.96 9.88
CA SER A 5 -22.93 8.03 9.63
C SER A 5 -21.76 8.32 10.55
N SER A 6 -21.59 7.47 11.57
CA SER A 6 -20.50 7.64 12.53
C SER A 6 -20.01 6.28 13.04
N GLY A 7 -18.69 6.13 13.15
CA GLY A 7 -18.13 4.89 13.61
C GLY A 7 -16.72 4.66 13.09
N PRO A 8 -16.54 3.55 12.34
CA PRO A 8 -15.24 3.20 11.76
C PRO A 8 -14.82 4.15 10.65
N ALA A 9 -13.61 3.95 10.15
CA ALA A 9 -13.08 4.80 9.09
C ALA A 9 -13.35 4.18 7.71
N LYS A 10 -13.95 4.97 6.83
CA LYS A 10 -14.27 4.49 5.48
C LYS A 10 -13.30 5.10 4.46
N PHE A 11 -12.85 4.27 3.52
CA PHE A 11 -11.94 4.72 2.48
C PHE A 11 -12.62 5.71 1.54
N THR A 12 -12.17 6.96 1.59
CA THR A 12 -12.74 8.00 0.74
C THR A 12 -12.13 7.97 -0.66
N GLU A 13 -10.85 7.64 -0.74
CA GLU A 13 -10.15 7.58 -2.01
C GLU A 13 -9.87 6.12 -2.40
N GLY A 14 -9.42 5.34 -1.43
CA GLY A 14 -9.12 3.94 -1.69
C GLY A 14 -7.82 3.76 -2.43
N LEU A 15 -7.35 2.51 -2.50
CA LEU A 15 -6.11 2.21 -3.20
C LEU A 15 -6.27 2.40 -4.70
N ARG A 16 -5.14 2.44 -5.40
CA ARG A 16 -5.14 2.62 -6.85
C ARG A 16 -3.99 1.86 -7.50
N ASN A 17 -4.31 1.06 -8.52
CA ASN A 17 -3.30 0.28 -9.23
C ASN A 17 -2.24 1.19 -9.83
N GLU A 18 -0.97 0.88 -9.55
CA GLU A 18 0.14 1.67 -10.07
C GLU A 18 1.27 0.76 -10.55
N GLU A 19 2.33 1.38 -11.07
CA GLU A 19 3.48 0.63 -11.57
C GLU A 19 4.77 1.16 -10.96
N ALA A 20 5.89 0.54 -11.34
CA ALA A 20 7.20 0.96 -10.83
C ALA A 20 8.32 0.18 -11.52
N VAL A 21 9.56 0.55 -11.22
CA VAL A 21 10.72 -0.11 -11.81
C VAL A 21 11.46 -0.94 -10.76
N GLU A 22 11.98 -2.09 -11.19
CA GLU A 22 12.71 -2.98 -10.30
C GLU A 22 13.75 -2.21 -9.49
N GLY A 23 13.97 -2.63 -8.25
CA GLY A 23 14.94 -1.97 -7.40
C GLY A 23 14.38 -0.72 -6.74
N ALA A 24 13.48 -0.03 -7.43
CA ALA A 24 12.86 1.17 -6.90
C ALA A 24 11.96 0.86 -5.72
N THR A 25 11.27 1.88 -5.22
CA THR A 25 10.36 1.70 -4.09
C THR A 25 8.94 2.14 -4.45
N ALA A 26 8.05 1.16 -4.55
CA ALA A 26 6.65 1.45 -4.88
C ALA A 26 6.10 2.57 -4.01
N MET A 27 4.84 2.93 -4.26
CA MET A 27 4.19 4.00 -3.50
C MET A 27 2.68 3.82 -3.50
N LEU A 28 2.13 3.38 -2.37
CA LEU A 28 0.70 3.16 -2.25
C LEU A 28 0.13 3.96 -1.08
N TRP A 29 -0.90 4.75 -1.35
CA TRP A 29 -1.54 5.57 -0.32
C TRP A 29 -3.06 5.47 -0.40
N CYS A 30 -3.74 5.91 0.65
CA CYS A 30 -5.19 5.87 0.69
C CYS A 30 -5.73 6.81 1.77
N GLU A 31 -6.84 7.47 1.46
CA GLU A 31 -7.46 8.40 2.40
C GLU A 31 -8.80 7.88 2.88
N LEU A 32 -8.99 7.85 4.19
CA LEU A 32 -10.23 7.38 4.79
C LEU A 32 -11.05 8.54 5.35
N SER A 33 -12.21 8.21 5.91
CA SER A 33 -13.08 9.23 6.48
C SER A 33 -12.56 9.69 7.84
N LYS A 34 -11.59 8.97 8.37
CA LYS A 34 -10.99 9.31 9.66
C LYS A 34 -9.72 8.51 9.90
N VAL A 35 -8.76 9.12 10.58
CA VAL A 35 -7.49 8.46 10.88
C VAL A 35 -7.71 7.18 11.67
N ALA A 36 -7.59 6.04 10.99
CA ALA A 36 -7.78 4.75 11.63
C ALA A 36 -6.62 3.81 11.33
N PRO A 37 -6.39 2.84 12.22
CA PRO A 37 -5.30 1.87 12.08
C PRO A 37 -5.55 0.89 10.92
N VAL A 38 -4.79 1.07 9.84
CA VAL A 38 -4.93 0.21 8.67
C VAL A 38 -3.94 -0.95 8.74
N GLU A 39 -4.11 -1.92 7.83
CA GLU A 39 -3.23 -3.08 7.78
C GLU A 39 -2.97 -3.50 6.34
N TRP A 40 -1.76 -3.22 5.87
CA TRP A 40 -1.38 -3.58 4.51
C TRP A 40 -1.05 -5.06 4.39
N ARG A 41 -1.52 -5.69 3.31
CA ARG A 41 -1.29 -7.11 3.09
C ARG A 41 -1.15 -7.41 1.60
N LYS A 42 -0.59 -8.58 1.29
CA LYS A 42 -0.40 -8.99 -0.10
C LYS A 42 -0.88 -10.42 -0.32
N GLY A 43 -2.15 -10.55 -0.68
CA GLY A 43 -2.71 -11.87 -0.91
C GLY A 43 -2.45 -12.83 0.23
N PRO A 44 -1.73 -13.92 -0.07
CA PRO A 44 -1.38 -14.94 0.92
C PRO A 44 -0.37 -14.44 1.94
N GLU A 45 0.43 -13.45 1.54
CA GLU A 45 1.44 -12.88 2.42
C GLU A 45 0.83 -11.88 3.39
N ASN A 46 1.63 -11.41 4.33
CA ASN A 46 1.15 -10.43 5.32
C ASN A 46 2.21 -9.36 5.57
N LEU A 47 1.91 -8.14 5.14
CA LEU A 47 2.83 -7.02 5.32
C LEU A 47 2.57 -6.31 6.64
N ARG A 48 3.50 -5.44 7.03
CA ARG A 48 3.37 -4.69 8.27
C ARG A 48 4.49 -3.67 8.41
N ASP A 49 4.30 -2.71 9.31
CA ASP A 49 5.30 -1.68 9.54
C ASP A 49 6.62 -2.28 10.01
N GLY A 50 7.59 -2.35 9.10
CA GLY A 50 8.88 -2.91 9.45
C GLY A 50 10.03 -2.18 8.77
N ASP A 51 11.24 -2.71 8.93
CA ASP A 51 12.42 -2.10 8.33
C ASP A 51 12.25 -1.95 6.82
N ARG A 52 12.19 -3.08 6.13
CA ARG A 52 12.03 -3.08 4.68
C ARG A 52 10.75 -2.37 4.27
N TYR A 53 9.67 -2.63 5.01
CA TYR A 53 8.38 -2.02 4.73
C TYR A 53 8.20 -0.73 5.53
N ILE A 54 8.41 0.40 4.85
CA ILE A 54 8.26 1.70 5.49
C ILE A 54 6.82 2.19 5.43
N LEU A 55 6.10 2.03 6.54
CA LEU A 55 4.71 2.46 6.61
C LEU A 55 4.58 3.77 7.39
N ARG A 56 3.65 4.62 6.95
CA ARG A 56 3.43 5.91 7.60
C ARG A 56 1.95 6.27 7.58
N GLN A 57 1.56 7.18 8.47
CA GLN A 57 0.18 7.62 8.55
C GLN A 57 0.07 9.00 9.21
N GLU A 58 -0.31 9.99 8.43
CA GLU A 58 -0.43 11.36 8.93
C GLU A 58 -1.91 11.75 9.08
N GLY A 59 -2.72 10.80 9.54
CA GLY A 59 -4.14 11.06 9.71
C GLY A 59 -5.00 10.10 8.93
N THR A 60 -5.96 10.64 8.20
CA THR A 60 -6.87 9.83 7.39
C THR A 60 -6.15 9.23 6.19
N ARG A 61 -4.99 9.78 5.87
CA ARG A 61 -4.21 9.30 4.74
C ARG A 61 -3.07 8.40 5.22
N CYS A 62 -2.81 7.33 4.46
CA CYS A 62 -1.74 6.40 4.80
C CYS A 62 -0.74 6.27 3.65
N GLU A 63 0.49 5.93 4.00
CA GLU A 63 1.55 5.78 3.00
C GLU A 63 2.32 4.48 3.22
N LEU A 64 2.52 3.74 2.13
CA LEU A 64 3.25 2.47 2.20
C LEU A 64 4.39 2.44 1.20
N GLN A 65 5.59 2.16 1.68
CA GLN A 65 6.77 2.10 0.82
C GLN A 65 7.43 0.73 0.89
N ILE A 66 7.55 0.07 -0.26
CA ILE A 66 8.16 -1.25 -0.33
C ILE A 66 9.61 -1.15 -0.80
N CYS A 67 10.53 -1.12 0.16
CA CYS A 67 11.95 -1.04 -0.16
C CYS A 67 12.43 -2.31 -0.84
N GLY A 68 13.00 -2.16 -2.04
CA GLY A 68 13.49 -3.30 -2.79
C GLY A 68 12.41 -3.93 -3.66
N LEU A 69 12.16 -3.31 -4.80
CA LEU A 69 11.15 -3.81 -5.73
C LEU A 69 11.71 -4.92 -6.60
N ALA A 70 10.83 -5.72 -7.19
CA ALA A 70 11.23 -6.81 -8.05
C ALA A 70 10.02 -7.49 -8.70
N MET A 71 10.26 -8.16 -9.82
CA MET A 71 9.19 -8.85 -10.54
C MET A 71 8.21 -9.49 -9.56
N ALA A 72 8.72 -9.95 -8.43
CA ALA A 72 7.89 -10.58 -7.41
C ALA A 72 6.88 -9.58 -6.83
N ASP A 73 7.40 -8.42 -6.43
CA ASP A 73 6.55 -7.38 -5.85
C ASP A 73 5.26 -7.21 -6.66
N ALA A 74 5.39 -7.28 -7.99
CA ALA A 74 4.24 -7.12 -8.87
C ALA A 74 3.13 -8.09 -8.49
N GLY A 75 2.05 -7.55 -7.94
CA GLY A 75 0.93 -8.37 -7.53
C GLY A 75 -0.28 -7.55 -7.14
N GLU A 76 -1.03 -8.04 -6.14
CA GLU A 76 -2.21 -7.34 -5.66
C GLU A 76 -2.11 -7.05 -4.17
N TYR A 77 -2.10 -5.76 -3.83
CA TYR A 77 -2.00 -5.35 -2.44
C TYR A 77 -3.37 -4.99 -1.87
N LEU A 78 -3.54 -5.16 -0.57
CA LEU A 78 -4.80 -4.86 0.09
C LEU A 78 -4.57 -4.08 1.38
N CYS A 79 -5.44 -3.12 1.65
CA CYS A 79 -5.34 -2.31 2.86
C CYS A 79 -6.58 -2.45 3.73
N VAL A 80 -6.46 -3.24 4.80
CA VAL A 80 -7.58 -3.47 5.71
C VAL A 80 -7.54 -2.47 6.86
N CYS A 81 -8.66 -1.80 7.08
CA CYS A 81 -8.77 -0.82 8.16
C CYS A 81 -9.89 -1.18 9.12
N GLY A 82 -9.65 -2.21 9.92
CA GLY A 82 -10.66 -2.66 10.88
C GLY A 82 -11.68 -3.58 10.26
N GLN A 83 -12.79 -3.01 9.81
CA GLN A 83 -13.86 -3.78 9.19
C GLN A 83 -13.83 -3.64 7.67
N GLU A 84 -13.39 -2.48 7.21
CA GLU A 84 -13.32 -2.22 5.77
C GLU A 84 -11.94 -2.54 5.22
N ARG A 85 -11.82 -2.55 3.90
CA ARG A 85 -10.55 -2.86 3.25
C ARG A 85 -10.65 -2.67 1.74
N THR A 86 -9.50 -2.52 1.08
CA THR A 86 -9.47 -2.34 -0.36
C THR A 86 -8.37 -3.18 -1.00
N SER A 87 -8.31 -3.15 -2.32
CA SER A 87 -7.31 -3.92 -3.06
C SER A 87 -6.82 -3.16 -4.28
N ALA A 88 -5.58 -3.41 -4.69
CA ALA A 88 -5.00 -2.75 -5.85
C ALA A 88 -4.06 -3.68 -6.60
N THR A 89 -3.48 -3.18 -7.69
CA THR A 89 -2.56 -3.97 -8.50
C THR A 89 -1.30 -3.19 -8.83
N LEU A 90 -0.16 -3.68 -8.36
CA LEU A 90 1.12 -3.03 -8.59
C LEU A 90 1.82 -3.64 -9.81
N THR A 91 2.52 -2.79 -10.56
CA THR A 91 3.25 -3.25 -11.74
C THR A 91 4.73 -2.94 -11.63
N ILE A 92 5.56 -3.93 -11.95
CA ILE A 92 7.01 -3.76 -11.89
C ILE A 92 7.62 -3.72 -13.29
N ARG A 93 8.60 -2.85 -13.47
CA ARG A 93 9.27 -2.71 -14.76
C ARG A 93 10.69 -3.23 -14.69
N ALA A 94 10.97 -4.33 -15.40
CA ALA A 94 12.29 -4.93 -15.41
C ALA A 94 13.34 -3.92 -15.88
N LEU A 95 14.31 -3.65 -15.01
CA LEU A 95 15.37 -2.71 -15.32
C LEU A 95 16.15 -3.15 -16.55
N PRO A 96 16.62 -2.18 -17.35
CA PRO A 96 17.39 -2.45 -18.56
C PRO A 96 18.78 -3.00 -18.26
N SER A 97 18.90 -4.32 -18.30
CA SER A 97 20.17 -4.98 -18.02
C SER A 97 20.81 -5.48 -19.30
N GLY A 98 22.02 -5.01 -19.58
CA GLY A 98 22.73 -5.43 -20.78
C GLY A 98 22.50 -4.49 -21.95
N PRO A 99 23.25 -4.69 -23.03
CA PRO A 99 23.14 -3.86 -24.24
C PRO A 99 21.82 -4.07 -24.98
N SER A 100 21.06 -3.00 -25.14
CA SER A 100 19.77 -3.08 -25.83
C SER A 100 19.42 -1.73 -26.45
N SER A 101 19.12 -1.74 -27.74
CA SER A 101 18.77 -0.53 -28.46
C SER A 101 17.25 -0.29 -28.43
N GLY A 102 16.86 0.90 -28.01
CA GLY A 102 15.44 1.23 -27.93
C GLY A 102 15.20 2.63 -27.41
#